data_1WYT
#
_entry.id   1WYT
#
_cell.length_a   89.554
_cell.length_b   89.554
_cell.length_c   371.052
_cell.angle_alpha   90.00
_cell.angle_beta   90.00
_cell.angle_gamma   120.00
#
_symmetry.space_group_name_H-M   'P 32 2 1'
#
loop_
_entity.id
_entity.type
_entity.pdbx_description
1 polymer 'glycine dehydrogenase (decarboxylating) subunit 1'
2 polymer 'glycine dehydrogenase subunit 2 (P-protein)'
3 water water
#
loop_
_entity_poly.entity_id
_entity_poly.type
_entity_poly.pdbx_seq_one_letter_code
_entity_poly.pdbx_strand_id
1 'polypeptide(L)'
;MDYTPHTEEEIREMLRRVGAASLEDLFAHLPKEILSPPIDLPEPLPEWKVLEELRRLAAQNLPAHKAFLGGGVRSHHVPP
VVQALAARGEFLTAYTPYQPEVSQGVLQATFEYQTMIAELAGLEIANASMYDGATALAEGVLLALRETGRMGVLVSQGVH
PEYRAVLRAYLEAVGAKLLTLPLEGGRTPLPEVGEEVGAVVVQNPNFLGALEDLGPFAEAAHGAGALFVAVADPLSLGVL
KPPGAYGADIAVGDGQSLGLPMGFGGPHFGFLATKKAFVRQLPGRLVSETVDVEGRRGFILTLQAREQYIRRAKAKSNIT
TNAQLTALMGAMYLAALGPEGLREVALKSVEMAHKLHALLLEVPGVRPFTPKPFFNEFALALPKDPEAVRRALAERGFHG
ATPVPREYGENLALFAATELHEEEDLLALREALKEVLA
;
A,C
2 'polypeptide(L)'
;MSFPLIFERSRKGRRGLKLVKAVPKAEDLIPKEHLREVPPRLPEVDELTLVRHYTGLSRRQVGVDTTFYPLGSCTMKYNP
KLHEEAARLFADLHPYQDPRTAQGALRLMWELGEYLKALTGMDAITLEPAAGAHGELTGILIIRAYHEDRGEGRTRRVVL
VPDSAHGSNPATASMAGYQVREIPSGPEGEVDLEALKRELGPHVAALMLTNPNTLGLFERRILEISRLCKEAGVQLYYDG
ANLNAIMGWARPGDMGFDVVHLNLHKTFTVPHGGGGPGSGPVGVKAHLAPYLPVPLVERGEEGFYLDFDRPKSIGRVRSF
YGNFLALVRAWAYIRTLGLEGLKKAAALAVLNARYLKELLKEKGYRVPYDGPSMHEFVAQPPEGFRALDLAKGLLELGFH
PPTVYFPLIVKEALMVEPTETEAKETLEAFAEAMGALLKKPKEWLENAPYSTPVRRLDELRANKHPKLTYFDEG
;
B,D
#
# COMPACT_ATOMS: atom_id res chain seq x y z
N MET A 1 0.24 -23.12 7.36
CA MET A 1 1.32 -22.64 6.45
C MET A 1 2.34 -21.84 7.25
N ASP A 2 3.55 -21.67 6.71
CA ASP A 2 4.58 -20.92 7.41
C ASP A 2 5.44 -20.04 6.50
N TYR A 3 6.31 -19.24 7.12
CA TYR A 3 7.15 -18.30 6.39
C TYR A 3 8.62 -18.65 6.28
N THR A 4 9.01 -19.82 6.78
CA THR A 4 10.42 -20.20 6.73
C THR A 4 10.85 -20.60 5.31
N PRO A 5 12.09 -20.27 4.92
CA PRO A 5 12.59 -20.62 3.59
C PRO A 5 13.32 -21.95 3.52
N HIS A 6 13.68 -22.48 4.68
CA HIS A 6 14.45 -23.73 4.76
C HIS A 6 13.91 -24.94 4.01
N THR A 7 14.74 -25.49 3.13
CA THR A 7 14.37 -26.70 2.40
C THR A 7 14.93 -27.80 3.30
N GLU A 8 14.39 -29.00 3.16
CA GLU A 8 14.83 -30.10 3.99
C GLU A 8 16.31 -30.39 3.87
N GLU A 9 16.86 -30.24 2.67
CA GLU A 9 18.29 -30.47 2.47
C GLU A 9 19.09 -29.43 3.26
N GLU A 10 18.66 -28.17 3.19
CA GLU A 10 19.34 -27.11 3.92
C GLU A 10 19.24 -27.34 5.43
N ILE A 11 18.09 -27.82 5.87
CA ILE A 11 17.89 -28.10 7.28
C ILE A 11 18.81 -29.23 7.73
N ARG A 12 19.07 -30.17 6.83
CA ARG A 12 19.95 -31.31 7.14
C ARG A 12 21.38 -30.84 7.29
N GLU A 13 21.87 -30.09 6.31
CA GLU A 13 23.24 -29.58 6.33
C GLU A 13 23.47 -28.75 7.58
N MET A 14 22.51 -27.86 7.88
CA MET A 14 22.64 -27.00 9.05
C MET A 14 22.65 -27.77 10.36
N LEU A 15 21.79 -28.79 10.48
CA LEU A 15 21.76 -29.59 11.69
C LEU A 15 23.09 -30.30 11.88
N ARG A 16 23.59 -30.88 10.79
CA ARG A 16 24.86 -31.59 10.82
C ARG A 16 25.95 -30.60 11.20
N ARG A 17 25.84 -29.39 10.68
CA ARG A 17 26.83 -28.36 10.95
C ARG A 17 26.90 -27.88 12.42
N VAL A 18 25.78 -27.95 13.14
CA VAL A 18 25.77 -27.54 14.55
C VAL A 18 25.80 -28.75 15.49
N GLY A 19 25.99 -29.94 14.90
CA GLY A 19 26.07 -31.15 15.70
C GLY A 19 24.75 -31.63 16.27
N ALA A 20 23.64 -31.38 15.57
CA ALA A 20 22.34 -31.82 16.04
C ALA A 20 21.80 -32.94 15.16
N ALA A 21 21.09 -33.88 15.79
CA ALA A 21 20.53 -35.03 15.09
C ALA A 21 19.18 -34.71 14.46
N SER A 22 18.53 -33.66 14.94
CA SER A 22 17.23 -33.28 14.42
C SER A 22 16.75 -32.00 15.10
N LEU A 23 15.65 -31.46 14.60
CA LEU A 23 15.09 -30.24 15.17
C LEU A 23 14.79 -30.46 16.65
N GLU A 24 14.29 -31.64 16.99
CA GLU A 24 13.96 -31.94 18.38
C GLU A 24 15.24 -31.98 19.21
N ASP A 25 16.33 -32.39 18.57
CA ASP A 25 17.61 -32.50 19.24
C ASP A 25 18.14 -31.13 19.67
N LEU A 26 17.64 -30.08 19.02
CA LEU A 26 18.06 -28.73 19.36
C LEU A 26 17.60 -28.37 20.77
N PHE A 27 16.54 -29.03 21.23
CA PHE A 27 16.01 -28.76 22.57
C PHE A 27 16.30 -29.88 23.56
N ALA A 28 17.25 -30.76 23.24
CA ALA A 28 17.58 -31.89 24.10
C ALA A 28 18.12 -31.54 25.48
N HIS A 29 18.69 -30.35 25.63
CA HIS A 29 19.24 -29.95 26.93
C HIS A 29 18.18 -29.34 27.84
N LEU A 30 16.99 -29.06 27.29
CA LEU A 30 15.91 -28.52 28.11
C LEU A 30 15.35 -29.67 28.96
N PRO A 31 14.62 -29.35 30.03
CA PRO A 31 14.08 -30.44 30.84
C PRO A 31 13.01 -31.23 30.06
N LYS A 32 13.30 -32.51 29.83
CA LYS A 32 12.43 -33.41 29.10
C LYS A 32 10.97 -33.48 29.58
N GLU A 33 10.77 -33.47 30.89
CA GLU A 33 9.43 -33.57 31.45
C GLU A 33 8.42 -32.50 31.02
N ILE A 34 8.88 -31.40 30.45
CA ILE A 34 7.95 -30.37 30.02
C ILE A 34 8.06 -30.02 28.53
N LEU A 35 8.81 -30.83 27.78
CA LEU A 35 9.00 -30.56 26.36
C LEU A 35 7.82 -31.00 25.50
N SER A 36 7.56 -30.23 24.45
CA SER A 36 6.48 -30.53 23.51
C SER A 36 5.15 -30.88 24.18
N PRO A 37 4.56 -29.93 24.92
CA PRO A 37 3.28 -30.24 25.56
C PRO A 37 2.17 -30.23 24.51
N PRO A 38 1.05 -30.93 24.76
CA PRO A 38 -0.07 -30.99 23.83
C PRO A 38 -0.89 -29.69 23.82
N ILE A 39 -0.33 -28.64 23.23
CA ILE A 39 -1.04 -27.37 23.16
C ILE A 39 -2.22 -27.43 22.19
N ASP A 40 -3.34 -26.83 22.57
CA ASP A 40 -4.52 -26.83 21.74
C ASP A 40 -4.73 -25.48 21.06
N LEU A 41 -4.66 -25.49 19.74
CA LEU A 41 -4.82 -24.31 18.91
C LEU A 41 -5.55 -24.80 17.66
N PRO A 42 -6.29 -23.93 16.97
CA PRO A 42 -6.96 -24.44 15.77
C PRO A 42 -5.94 -24.85 14.70
N GLU A 43 -6.29 -25.85 13.91
CA GLU A 43 -5.40 -26.33 12.85
C GLU A 43 -5.02 -25.17 11.93
N PRO A 44 -3.78 -25.20 11.39
CA PRO A 44 -3.31 -24.13 10.49
C PRO A 44 -4.21 -23.93 9.26
N LEU A 45 -4.19 -22.72 8.72
CA LEU A 45 -5.00 -22.39 7.55
C LEU A 45 -4.25 -21.60 6.50
N PRO A 46 -4.61 -21.80 5.22
CA PRO A 46 -3.94 -21.06 4.15
C PRO A 46 -4.36 -19.59 4.30
N GLU A 47 -3.52 -18.67 3.83
CA GLU A 47 -3.84 -17.26 3.96
C GLU A 47 -5.24 -16.86 3.49
N TRP A 48 -5.68 -17.36 2.34
CA TRP A 48 -7.01 -16.98 1.85
C TRP A 48 -8.10 -17.38 2.84
N LYS A 49 -7.96 -18.54 3.47
CA LYS A 49 -8.94 -19.01 4.43
C LYS A 49 -8.94 -18.12 5.67
N VAL A 50 -7.76 -17.62 6.05
CA VAL A 50 -7.64 -16.73 7.21
C VAL A 50 -8.35 -15.40 6.94
N LEU A 51 -8.29 -14.94 5.70
CA LEU A 51 -8.95 -13.68 5.32
C LEU A 51 -10.46 -13.86 5.32
N GLU A 52 -10.92 -15.03 4.88
CA GLU A 52 -12.35 -15.31 4.84
C GLU A 52 -12.90 -15.27 6.25
N GLU A 53 -12.16 -15.87 7.18
CA GLU A 53 -12.56 -15.92 8.57
C GLU A 53 -12.51 -14.51 9.16
N LEU A 54 -11.51 -13.73 8.78
CA LEU A 54 -11.44 -12.37 9.29
C LEU A 54 -12.61 -11.56 8.78
N ARG A 55 -12.94 -11.71 7.49
CA ARG A 55 -14.04 -10.99 6.89
C ARG A 55 -15.38 -11.38 7.51
N ARG A 56 -15.51 -12.65 7.87
CA ARG A 56 -16.74 -13.12 8.49
C ARG A 56 -16.93 -12.48 9.87
N LEU A 57 -15.83 -12.26 10.60
CA LEU A 57 -15.89 -11.64 11.91
C LEU A 57 -16.23 -10.15 11.77
N ALA A 58 -15.72 -9.54 10.70
CA ALA A 58 -15.95 -8.12 10.43
C ALA A 58 -17.40 -7.91 10.03
N ALA A 59 -17.97 -8.93 9.39
CA ALA A 59 -19.35 -8.89 8.94
C ALA A 59 -20.31 -8.94 10.12
N GLN A 60 -19.81 -9.39 11.27
CA GLN A 60 -20.63 -9.46 12.48
C GLN A 60 -20.81 -8.06 13.04
N ASN A 61 -19.94 -7.12 12.65
CA ASN A 61 -20.02 -5.77 13.18
C ASN A 61 -20.77 -4.78 12.31
N LEU A 62 -21.20 -3.68 12.92
CA LEU A 62 -21.88 -2.61 12.20
C LEU A 62 -20.80 -1.56 12.13
N PRO A 63 -20.28 -1.28 10.94
CA PRO A 63 -19.21 -0.26 10.83
C PRO A 63 -19.59 1.09 11.44
N ALA A 64 -18.62 1.74 12.06
CA ALA A 64 -18.84 3.02 12.71
C ALA A 64 -18.36 4.20 11.88
N HIS A 65 -18.19 3.99 10.58
CA HIS A 65 -17.74 5.08 9.73
C HIS A 65 -18.84 6.13 9.77
N LYS A 66 -18.45 7.38 10.04
CA LYS A 66 -19.38 8.51 10.12
C LYS A 66 -20.22 8.48 11.41
N ALA A 67 -19.74 7.73 12.39
CA ALA A 67 -20.43 7.62 13.67
C ALA A 67 -20.49 8.98 14.36
N PHE A 68 -21.38 9.09 15.34
CA PHE A 68 -21.57 10.32 16.11
C PHE A 68 -21.03 10.13 17.53
N LEU A 69 -20.34 9.02 17.74
CA LEU A 69 -19.75 8.70 19.04
C LEU A 69 -18.50 9.55 19.23
N GLY A 70 -18.23 9.94 20.47
CA GLY A 70 -17.05 10.73 20.76
C GLY A 70 -16.37 10.27 22.03
N GLY A 71 -15.70 11.18 22.72
CA GLY A 71 -15.03 10.83 23.96
C GLY A 71 -13.64 10.27 23.78
N GLY A 72 -12.79 10.99 23.04
CA GLY A 72 -11.42 10.53 22.83
C GLY A 72 -11.16 9.97 21.45
N VAL A 73 -12.20 9.45 20.82
CA VAL A 73 -12.08 8.86 19.49
C VAL A 73 -13.25 9.39 18.67
N ARG A 74 -12.98 9.74 17.42
CA ARG A 74 -14.02 10.25 16.53
C ARG A 74 -13.78 9.76 15.12
N SER A 75 -14.84 9.70 14.32
CA SER A 75 -14.73 9.25 12.94
C SER A 75 -14.37 10.39 11.99
N HIS A 76 -13.08 10.62 11.83
CA HIS A 76 -12.58 11.66 10.94
C HIS A 76 -12.15 10.99 9.64
N HIS A 77 -11.94 11.80 8.61
CA HIS A 77 -11.51 11.24 7.34
C HIS A 77 -10.06 10.79 7.48
N VAL A 78 -9.79 9.55 7.08
CA VAL A 78 -8.46 8.96 7.10
C VAL A 78 -7.94 9.10 5.66
N PRO A 79 -7.16 10.15 5.40
CA PRO A 79 -6.62 10.39 4.05
C PRO A 79 -5.81 9.24 3.47
N PRO A 80 -6.26 8.67 2.34
CA PRO A 80 -5.54 7.55 1.72
C PRO A 80 -4.07 7.83 1.39
N VAL A 81 -3.72 9.08 1.14
CA VAL A 81 -2.34 9.42 0.82
C VAL A 81 -1.43 9.21 2.03
N VAL A 82 -1.98 9.43 3.23
CA VAL A 82 -1.21 9.25 4.46
C VAL A 82 -1.03 7.76 4.72
N GLN A 83 -2.10 7.00 4.53
CA GLN A 83 -2.04 5.57 4.77
C GLN A 83 -1.19 4.87 3.72
N ALA A 84 -1.16 5.40 2.51
CA ALA A 84 -0.36 4.78 1.47
C ALA A 84 1.10 4.98 1.84
N LEU A 85 1.44 6.19 2.28
CA LEU A 85 2.81 6.53 2.65
C LEU A 85 3.31 5.84 3.91
N ALA A 86 2.44 5.67 4.91
CA ALA A 86 2.87 5.00 6.14
C ALA A 86 2.92 3.48 5.91
N ALA A 87 2.43 3.04 4.76
CA ALA A 87 2.43 1.62 4.43
C ALA A 87 3.73 1.21 3.75
N ARG A 88 4.56 2.18 3.38
CA ARG A 88 5.85 1.90 2.76
C ARG A 88 6.61 0.95 3.69
N GLY A 89 7.12 -0.15 3.15
CA GLY A 89 7.84 -1.13 3.95
C GLY A 89 8.97 -0.59 4.80
N GLU A 90 9.71 0.39 4.29
CA GLU A 90 10.82 0.97 5.03
C GLU A 90 10.41 1.64 6.33
N PHE A 91 9.16 2.12 6.42
CA PHE A 91 8.71 2.75 7.64
C PHE A 91 8.02 1.71 8.52
N LEU A 92 7.23 0.87 7.89
CA LEU A 92 6.49 -0.18 8.58
C LEU A 92 7.35 -1.22 9.28
N THR A 93 8.45 -1.62 8.63
CA THR A 93 9.29 -2.68 9.18
C THR A 93 10.63 -2.33 9.81
N ALA A 94 10.97 -1.04 9.88
CA ALA A 94 12.22 -0.65 10.50
C ALA A 94 12.08 -0.70 12.02
N TYR A 95 13.18 -0.60 12.75
CA TYR A 95 13.06 -0.56 14.20
C TYR A 95 13.71 0.72 14.68
N THR A 96 13.73 0.89 15.99
CA THR A 96 14.34 2.06 16.60
C THR A 96 15.66 2.34 15.90
N PRO A 97 15.80 3.57 15.38
CA PRO A 97 17.00 4.01 14.67
C PRO A 97 18.27 4.18 15.51
N TYR A 98 18.86 3.06 15.93
CA TYR A 98 20.09 3.08 16.72
C TYR A 98 21.31 3.25 15.81
N GLN A 99 21.16 2.95 14.53
CA GLN A 99 22.23 3.10 13.54
C GLN A 99 21.75 4.24 12.66
N PRO A 100 22.01 5.49 13.09
CA PRO A 100 21.60 6.69 12.37
C PRO A 100 21.92 6.83 10.89
N GLU A 101 23.06 6.28 10.46
CA GLU A 101 23.47 6.41 9.07
C GLU A 101 22.57 5.74 8.03
N VAL A 102 21.79 4.74 8.43
CA VAL A 102 20.89 4.07 7.49
C VAL A 102 19.46 4.26 7.96
N SER A 103 19.27 5.18 8.90
CA SER A 103 17.94 5.47 9.45
C SER A 103 17.57 6.95 9.35
N GLN A 104 18.12 7.66 8.37
CA GLN A 104 17.82 9.08 8.25
C GLN A 104 16.36 9.38 7.88
N GLY A 105 15.70 8.42 7.24
CA GLY A 105 14.30 8.61 6.88
C GLY A 105 13.51 8.69 8.16
N VAL A 106 13.66 7.70 9.03
CA VAL A 106 12.96 7.70 10.30
C VAL A 106 13.40 8.84 11.22
N LEU A 107 14.70 9.05 11.36
CA LEU A 107 15.20 10.10 12.24
C LEU A 107 14.74 11.49 11.82
N GLN A 108 14.71 11.77 10.51
CA GLN A 108 14.28 13.09 10.05
C GLN A 108 12.79 13.29 10.26
N ALA A 109 12.00 12.29 9.91
CA ALA A 109 10.56 12.39 10.07
C ALA A 109 10.25 12.67 11.55
N THR A 110 10.97 11.99 12.43
CA THR A 110 10.76 12.17 13.86
C THR A 110 11.09 13.60 14.27
N PHE A 111 12.12 14.17 13.65
CA PHE A 111 12.53 15.54 13.95
C PHE A 111 11.39 16.46 13.52
N GLU A 112 10.89 16.25 12.31
CA GLU A 112 9.78 17.04 11.77
C GLU A 112 8.54 16.85 12.64
N TYR A 113 8.36 15.64 13.19
CA TYR A 113 7.23 15.34 14.05
C TYR A 113 7.30 16.17 15.34
N GLN A 114 8.48 16.21 15.96
CA GLN A 114 8.68 16.96 17.18
C GLN A 114 8.41 18.44 17.00
N THR A 115 8.85 19.02 15.88
CA THR A 115 8.63 20.45 15.67
C THR A 115 7.18 20.78 15.41
N MET A 116 6.48 19.91 14.68
CA MET A 116 5.06 20.13 14.41
C MET A 116 4.28 20.05 15.72
N ILE A 117 4.65 19.11 16.58
CA ILE A 117 3.97 18.95 17.86
C ILE A 117 4.20 20.16 18.75
N ALA A 118 5.46 20.59 18.84
CA ALA A 118 5.79 21.75 19.66
C ALA A 118 5.07 23.01 19.16
N GLU A 119 4.82 23.08 17.86
CA GLU A 119 4.13 24.25 17.29
C GLU A 119 2.66 24.22 17.62
N LEU A 120 2.06 23.05 17.46
CA LEU A 120 0.64 22.86 17.74
C LEU A 120 0.36 23.19 19.20
N ALA A 121 1.31 22.87 20.07
CA ALA A 121 1.19 23.13 21.51
C ALA A 121 1.64 24.55 21.90
N GLY A 122 2.38 25.20 21.02
CA GLY A 122 2.89 26.54 21.32
C GLY A 122 4.02 26.45 22.33
N LEU A 123 4.70 25.32 22.33
CA LEU A 123 5.79 25.12 23.26
C LEU A 123 7.10 24.99 22.49
N GLU A 124 8.21 24.84 23.22
CA GLU A 124 9.54 24.78 22.65
C GLU A 124 10.06 23.43 22.15
N ILE A 125 9.73 22.35 22.85
CA ILE A 125 10.20 21.03 22.46
C ILE A 125 9.13 19.97 22.68
N ALA A 126 9.39 18.77 22.13
CA ALA A 126 8.50 17.63 22.25
C ALA A 126 9.30 16.36 22.00
N ASN A 127 8.89 15.25 22.62
CA ASN A 127 9.59 13.99 22.39
C ASN A 127 9.01 13.30 21.16
N ALA A 128 9.52 12.12 20.85
CA ALA A 128 9.11 11.36 19.67
C ALA A 128 7.77 10.62 19.78
N SER A 129 6.96 10.96 20.79
CA SER A 129 5.63 10.38 21.03
C SER A 129 5.54 9.33 22.14
N MET A 130 4.36 9.22 22.73
CA MET A 130 4.08 8.27 23.80
C MET A 130 3.10 7.26 23.22
N TYR A 131 2.76 6.22 23.98
CA TYR A 131 1.83 5.21 23.48
C TYR A 131 0.47 5.81 23.14
N ASP A 132 -0.10 6.57 24.07
CA ASP A 132 -1.38 7.22 23.82
C ASP A 132 -1.53 8.47 24.67
N GLY A 133 -2.71 9.09 24.63
CA GLY A 133 -2.93 10.30 25.42
C GLY A 133 -2.86 10.06 26.93
N ALA A 134 -3.46 8.97 27.39
CA ALA A 134 -3.47 8.66 28.81
C ALA A 134 -2.05 8.43 29.35
N THR A 135 -1.26 7.61 28.67
CA THR A 135 0.08 7.36 29.16
C THR A 135 0.92 8.64 29.04
N ALA A 136 0.59 9.47 28.06
CA ALA A 136 1.31 10.73 27.88
C ALA A 136 1.06 11.65 29.08
N LEU A 137 -0.18 11.65 29.56
CA LEU A 137 -0.57 12.46 30.71
C LEU A 137 0.18 11.97 31.95
N ALA A 138 0.13 10.66 32.18
CA ALA A 138 0.81 10.07 33.31
C ALA A 138 2.28 10.47 33.31
N GLU A 139 2.94 10.31 32.16
CA GLU A 139 4.35 10.66 32.04
C GLU A 139 4.58 12.16 32.23
N GLY A 140 3.72 12.98 31.63
CA GLY A 140 3.87 14.42 31.76
C GLY A 140 3.75 14.84 33.22
N VAL A 141 2.81 14.24 33.93
CA VAL A 141 2.61 14.55 35.34
C VAL A 141 3.85 14.18 36.16
N LEU A 142 4.40 13.00 35.88
CA LEU A 142 5.58 12.52 36.59
C LEU A 142 6.75 13.46 36.32
N LEU A 143 6.78 14.02 35.13
CA LEU A 143 7.85 14.94 34.75
C LEU A 143 7.77 16.13 35.72
N ALA A 144 6.56 16.63 35.90
CA ALA A 144 6.30 17.76 36.79
C ALA A 144 6.72 17.46 38.22
N LEU A 145 6.24 16.33 38.75
CA LEU A 145 6.54 15.94 40.11
C LEU A 145 8.05 15.83 40.30
N ARG A 146 8.72 15.40 39.26
CA ARG A 146 10.17 15.24 39.28
C ARG A 146 10.84 16.60 39.27
N GLU A 147 10.31 17.49 38.45
CA GLU A 147 10.86 18.83 38.32
C GLU A 147 10.68 19.68 39.58
N THR A 148 9.53 19.58 40.22
CA THR A 148 9.26 20.36 41.44
C THR A 148 9.69 19.61 42.70
N GLY A 149 9.89 18.30 42.59
CA GLY A 149 10.29 17.51 43.74
C GLY A 149 9.12 17.24 44.68
N ARG A 150 7.91 17.45 44.18
CA ARG A 150 6.69 17.24 44.97
C ARG A 150 5.97 15.96 44.55
N MET A 151 4.95 15.58 45.31
CA MET A 151 4.19 14.36 45.02
C MET A 151 2.68 14.56 45.03
N GLY A 152 2.23 15.81 45.04
CA GLY A 152 0.79 16.08 45.05
C GLY A 152 0.30 16.48 43.68
N VAL A 153 -0.87 15.99 43.30
CA VAL A 153 -1.43 16.29 41.99
C VAL A 153 -2.91 16.65 42.03
N LEU A 154 -3.24 17.76 41.37
CA LEU A 154 -4.62 18.23 41.26
C LEU A 154 -5.02 18.07 39.81
N VAL A 155 -6.09 17.32 39.56
CA VAL A 155 -6.56 17.10 38.20
C VAL A 155 -8.03 17.41 38.11
N SER A 156 -8.41 18.09 37.04
CA SER A 156 -9.81 18.44 36.82
C SER A 156 -10.60 17.21 36.38
N GLN A 157 -11.81 17.07 36.91
CA GLN A 157 -12.65 15.93 36.54
C GLN A 157 -13.00 16.06 35.06
N GLY A 158 -12.75 17.23 34.48
CA GLY A 158 -13.02 17.46 33.07
C GLY A 158 -12.03 16.68 32.19
N VAL A 159 -10.99 16.14 32.81
CA VAL A 159 -10.00 15.36 32.08
C VAL A 159 -10.62 14.00 31.82
N HIS A 160 -10.44 13.50 30.60
CA HIS A 160 -10.99 12.21 30.22
C HIS A 160 -10.89 11.22 31.37
N PRO A 161 -12.02 10.60 31.76
CA PRO A 161 -12.10 9.62 32.85
C PRO A 161 -11.11 8.47 32.74
N GLU A 162 -10.86 7.99 31.54
CA GLU A 162 -9.91 6.90 31.38
C GLU A 162 -8.50 7.44 31.59
N TYR A 163 -8.25 8.67 31.16
CA TYR A 163 -6.96 9.30 31.34
C TYR A 163 -6.67 9.42 32.84
N ARG A 164 -7.70 9.81 33.60
CA ARG A 164 -7.54 9.95 35.05
C ARG A 164 -7.30 8.60 35.71
N ALA A 165 -7.82 7.54 35.09
CA ALA A 165 -7.65 6.19 35.61
C ALA A 165 -6.22 5.72 35.37
N VAL A 166 -5.70 5.97 34.17
CA VAL A 166 -4.34 5.59 33.85
C VAL A 166 -3.39 6.41 34.73
N LEU A 167 -3.76 7.66 34.96
CA LEU A 167 -2.97 8.54 35.79
C LEU A 167 -2.94 8.03 37.24
N ARG A 168 -4.10 7.67 37.78
CA ARG A 168 -4.18 7.16 39.15
C ARG A 168 -3.27 5.94 39.30
N ALA A 169 -3.28 5.08 38.30
CA ALA A 169 -2.47 3.87 38.34
C ALA A 169 -0.98 4.17 38.38
N TYR A 170 -0.55 5.18 37.63
CA TYR A 170 0.87 5.54 37.61
C TYR A 170 1.25 6.23 38.92
N LEU A 171 0.39 7.13 39.38
CA LEU A 171 0.64 7.85 40.63
C LEU A 171 0.69 6.88 41.79
N GLU A 172 -0.20 5.90 41.76
CA GLU A 172 -0.26 4.88 42.80
C GLU A 172 1.01 4.04 42.76
N ALA A 173 1.57 3.87 41.56
CA ALA A 173 2.78 3.09 41.35
C ALA A 173 4.02 3.75 41.95
N VAL A 174 4.14 5.06 41.79
CA VAL A 174 5.30 5.79 42.29
C VAL A 174 5.09 6.38 43.70
N GLY A 175 3.88 6.18 44.25
CA GLY A 175 3.57 6.67 45.58
C GLY A 175 3.21 8.15 45.69
N ALA A 176 2.46 8.67 44.73
CA ALA A 176 2.04 10.07 44.73
C ALA A 176 0.55 10.17 45.08
N LYS A 177 0.09 11.37 45.42
CA LYS A 177 -1.32 11.59 45.78
C LYS A 177 -2.08 12.29 44.65
N LEU A 178 -3.32 11.90 44.45
CA LEU A 178 -4.14 12.51 43.41
C LEU A 178 -5.45 13.04 43.96
N LEU A 179 -5.70 14.33 43.74
CA LEU A 179 -6.94 14.94 44.17
C LEU A 179 -7.70 15.35 42.91
N THR A 180 -8.98 15.00 42.86
CA THR A 180 -9.80 15.31 41.71
C THR A 180 -10.70 16.51 41.98
N LEU A 181 -10.64 17.49 41.10
CA LEU A 181 -11.47 18.69 41.24
C LEU A 181 -12.78 18.44 40.53
N PRO A 182 -13.86 18.28 41.28
CA PRO A 182 -15.13 18.04 40.60
C PRO A 182 -15.56 19.21 39.74
N LEU A 183 -16.26 18.87 38.68
CA LEU A 183 -16.76 19.81 37.70
C LEU A 183 -18.12 20.34 38.18
N GLU A 184 -18.34 21.63 38.05
CA GLU A 184 -19.63 22.20 38.42
C GLU A 184 -20.10 23.03 37.23
N GLY A 185 -21.33 22.77 36.79
CA GLY A 185 -21.85 23.49 35.64
C GLY A 185 -21.10 23.14 34.36
N GLY A 186 -20.43 21.99 34.36
CA GLY A 186 -19.70 21.55 33.18
C GLY A 186 -18.29 22.10 33.02
N ARG A 187 -17.84 22.91 33.96
CA ARG A 187 -16.48 23.47 33.91
C ARG A 187 -15.78 23.24 35.23
N THR A 188 -14.48 23.48 35.26
CA THR A 188 -13.74 23.29 36.49
C THR A 188 -13.39 24.63 37.13
N PRO A 189 -13.85 24.84 38.36
CA PRO A 189 -13.60 26.08 39.10
C PRO A 189 -12.14 26.23 39.48
N LEU A 190 -11.66 27.46 39.54
CA LEU A 190 -10.27 27.73 39.89
C LEU A 190 -10.03 27.20 41.29
N PRO A 191 -9.04 26.33 41.45
CA PRO A 191 -8.74 25.77 42.77
C PRO A 191 -7.71 26.59 43.54
N GLU A 192 -7.58 26.28 44.83
CA GLU A 192 -6.60 26.94 45.68
C GLU A 192 -5.53 25.87 45.82
N VAL A 193 -4.39 26.13 45.19
CA VAL A 193 -3.29 25.19 45.18
C VAL A 193 -2.33 25.30 46.35
N GLY A 194 -2.13 24.19 47.05
CA GLY A 194 -1.22 24.16 48.19
C GLY A 194 0.20 23.92 47.72
N GLU A 195 1.18 24.12 48.59
CA GLU A 195 2.58 23.92 48.20
C GLU A 195 2.99 22.46 48.11
N GLU A 196 2.08 21.55 48.45
CA GLU A 196 2.37 20.12 48.38
C GLU A 196 2.08 19.65 46.95
N VAL A 197 1.41 20.51 46.19
CA VAL A 197 1.04 20.21 44.81
C VAL A 197 2.14 20.54 43.82
N GLY A 198 2.56 19.52 43.06
CA GLY A 198 3.59 19.72 42.07
C GLY A 198 3.00 19.84 40.68
N ALA A 199 1.74 19.43 40.52
CA ALA A 199 1.11 19.50 39.20
C ALA A 199 -0.41 19.68 39.22
N VAL A 200 -0.88 20.61 38.41
CA VAL A 200 -2.30 20.88 38.25
C VAL A 200 -2.63 20.49 36.82
N VAL A 201 -3.69 19.70 36.64
CA VAL A 201 -4.05 19.19 35.33
C VAL A 201 -5.46 19.54 34.89
N VAL A 202 -5.59 20.13 33.70
CA VAL A 202 -6.88 20.51 33.15
C VAL A 202 -6.96 20.18 31.65
N GLN A 203 -8.14 19.78 31.18
CA GLN A 203 -8.30 19.44 29.78
C GLN A 203 -9.12 20.49 29.01
N ASN A 204 -8.68 20.79 27.80
CA ASN A 204 -9.36 21.77 26.96
C ASN A 204 -9.24 21.41 25.47
N PRO A 205 -10.36 21.11 24.81
CA PRO A 205 -11.73 21.06 25.33
C PRO A 205 -11.95 19.97 26.40
N ASN A 206 -12.94 20.21 27.26
CA ASN A 206 -13.33 19.32 28.34
C ASN A 206 -13.68 17.95 27.81
N PHE A 207 -13.83 16.99 28.71
CA PHE A 207 -14.24 15.65 28.31
C PHE A 207 -15.67 15.76 27.81
N LEU A 208 -16.41 16.71 28.36
CA LEU A 208 -17.81 16.94 27.96
C LEU A 208 -17.89 17.93 26.80
N GLY A 209 -16.72 18.30 26.28
CA GLY A 209 -16.66 19.21 25.16
C GLY A 209 -16.60 20.69 25.48
N ALA A 210 -16.47 21.03 26.76
CA ALA A 210 -16.42 22.44 27.14
C ALA A 210 -15.05 23.09 26.99
N LEU A 211 -15.04 24.32 26.51
CA LEU A 211 -13.80 25.07 26.37
C LEU A 211 -13.52 25.69 27.74
N GLU A 212 -12.26 25.70 28.15
CA GLU A 212 -11.91 26.25 29.45
C GLU A 212 -10.72 27.19 29.34
N ASP A 213 -10.86 28.40 29.85
CA ASP A 213 -9.73 29.34 29.81
C ASP A 213 -8.72 28.82 30.82
N LEU A 214 -7.60 28.33 30.32
CA LEU A 214 -6.55 27.76 31.15
C LEU A 214 -5.66 28.81 31.80
N GLY A 215 -5.65 30.02 31.25
CA GLY A 215 -4.83 31.08 31.80
C GLY A 215 -4.78 31.13 33.32
N PRO A 216 -5.92 31.40 33.99
CA PRO A 216 -5.93 31.46 35.46
C PRO A 216 -5.45 30.19 36.18
N PHE A 217 -5.66 29.02 35.57
CA PHE A 217 -5.20 27.78 36.17
C PHE A 217 -3.68 27.75 36.24
N ALA A 218 -3.03 28.23 35.17
CA ALA A 218 -1.56 28.26 35.14
C ALA A 218 -1.04 29.19 36.22
N GLU A 219 -1.71 30.33 36.40
CA GLU A 219 -1.30 31.29 37.42
C GLU A 219 -1.42 30.66 38.80
N ALA A 220 -2.56 30.02 39.05
CA ALA A 220 -2.82 29.39 40.34
C ALA A 220 -1.75 28.36 40.68
N ALA A 221 -1.25 27.67 39.67
CA ALA A 221 -0.22 26.65 39.86
C ALA A 221 1.15 27.27 40.10
N HIS A 222 1.50 28.27 39.29
CA HIS A 222 2.81 28.91 39.42
C HIS A 222 2.90 29.65 40.75
N GLY A 223 1.79 30.23 41.18
CA GLY A 223 1.78 30.94 42.45
C GLY A 223 2.09 30.01 43.61
N ALA A 224 1.66 28.76 43.52
CA ALA A 224 1.91 27.78 44.57
C ALA A 224 3.25 27.08 44.34
N GLY A 225 3.89 27.37 43.21
CA GLY A 225 5.17 26.75 42.91
C GLY A 225 4.97 25.41 42.21
N ALA A 226 3.78 25.22 41.66
CA ALA A 226 3.47 23.98 40.94
C ALA A 226 3.54 24.19 39.42
N LEU A 227 3.59 23.08 38.69
CA LEU A 227 3.63 23.14 37.24
C LEU A 227 2.25 22.87 36.69
N PHE A 228 1.95 23.44 35.53
CA PHE A 228 0.66 23.27 34.91
C PHE A 228 0.76 22.36 33.70
N VAL A 229 -0.07 21.33 33.69
CA VAL A 229 -0.11 20.36 32.59
C VAL A 229 -1.41 20.49 31.84
N ALA A 230 -1.32 20.80 30.55
CA ALA A 230 -2.52 20.95 29.74
C ALA A 230 -2.72 19.72 28.86
N VAL A 231 -3.96 19.26 28.81
CA VAL A 231 -4.35 18.12 28.00
C VAL A 231 -5.23 18.70 26.91
N ALA A 232 -4.76 18.65 25.67
CA ALA A 232 -5.50 19.20 24.54
C ALA A 232 -5.52 18.33 23.30
N ASP A 233 -6.69 18.26 22.67
CA ASP A 233 -6.85 17.49 21.45
C ASP A 233 -6.04 18.21 20.37
N PRO A 234 -5.08 17.51 19.75
CA PRO A 234 -4.24 18.10 18.70
C PRO A 234 -5.03 18.81 17.59
N LEU A 235 -6.13 18.22 17.16
CA LEU A 235 -6.94 18.83 16.12
C LEU A 235 -7.51 20.18 16.56
N SER A 236 -7.93 20.29 17.82
CA SER A 236 -8.48 21.54 18.30
C SER A 236 -7.42 22.63 18.35
N LEU A 237 -6.15 22.24 18.48
CA LEU A 237 -5.07 23.22 18.52
C LEU A 237 -4.93 23.90 17.16
N GLY A 238 -5.72 23.45 16.20
CA GLY A 238 -5.67 24.06 14.88
C GLY A 238 -6.39 25.39 14.88
N VAL A 239 -7.27 25.60 15.85
CA VAL A 239 -8.01 26.86 15.90
C VAL A 239 -8.12 27.43 17.31
N LEU A 240 -7.72 26.66 18.32
CA LEU A 240 -7.79 27.13 19.69
C LEU A 240 -6.47 27.64 20.27
N LYS A 241 -6.59 28.68 21.08
CA LYS A 241 -5.44 29.26 21.75
C LYS A 241 -4.70 28.06 22.36
N PRO A 242 -3.41 27.87 21.98
CA PRO A 242 -2.61 26.75 22.49
C PRO A 242 -2.17 26.88 23.94
N PRO A 243 -1.92 25.75 24.61
CA PRO A 243 -1.49 25.80 26.01
C PRO A 243 -0.26 26.67 26.22
N GLY A 244 0.64 26.69 25.25
CA GLY A 244 1.83 27.51 25.37
C GLY A 244 1.49 28.98 25.52
N ALA A 245 0.45 29.43 24.82
CA ALA A 245 0.02 30.82 24.88
C ALA A 245 -0.55 31.16 26.26
N TYR A 246 -1.05 30.14 26.95
CA TYR A 246 -1.62 30.34 28.30
C TYR A 246 -0.53 30.30 29.36
N GLY A 247 0.67 29.87 28.96
CA GLY A 247 1.76 29.78 29.91
C GLY A 247 1.90 28.39 30.51
N ALA A 248 1.30 27.39 29.89
CA ALA A 248 1.39 26.02 30.41
C ALA A 248 2.82 25.48 30.30
N ASP A 249 3.24 24.74 31.33
CA ASP A 249 4.58 24.17 31.40
C ASP A 249 4.69 22.92 30.55
N ILE A 250 3.63 22.14 30.54
CA ILE A 250 3.61 20.88 29.80
C ILE A 250 2.28 20.72 29.07
N ALA A 251 2.32 20.08 27.91
CA ALA A 251 1.12 19.84 27.12
C ALA A 251 1.12 18.41 26.58
N VAL A 252 0.01 17.72 26.78
CA VAL A 252 -0.13 16.35 26.29
C VAL A 252 -1.44 16.16 25.55
N GLY A 253 -1.60 15.00 24.94
CA GLY A 253 -2.82 14.74 24.19
C GLY A 253 -2.71 13.50 23.34
N ASP A 254 -3.84 13.10 22.75
CA ASP A 254 -3.90 11.91 21.92
C ASP A 254 -3.98 12.28 20.44
N GLY A 255 -3.28 11.55 19.59
CA GLY A 255 -3.28 11.87 18.17
C GLY A 255 -4.29 11.19 17.26
N GLN A 256 -5.20 10.39 17.80
CA GLN A 256 -6.20 9.71 16.97
C GLN A 256 -7.00 10.69 16.11
N SER A 257 -7.19 11.90 16.61
CA SER A 257 -7.95 12.91 15.88
C SER A 257 -7.27 13.36 14.60
N LEU A 258 -5.95 13.18 14.52
CA LEU A 258 -5.20 13.58 13.34
C LEU A 258 -5.21 12.56 12.19
N GLY A 259 -6.41 12.16 11.77
CA GLY A 259 -6.54 11.24 10.66
C GLY A 259 -6.32 9.75 10.88
N LEU A 260 -6.06 9.34 12.11
CA LEU A 260 -5.84 7.93 12.40
C LEU A 260 -7.13 7.14 12.40
N PRO A 261 -7.12 5.93 11.84
CA PRO A 261 -8.37 5.14 11.83
C PRO A 261 -8.75 4.85 13.29
N MET A 262 -10.04 4.72 13.57
CA MET A 262 -10.47 4.47 14.94
C MET A 262 -10.02 3.10 15.44
N GLY A 263 -10.04 2.11 14.55
CA GLY A 263 -9.61 0.77 14.90
C GLY A 263 -9.97 0.27 16.29
N PHE A 264 -11.23 0.47 16.68
CA PHE A 264 -11.75 0.06 17.98
C PHE A 264 -10.90 0.55 19.15
N GLY A 265 -10.49 1.82 19.09
CA GLY A 265 -9.69 2.39 20.15
C GLY A 265 -8.22 2.02 20.13
N GLY A 266 -7.82 1.17 19.20
CA GLY A 266 -6.43 0.75 19.12
C GLY A 266 -5.42 1.80 18.71
N PRO A 267 -5.51 2.31 17.47
CA PRO A 267 -4.61 3.34 16.92
C PRO A 267 -4.53 4.66 17.69
N HIS A 268 -3.33 4.92 18.22
CA HIS A 268 -3.08 6.13 18.99
C HIS A 268 -1.59 6.42 18.97
N PHE A 269 -1.26 7.52 19.62
CA PHE A 269 0.10 7.98 19.81
C PHE A 269 -0.15 9.24 20.64
N GLY A 270 0.54 9.35 21.76
CA GLY A 270 0.36 10.53 22.58
C GLY A 270 1.49 11.50 22.32
N PHE A 271 1.21 12.79 22.47
CA PHE A 271 2.25 13.78 22.27
C PHE A 271 2.56 14.41 23.61
N LEU A 272 3.79 14.89 23.76
CA LEU A 272 4.20 15.54 24.99
C LEU A 272 5.18 16.64 24.62
N ALA A 273 4.77 17.88 24.83
CA ALA A 273 5.61 19.02 24.52
C ALA A 273 5.82 19.82 25.80
N THR A 274 7.00 20.39 25.96
CA THR A 274 7.28 21.17 27.17
C THR A 274 8.28 22.27 26.82
N LYS A 275 8.90 22.87 27.83
CA LYS A 275 9.87 23.93 27.59
C LYS A 275 11.26 23.32 27.58
N LYS A 276 12.20 23.96 26.89
CA LYS A 276 13.55 23.42 26.83
C LYS A 276 14.12 23.37 28.25
N ALA A 277 13.56 24.16 29.13
CA ALA A 277 13.99 24.23 30.53
C ALA A 277 13.87 22.91 31.27
N PHE A 278 12.94 22.05 30.86
CA PHE A 278 12.75 20.77 31.55
C PHE A 278 13.24 19.54 30.77
N VAL A 279 14.04 19.77 29.72
CA VAL A 279 14.56 18.70 28.87
C VAL A 279 15.28 17.55 29.59
N ARG A 280 15.82 17.83 30.77
CA ARG A 280 16.53 16.79 31.54
C ARG A 280 15.55 15.74 32.07
N GLN A 281 14.33 16.20 32.34
CA GLN A 281 13.28 15.36 32.89
C GLN A 281 12.34 14.81 31.81
N LEU A 282 12.56 15.23 30.57
CA LEU A 282 11.71 14.78 29.45
C LEU A 282 11.88 13.28 29.16
N PRO A 283 10.82 12.49 29.30
CA PRO A 283 10.89 11.06 29.03
C PRO A 283 10.67 10.75 27.55
N GLY A 284 10.99 9.52 27.14
CA GLY A 284 10.82 9.14 25.75
C GLY A 284 12.06 9.40 24.91
N ARG A 285 11.93 9.28 23.60
CA ARG A 285 13.07 9.52 22.72
C ARG A 285 13.13 10.98 22.29
N LEU A 286 14.34 11.41 21.93
CA LEU A 286 14.56 12.77 21.48
C LEU A 286 15.49 12.73 20.28
N VAL A 287 15.07 13.33 19.17
CA VAL A 287 15.90 13.38 17.96
C VAL A 287 16.45 14.79 17.81
N SER A 288 17.74 14.88 17.54
CA SER A 288 18.37 16.19 17.38
C SER A 288 19.06 16.29 16.04
N GLU A 289 19.14 17.51 15.51
CA GLU A 289 19.83 17.71 14.26
C GLU A 289 21.30 17.75 14.63
N THR A 290 22.16 17.38 13.69
CA THR A 290 23.60 17.39 13.91
C THR A 290 24.27 17.34 12.55
N VAL A 291 25.53 16.93 12.51
CA VAL A 291 26.24 16.90 11.24
C VAL A 291 27.18 15.69 11.18
N ASP A 292 27.45 15.18 9.98
CA ASP A 292 28.35 14.03 9.87
C ASP A 292 29.80 14.49 9.68
N VAL A 293 30.70 13.55 9.47
CA VAL A 293 32.12 13.86 9.30
C VAL A 293 32.48 14.84 8.18
N GLU A 294 31.65 14.93 7.14
CA GLU A 294 31.92 15.83 6.03
C GLU A 294 30.98 17.03 5.96
N GLY A 295 30.31 17.31 7.08
CA GLY A 295 29.41 18.44 7.13
C GLY A 295 27.96 18.25 6.67
N ARG A 296 27.60 17.03 6.26
CA ARG A 296 26.23 16.80 5.79
C ARG A 296 25.27 16.86 6.97
N ARG A 297 24.08 17.39 6.74
CA ARG A 297 23.08 17.48 7.79
C ARG A 297 22.56 16.09 8.12
N GLY A 298 22.37 15.82 9.42
CA GLY A 298 21.88 14.53 9.85
C GLY A 298 21.06 14.64 11.12
N PHE A 299 20.38 13.55 11.48
CA PHE A 299 19.56 13.52 12.68
C PHE A 299 19.88 12.28 13.47
N ILE A 300 19.81 12.37 14.80
CA ILE A 300 20.18 11.25 15.64
C ILE A 300 19.53 11.30 17.03
N LEU A 301 19.26 10.13 17.59
CA LEU A 301 18.68 10.06 18.93
C LEU A 301 19.71 10.72 19.83
N THR A 302 19.26 11.55 20.76
CA THR A 302 20.20 12.25 21.60
C THR A 302 19.79 12.37 23.07
N LEU A 303 20.72 12.87 23.88
CA LEU A 303 20.51 13.10 25.31
C LEU A 303 19.97 11.89 26.07
N GLN A 304 20.62 10.74 25.94
CA GLN A 304 20.16 9.56 26.66
C GLN A 304 20.55 9.66 28.13
N ALA A 305 21.34 10.69 28.46
CA ALA A 305 21.77 10.93 29.83
C ALA A 305 20.56 11.21 30.70
N ARG A 306 19.47 11.61 30.06
CA ARG A 306 18.21 11.91 30.75
C ARG A 306 17.73 10.73 31.59
N GLU A 307 18.09 9.52 31.18
CA GLU A 307 17.71 8.31 31.90
C GLU A 307 18.17 8.36 33.35
N GLN A 308 19.23 9.12 33.61
CA GLN A 308 19.76 9.25 34.96
C GLN A 308 19.00 10.31 35.76
N TYR A 309 18.71 11.43 35.12
CA TYR A 309 17.97 12.51 35.77
C TYR A 309 16.55 12.07 36.11
N ILE A 310 16.02 11.12 35.35
CA ILE A 310 14.66 10.63 35.54
C ILE A 310 14.51 9.60 36.66
N ARG A 311 15.59 8.90 36.99
CA ARG A 311 15.53 7.88 38.03
C ARG A 311 16.29 8.27 39.28
N ARG A 312 16.85 9.47 39.29
CA ARG A 312 17.62 9.93 40.45
C ARG A 312 16.78 10.04 41.71
N ALA A 313 15.47 10.20 41.58
CA ALA A 313 14.65 10.34 42.77
C ALA A 313 13.25 9.73 42.67
N LYS A 314 12.29 10.42 43.27
CA LYS A 314 10.90 9.97 43.31
C LYS A 314 10.24 10.11 41.95
N ALA A 315 9.01 9.58 41.85
CA ALA A 315 8.24 9.66 40.62
C ALA A 315 9.08 9.26 39.40
N LYS A 316 9.72 8.10 39.49
CA LYS A 316 10.56 7.59 38.42
C LYS A 316 9.71 7.25 37.20
N SER A 317 10.38 7.03 36.09
CA SER A 317 9.72 6.69 34.84
C SER A 317 10.59 5.71 34.09
N ASN A 318 9.99 4.90 33.24
CA ASN A 318 10.76 3.92 32.46
C ASN A 318 10.18 3.68 31.08
N ILE A 319 10.07 4.74 30.29
CA ILE A 319 9.56 4.66 28.93
C ILE A 319 10.66 4.00 28.10
N THR A 320 10.39 2.81 27.58
CA THR A 320 11.36 2.09 26.78
C THR A 320 11.26 2.35 25.28
N THR A 321 10.06 2.65 24.81
CA THR A 321 9.85 2.89 23.39
C THR A 321 8.70 3.87 23.16
N ASN A 322 8.32 4.08 21.89
CA ASN A 322 7.25 5.00 21.55
C ASN A 322 6.20 4.39 20.61
N ALA A 323 5.51 5.26 19.89
CA ALA A 323 4.47 4.85 18.93
C ALA A 323 4.85 5.48 17.59
N GLN A 324 6.08 5.24 17.18
CA GLN A 324 6.65 5.78 15.95
C GLN A 324 5.72 5.77 14.74
N LEU A 325 5.29 4.59 14.32
CA LEU A 325 4.44 4.50 13.15
C LEU A 325 3.22 5.42 13.20
N THR A 326 2.43 5.33 14.27
CA THR A 326 1.25 6.18 14.38
C THR A 326 1.63 7.66 14.48
N ALA A 327 2.70 7.98 15.19
CA ALA A 327 3.14 9.37 15.29
C ALA A 327 3.55 9.87 13.90
N LEU A 328 4.09 8.96 13.08
CA LEU A 328 4.49 9.30 11.72
C LEU A 328 3.25 9.65 10.90
N MET A 329 2.17 8.88 11.06
CA MET A 329 0.93 9.15 10.34
C MET A 329 0.39 10.52 10.75
N GLY A 330 0.60 10.87 12.01
CA GLY A 330 0.12 12.16 12.51
C GLY A 330 0.87 13.28 11.82
N ALA A 331 2.19 13.16 11.76
CA ALA A 331 3.03 14.16 11.12
C ALA A 331 2.66 14.28 9.64
N MET A 332 2.42 13.14 8.98
CA MET A 332 2.04 13.15 7.56
C MET A 332 0.73 13.93 7.41
N TYR A 333 -0.19 13.71 8.36
CA TYR A 333 -1.49 14.37 8.36
C TYR A 333 -1.34 15.88 8.53
N LEU A 334 -0.60 16.27 9.55
CA LEU A 334 -0.35 17.67 9.83
C LEU A 334 0.31 18.33 8.61
N ALA A 335 1.24 17.60 7.99
CA ALA A 335 1.94 18.13 6.82
C ALA A 335 1.04 18.18 5.57
N ALA A 336 0.10 17.25 5.50
CA ALA A 336 -0.84 17.18 4.38
C ALA A 336 -1.87 18.29 4.39
N LEU A 337 -2.33 18.69 5.58
CA LEU A 337 -3.32 19.74 5.71
C LEU A 337 -2.74 21.13 5.87
N GLY A 338 -1.59 21.22 6.53
CA GLY A 338 -0.99 22.52 6.74
C GLY A 338 -1.77 23.32 7.76
N PRO A 339 -1.29 24.52 8.14
CA PRO A 339 -1.98 25.37 9.12
C PRO A 339 -3.43 25.67 8.78
N GLU A 340 -3.70 26.01 7.52
CA GLU A 340 -5.07 26.31 7.11
C GLU A 340 -5.96 25.09 6.98
N GLY A 341 -5.43 24.03 6.38
CA GLY A 341 -6.21 22.82 6.22
C GLY A 341 -6.66 22.27 7.56
N LEU A 342 -5.78 22.31 8.55
CA LEU A 342 -6.12 21.83 9.87
C LEU A 342 -7.21 22.72 10.47
N ARG A 343 -7.01 24.03 10.36
CA ARG A 343 -7.97 24.98 10.88
C ARG A 343 -9.34 24.75 10.27
N GLU A 344 -9.39 24.53 8.96
CA GLU A 344 -10.66 24.27 8.26
C GLU A 344 -11.37 23.02 8.78
N VAL A 345 -10.64 21.92 8.91
CA VAL A 345 -11.19 20.65 9.41
C VAL A 345 -11.75 20.85 10.82
N ALA A 346 -11.04 21.62 11.63
CA ALA A 346 -11.47 21.89 13.00
C ALA A 346 -12.78 22.69 13.02
N LEU A 347 -12.83 23.76 12.24
CA LEU A 347 -14.03 24.59 12.20
C LEU A 347 -15.24 23.82 11.70
N LYS A 348 -15.09 23.09 10.61
CA LYS A 348 -16.20 22.33 10.04
C LYS A 348 -16.75 21.37 11.09
N SER A 349 -15.85 20.74 11.83
CA SER A 349 -16.27 19.82 12.87
C SER A 349 -17.05 20.54 13.96
N VAL A 350 -16.62 21.74 14.31
CA VAL A 350 -17.30 22.53 15.33
C VAL A 350 -18.67 23.00 14.84
N GLU A 351 -18.72 23.37 13.57
CA GLU A 351 -19.97 23.84 12.99
C GLU A 351 -21.03 22.76 12.99
N MET A 352 -20.69 21.59 12.45
CA MET A 352 -21.67 20.48 12.39
C MET A 352 -22.07 20.02 13.78
N ALA A 353 -21.18 20.23 14.75
CA ALA A 353 -21.46 19.86 16.13
C ALA A 353 -22.51 20.80 16.69
N HIS A 354 -22.27 22.10 16.58
CA HIS A 354 -23.20 23.09 17.08
C HIS A 354 -24.56 23.00 16.42
N LYS A 355 -24.59 22.65 15.14
CA LYS A 355 -25.86 22.51 14.44
C LYS A 355 -26.59 21.28 14.97
N LEU A 356 -25.83 20.20 15.20
CA LEU A 356 -26.43 18.98 15.72
C LEU A 356 -26.98 19.24 17.11
N HIS A 357 -26.25 20.03 17.90
CA HIS A 357 -26.67 20.37 19.25
C HIS A 357 -28.07 20.98 19.22
N ALA A 358 -28.24 22.01 18.39
CA ALA A 358 -29.53 22.69 18.28
C ALA A 358 -30.63 21.75 17.80
N LEU A 359 -30.29 20.79 16.95
CA LEU A 359 -31.29 19.86 16.44
C LEU A 359 -31.76 18.89 17.53
N LEU A 360 -30.81 18.28 18.23
CA LEU A 360 -31.15 17.34 19.29
C LEU A 360 -31.89 18.00 20.46
N LEU A 361 -31.58 19.27 20.72
CA LEU A 361 -32.23 19.97 21.81
C LEU A 361 -33.74 20.10 21.59
N GLU A 362 -34.19 19.88 20.37
CA GLU A 362 -35.60 19.98 20.04
C GLU A 362 -36.37 18.73 20.41
N VAL A 363 -35.68 17.62 20.59
CA VAL A 363 -36.36 16.39 20.96
C VAL A 363 -36.88 16.60 22.38
N PRO A 364 -38.16 16.27 22.62
CA PRO A 364 -38.74 16.45 23.96
C PRO A 364 -38.06 15.60 25.02
N GLY A 365 -37.83 16.20 26.18
CA GLY A 365 -37.19 15.52 27.29
C GLY A 365 -35.69 15.69 27.24
N VAL A 366 -35.16 16.06 26.08
CA VAL A 366 -33.72 16.25 25.92
C VAL A 366 -33.31 17.64 26.36
N ARG A 367 -32.36 17.70 27.29
CA ARG A 367 -31.85 18.96 27.79
C ARG A 367 -30.34 18.98 27.66
N PRO A 368 -29.75 20.17 27.50
CA PRO A 368 -28.30 20.25 27.38
C PRO A 368 -27.62 20.05 28.72
N PHE A 369 -26.35 19.67 28.69
CA PHE A 369 -25.59 19.51 29.93
C PHE A 369 -24.33 20.36 29.78
N THR A 370 -23.52 20.05 28.77
CA THR A 370 -22.30 20.79 28.51
C THR A 370 -22.71 22.25 28.29
N PRO A 371 -22.01 23.20 28.92
CA PRO A 371 -22.34 24.62 28.77
C PRO A 371 -21.63 25.21 27.55
N LYS A 372 -21.96 26.47 27.24
CA LYS A 372 -21.34 27.16 26.12
C LYS A 372 -20.22 27.98 26.73
N PRO A 373 -19.12 28.16 25.99
CA PRO A 373 -18.94 27.63 24.64
C PRO A 373 -18.31 26.22 24.65
N PHE A 374 -18.70 25.39 23.69
CA PHE A 374 -18.12 24.06 23.60
C PHE A 374 -17.49 23.87 22.22
N PHE A 375 -16.74 22.79 22.05
CA PHE A 375 -16.06 22.56 20.78
C PHE A 375 -16.81 21.67 19.78
N ASN A 376 -16.26 20.49 19.47
CA ASN A 376 -16.90 19.61 18.50
C ASN A 376 -17.51 18.36 19.14
N GLU A 377 -17.69 18.44 20.46
CA GLU A 377 -18.28 17.34 21.22
C GLU A 377 -19.15 17.96 22.31
N PHE A 378 -20.22 17.27 22.69
CA PHE A 378 -21.07 17.79 23.73
C PHE A 378 -21.89 16.71 24.41
N ALA A 379 -22.29 16.97 25.65
CA ALA A 379 -23.10 16.04 26.42
C ALA A 379 -24.51 16.61 26.62
N LEU A 380 -25.50 15.75 26.45
CA LEU A 380 -26.90 16.11 26.61
C LEU A 380 -27.49 15.20 27.66
N ALA A 381 -28.48 15.70 28.40
CA ALA A 381 -29.13 14.87 29.40
C ALA A 381 -30.32 14.24 28.67
N LEU A 382 -30.45 12.93 28.77
CA LEU A 382 -31.55 12.23 28.11
C LEU A 382 -32.60 11.74 29.11
N PRO A 383 -33.86 11.58 28.68
CA PRO A 383 -34.96 11.12 29.51
C PRO A 383 -34.95 9.60 29.71
N LYS A 384 -34.12 8.92 28.92
CA LYS A 384 -33.97 7.47 29.03
C LYS A 384 -32.50 7.19 29.30
N ASP A 385 -32.21 5.96 29.70
CA ASP A 385 -30.85 5.54 30.00
C ASP A 385 -30.00 5.62 28.73
N PRO A 386 -28.85 6.30 28.78
CA PRO A 386 -27.96 6.44 27.62
C PRO A 386 -27.51 5.12 26.99
N GLU A 387 -27.21 4.12 27.82
CA GLU A 387 -26.76 2.83 27.31
C GLU A 387 -27.90 2.19 26.52
N ALA A 388 -29.13 2.40 26.98
CA ALA A 388 -30.29 1.85 26.30
C ALA A 388 -30.53 2.62 25.00
N VAL A 389 -30.24 3.93 25.02
CA VAL A 389 -30.42 4.77 23.84
C VAL A 389 -29.40 4.37 22.77
N ARG A 390 -28.14 4.28 23.15
CA ARG A 390 -27.08 3.90 22.20
C ARG A 390 -27.44 2.61 21.49
N ARG A 391 -27.95 1.64 22.24
CA ARG A 391 -28.34 0.36 21.68
C ARG A 391 -29.54 0.49 20.74
N ALA A 392 -30.53 1.27 21.16
CA ALA A 392 -31.72 1.48 20.35
C ALA A 392 -31.28 2.15 19.05
N LEU A 393 -30.41 3.14 19.15
CA LEU A 393 -29.89 3.84 17.98
C LEU A 393 -29.14 2.86 17.08
N ALA A 394 -28.28 2.04 17.67
CA ALA A 394 -27.53 1.04 16.91
C ALA A 394 -28.49 0.12 16.18
N GLU A 395 -29.57 -0.27 16.85
CA GLU A 395 -30.55 -1.16 16.24
C GLU A 395 -31.22 -0.49 15.03
N ARG A 396 -31.17 0.84 15.00
CA ARG A 396 -31.74 1.59 13.88
C ARG A 396 -30.66 1.90 12.84
N GLY A 397 -29.43 1.49 13.13
CA GLY A 397 -28.35 1.71 12.19
C GLY A 397 -27.49 2.92 12.47
N PHE A 398 -27.69 3.54 13.62
CA PHE A 398 -26.90 4.73 13.97
C PHE A 398 -25.99 4.47 15.17
N HIS A 399 -24.83 5.10 15.16
CA HIS A 399 -23.88 4.99 16.26
C HIS A 399 -23.85 6.35 16.93
N GLY A 400 -24.41 6.43 18.12
CA GLY A 400 -24.43 7.70 18.82
C GLY A 400 -24.71 7.52 20.29
N ALA A 401 -24.76 8.63 21.01
CA ALA A 401 -25.02 8.59 22.44
C ALA A 401 -23.96 7.80 23.18
N THR A 402 -22.74 8.31 23.23
CA THR A 402 -21.69 7.63 23.96
C THR A 402 -21.95 7.96 25.43
N PRO A 403 -22.18 6.92 26.25
CA PRO A 403 -22.47 7.08 27.69
C PRO A 403 -21.39 7.75 28.52
N VAL A 404 -21.82 8.70 29.33
CA VAL A 404 -20.94 9.44 30.21
C VAL A 404 -21.06 8.80 31.58
N PRO A 405 -19.93 8.52 32.24
CA PRO A 405 -20.03 7.91 33.58
C PRO A 405 -20.93 8.80 34.44
N ARG A 406 -21.70 8.20 35.34
CA ARG A 406 -22.62 9.00 36.14
C ARG A 406 -21.98 9.89 37.20
N GLU A 407 -20.66 9.88 37.28
CA GLU A 407 -19.96 10.73 38.25
C GLU A 407 -20.09 12.18 37.78
N TYR A 408 -20.52 12.35 36.52
CA TYR A 408 -20.70 13.66 35.91
C TYR A 408 -22.17 14.07 35.99
N GLY A 409 -23.05 13.09 36.20
CA GLY A 409 -24.47 13.35 36.26
C GLY A 409 -25.24 12.16 35.72
N GLU A 410 -26.55 12.15 35.91
CA GLU A 410 -27.38 11.04 35.46
C GLU A 410 -27.90 11.18 34.02
N ASN A 411 -28.02 10.04 33.34
CA ASN A 411 -28.53 10.01 31.97
C ASN A 411 -27.82 10.94 30.99
N LEU A 412 -26.51 11.05 31.11
CA LEU A 412 -25.74 11.90 30.22
C LEU A 412 -25.16 11.10 29.07
N ALA A 413 -25.25 11.65 27.87
CA ALA A 413 -24.76 11.01 26.66
C ALA A 413 -23.96 12.03 25.82
N LEU A 414 -22.79 11.61 25.35
CA LEU A 414 -21.93 12.46 24.53
C LEU A 414 -22.19 12.31 23.04
N PHE A 415 -22.07 13.40 22.31
CA PHE A 415 -22.25 13.40 20.88
C PHE A 415 -21.09 14.17 20.27
N ALA A 416 -20.61 13.70 19.13
CA ALA A 416 -19.51 14.36 18.44
C ALA A 416 -19.78 14.40 16.93
N ALA A 417 -19.29 15.45 16.28
CA ALA A 417 -19.46 15.62 14.85
C ALA A 417 -18.11 15.95 14.25
N THR A 418 -17.91 15.56 12.99
CA THR A 418 -16.65 15.80 12.31
C THR A 418 -16.86 16.44 10.95
N GLU A 419 -15.77 16.65 10.22
CA GLU A 419 -15.83 17.27 8.91
C GLU A 419 -16.55 16.43 7.86
N LEU A 420 -16.81 15.15 8.15
CA LEU A 420 -17.49 14.34 7.15
C LEU A 420 -18.99 14.21 7.40
N HIS A 421 -19.50 14.93 8.40
CA HIS A 421 -20.92 14.92 8.69
C HIS A 421 -21.54 16.07 7.93
N GLU A 422 -22.76 15.87 7.43
CA GLU A 422 -23.45 16.92 6.70
C GLU A 422 -24.83 17.17 7.29
N GLU A 423 -25.43 18.28 6.89
CA GLU A 423 -26.75 18.67 7.37
C GLU A 423 -27.73 17.49 7.35
N GLU A 424 -27.77 16.79 6.22
CA GLU A 424 -28.66 15.65 6.06
C GLU A 424 -28.40 14.50 7.05
N ASP A 425 -27.15 14.32 7.46
CA ASP A 425 -26.78 13.26 8.39
C ASP A 425 -27.27 13.54 9.81
N LEU A 426 -27.22 14.81 10.21
CA LEU A 426 -27.65 15.24 11.54
C LEU A 426 -29.15 15.03 11.69
N LEU A 427 -29.90 15.45 10.68
CA LEU A 427 -31.35 15.31 10.69
C LEU A 427 -31.72 13.85 10.84
N ALA A 428 -31.02 12.99 10.10
CA ALA A 428 -31.27 11.56 10.15
C ALA A 428 -31.14 11.06 11.58
N LEU A 429 -30.00 11.37 12.20
CA LEU A 429 -29.73 10.96 13.57
C LEU A 429 -30.80 11.50 14.53
N ARG A 430 -31.15 12.78 14.39
CA ARG A 430 -32.14 13.37 15.27
C ARG A 430 -33.46 12.63 15.14
N GLU A 431 -33.88 12.37 13.90
CA GLU A 431 -35.10 11.63 13.66
C GLU A 431 -35.05 10.37 14.50
N ALA A 432 -34.01 9.56 14.25
CA ALA A 432 -33.82 8.31 14.96
C ALA A 432 -33.91 8.48 16.47
N LEU A 433 -33.22 9.48 17.02
CA LEU A 433 -33.27 9.71 18.45
C LEU A 433 -34.70 10.01 18.88
N LYS A 434 -35.37 10.82 18.06
CA LYS A 434 -36.75 11.21 18.32
C LYS A 434 -37.61 9.96 18.52
N GLU A 435 -37.55 9.06 17.55
CA GLU A 435 -38.32 7.82 17.62
C GLU A 435 -37.90 6.87 18.74
N VAL A 436 -36.63 6.95 19.14
CA VAL A 436 -36.12 6.09 20.20
C VAL A 436 -36.72 6.55 21.54
N LEU A 437 -36.84 7.86 21.71
CA LEU A 437 -37.37 8.45 22.93
C LEU A 437 -38.90 8.55 22.94
N SER B 2 22.26 15.07 0.68
CA SER B 2 21.39 16.27 0.90
C SER B 2 19.91 15.98 0.67
N PHE B 3 19.10 16.15 1.72
CA PHE B 3 17.68 15.91 1.60
C PHE B 3 16.94 17.04 2.30
N PRO B 4 16.03 17.73 1.60
CA PRO B 4 15.28 18.84 2.21
C PRO B 4 14.29 18.46 3.30
N LEU B 5 14.18 19.34 4.29
CA LEU B 5 13.26 19.16 5.40
C LEU B 5 11.87 19.53 4.87
N ILE B 6 10.83 18.96 5.46
CA ILE B 6 9.49 19.25 5.00
C ILE B 6 9.20 20.76 5.13
N PHE B 7 9.73 21.40 6.16
CA PHE B 7 9.52 22.82 6.39
C PHE B 7 10.20 23.68 5.33
N GLU B 8 11.26 23.15 4.72
CA GLU B 8 11.97 23.86 3.65
C GLU B 8 11.21 23.69 2.34
N ARG B 9 10.43 22.62 2.23
CA ARG B 9 9.66 22.34 1.04
C ARG B 9 8.39 23.19 0.95
N SER B 10 7.99 23.79 2.06
CA SER B 10 6.76 24.55 2.06
C SER B 10 6.86 25.98 1.54
N ARG B 11 5.72 26.48 1.04
CA ARG B 11 5.62 27.83 0.51
C ARG B 11 4.40 28.54 1.11
N LYS B 12 4.61 29.80 1.53
CA LYS B 12 3.56 30.60 2.11
C LYS B 12 2.25 30.55 1.32
N GLY B 13 1.18 30.10 1.98
CA GLY B 13 -0.12 30.03 1.34
C GLY B 13 -0.41 28.76 0.55
N ARG B 14 0.58 27.90 0.37
CA ARG B 14 0.38 26.67 -0.39
C ARG B 14 -0.55 25.71 0.34
N ARG B 15 -1.44 25.08 -0.41
CA ARG B 15 -2.38 24.14 0.16
C ARG B 15 -2.10 22.69 -0.26
N GLY B 16 -2.51 21.77 0.59
CA GLY B 16 -2.36 20.35 0.31
C GLY B 16 -3.77 19.80 0.24
N LEU B 17 -4.16 19.00 1.24
CA LEU B 17 -5.50 18.43 1.27
C LEU B 17 -6.54 19.52 1.54
N LYS B 18 -7.70 19.37 0.92
CA LYS B 18 -8.80 20.33 1.05
C LYS B 18 -10.04 19.50 1.35
N LEU B 19 -10.35 19.38 2.64
CA LEU B 19 -11.45 18.55 3.06
C LEU B 19 -12.73 19.29 3.37
N VAL B 20 -12.70 20.61 3.25
CA VAL B 20 -13.88 21.40 3.55
C VAL B 20 -14.32 22.22 2.35
N LYS B 21 -15.57 22.03 1.94
CA LYS B 21 -16.16 22.72 0.82
C LYS B 21 -16.45 24.18 1.20
N ALA B 22 -17.28 24.38 2.21
CA ALA B 22 -17.64 25.73 2.67
C ALA B 22 -17.14 25.97 4.09
N VAL B 23 -15.93 26.51 4.20
CA VAL B 23 -15.32 26.78 5.51
C VAL B 23 -16.07 27.90 6.24
N PRO B 24 -16.48 27.63 7.48
CA PRO B 24 -17.21 28.62 8.29
C PRO B 24 -16.25 29.61 8.94
N LYS B 25 -16.80 30.70 9.47
CA LYS B 25 -15.98 31.70 10.12
C LYS B 25 -15.87 31.41 11.61
N ALA B 26 -14.64 31.38 12.10
CA ALA B 26 -14.37 31.11 13.50
C ALA B 26 -15.18 31.98 14.45
N GLU B 27 -15.10 33.29 14.29
CA GLU B 27 -15.81 34.23 15.15
C GLU B 27 -17.29 33.88 15.34
N ASP B 28 -17.83 33.07 14.43
CA ASP B 28 -19.24 32.69 14.52
C ASP B 28 -19.50 31.38 15.24
N LEU B 29 -18.44 30.69 15.65
CA LEU B 29 -18.58 29.41 16.34
C LEU B 29 -17.82 29.39 17.66
N ILE B 30 -16.76 30.18 17.74
CA ILE B 30 -15.91 30.23 18.91
C ILE B 30 -15.66 31.66 19.38
N PRO B 31 -15.85 31.92 20.69
CA PRO B 31 -15.63 33.27 21.23
C PRO B 31 -14.18 33.72 21.11
N LYS B 32 -14.03 34.96 20.63
CA LYS B 32 -12.74 35.62 20.42
C LYS B 32 -11.63 35.20 21.39
N GLU B 33 -11.91 35.25 22.68
CA GLU B 33 -10.92 34.92 23.69
C GLU B 33 -10.38 33.48 23.65
N HIS B 34 -11.05 32.59 22.93
CA HIS B 34 -10.61 31.20 22.85
C HIS B 34 -9.91 30.90 21.54
N LEU B 35 -9.87 31.86 20.63
CA LEU B 35 -9.25 31.66 19.33
C LEU B 35 -7.75 31.82 19.24
N ARG B 36 -7.12 30.92 18.49
CA ARG B 36 -5.70 30.96 18.29
C ARG B 36 -5.32 32.24 17.56
N GLU B 37 -4.37 32.96 18.14
CA GLU B 37 -3.91 34.24 17.58
C GLU B 37 -2.96 34.00 16.43
N VAL B 38 -1.90 33.24 16.70
CA VAL B 38 -0.88 32.93 15.71
C VAL B 38 -1.01 31.48 15.26
N PRO B 39 -1.06 31.26 13.94
CA PRO B 39 -1.19 29.89 13.43
C PRO B 39 0.04 29.05 13.76
N PRO B 40 -0.14 27.74 13.94
CA PRO B 40 1.01 26.89 14.25
C PRO B 40 1.86 26.83 12.98
N ARG B 41 3.18 26.88 13.12
CA ARG B 41 4.02 26.83 11.93
C ARG B 41 4.17 25.43 11.38
N LEU B 42 3.10 24.96 10.77
CA LEU B 42 3.01 23.64 10.16
C LEU B 42 3.43 23.76 8.70
N PRO B 43 3.83 22.65 8.08
CA PRO B 43 4.23 22.76 6.69
C PRO B 43 3.05 23.10 5.78
N GLU B 44 3.36 23.81 4.70
CA GLU B 44 2.39 24.23 3.71
C GLU B 44 2.87 23.66 2.39
N VAL B 45 2.44 22.44 2.11
CA VAL B 45 2.85 21.76 0.90
C VAL B 45 1.70 21.08 0.18
N ASP B 46 1.81 21.00 -1.14
CA ASP B 46 0.81 20.33 -1.96
C ASP B 46 1.00 18.83 -1.75
N GLU B 47 0.06 18.03 -2.25
CA GLU B 47 0.11 16.59 -2.09
C GLU B 47 1.28 15.89 -2.79
N LEU B 48 1.60 16.32 -4.01
CA LEU B 48 2.71 15.73 -4.77
C LEU B 48 3.98 15.88 -3.95
N THR B 49 4.19 17.08 -3.41
CA THR B 49 5.36 17.37 -2.59
C THR B 49 5.40 16.43 -1.38
N LEU B 50 4.24 16.26 -0.74
CA LEU B 50 4.11 15.39 0.43
C LEU B 50 4.56 13.99 0.07
N VAL B 51 4.10 13.49 -1.08
CA VAL B 51 4.47 12.16 -1.54
C VAL B 51 5.97 12.09 -1.87
N ARG B 52 6.48 13.13 -2.51
CA ARG B 52 7.90 13.19 -2.87
C ARG B 52 8.75 13.17 -1.60
N HIS B 53 8.32 13.94 -0.60
CA HIS B 53 9.05 14.04 0.65
C HIS B 53 9.16 12.72 1.41
N TYR B 54 8.03 12.10 1.73
CA TYR B 54 8.04 10.86 2.47
C TYR B 54 8.52 9.63 1.69
N THR B 55 8.24 9.59 0.38
CA THR B 55 8.71 8.48 -0.41
C THR B 55 10.23 8.59 -0.38
N GLY B 56 10.71 9.81 -0.58
CA GLY B 56 12.14 10.08 -0.54
C GLY B 56 12.77 9.72 0.79
N LEU B 57 12.06 9.98 1.89
CA LEU B 57 12.56 9.63 3.22
C LEU B 57 12.62 8.12 3.39
N SER B 58 11.64 7.41 2.82
CA SER B 58 11.60 5.97 2.92
C SER B 58 12.78 5.36 2.18
N ARG B 59 13.20 6.02 1.11
CA ARG B 59 14.33 5.55 0.32
C ARG B 59 15.65 5.85 1.04
N ARG B 60 15.57 6.55 2.17
CA ARG B 60 16.74 6.88 2.97
C ARG B 60 16.57 6.10 4.28
N GLN B 61 15.92 4.96 4.18
CA GLN B 61 15.61 4.12 5.33
C GLN B 61 15.65 2.63 4.99
N VAL B 62 15.93 1.81 6.00
CA VAL B 62 15.93 0.37 5.81
C VAL B 62 14.97 -0.29 6.81
N GLY B 63 14.51 -1.48 6.47
CA GLY B 63 13.60 -2.23 7.32
C GLY B 63 13.79 -3.70 7.04
N VAL B 64 12.99 -4.56 7.67
CA VAL B 64 13.10 -5.99 7.43
C VAL B 64 12.83 -6.23 5.94
N ASP B 65 11.99 -5.39 5.35
CA ASP B 65 11.62 -5.49 3.95
C ASP B 65 12.77 -5.28 2.98
N THR B 66 13.86 -4.66 3.43
CA THR B 66 14.98 -4.41 2.54
C THR B 66 16.31 -4.93 3.03
N THR B 67 16.44 -5.16 4.33
CA THR B 67 17.73 -5.58 4.88
C THR B 67 17.67 -6.63 5.99
N PHE B 68 18.75 -7.41 6.12
CA PHE B 68 18.85 -8.42 7.17
C PHE B 68 19.02 -7.65 8.49
N TYR B 69 18.15 -7.92 9.45
CA TYR B 69 18.14 -7.24 10.75
C TYR B 69 18.37 -8.19 11.93
N PRO B 70 19.58 -8.72 12.09
CA PRO B 70 19.92 -9.66 13.18
C PRO B 70 19.92 -9.05 14.59
N LEU B 71 18.96 -8.18 14.86
CA LEU B 71 18.85 -7.48 16.14
C LEU B 71 18.50 -8.35 17.35
N GLY B 72 19.50 -8.62 18.19
CA GLY B 72 19.28 -9.41 19.39
C GLY B 72 18.17 -8.86 20.28
N SER B 73 17.32 -9.76 20.75
CA SER B 73 16.19 -9.46 21.62
C SER B 73 15.09 -8.58 21.01
N CYS B 74 15.00 -8.55 19.69
CA CYS B 74 13.96 -7.75 19.03
C CYS B 74 13.15 -8.63 18.07
N THR B 75 13.70 -9.81 17.75
CA THR B 75 13.05 -10.75 16.83
C THR B 75 12.52 -10.05 15.58
N MET B 76 13.43 -9.61 14.73
CA MET B 76 13.08 -8.92 13.50
C MET B 76 12.68 -9.90 12.39
N LYS B 77 11.54 -10.58 12.57
CA LYS B 77 11.08 -11.54 11.57
C LYS B 77 10.21 -10.89 10.49
N TYR B 78 10.03 -11.60 9.38
CA TYR B 78 9.21 -11.07 8.29
C TYR B 78 7.81 -10.72 8.80
N ASN B 79 7.31 -9.55 8.37
CA ASN B 79 5.97 -9.10 8.75
C ASN B 79 5.06 -9.34 7.55
N PRO B 80 4.35 -10.48 7.53
CA PRO B 80 3.46 -10.78 6.40
C PRO B 80 2.50 -9.65 6.01
N LYS B 81 2.53 -9.35 4.71
CA LYS B 81 1.70 -8.32 4.13
C LYS B 81 0.25 -8.66 4.32
N LEU B 82 -0.03 -9.94 4.50
CA LEU B 82 -1.40 -10.41 4.73
C LEU B 82 -1.99 -9.71 5.96
N HIS B 83 -1.18 -9.51 6.98
CA HIS B 83 -1.64 -8.89 8.22
C HIS B 83 -2.06 -7.44 8.07
N GLU B 84 -1.50 -6.76 7.08
CA GLU B 84 -1.86 -5.36 6.88
C GLU B 84 -3.24 -5.28 6.24
N GLU B 85 -3.54 -6.29 5.44
CA GLU B 85 -4.83 -6.37 4.78
C GLU B 85 -5.85 -6.70 5.87
N ALA B 86 -5.44 -7.58 6.79
CA ALA B 86 -6.28 -8.01 7.90
C ALA B 86 -6.64 -6.83 8.80
N ALA B 87 -5.64 -6.00 9.08
CA ALA B 87 -5.83 -4.83 9.94
C ALA B 87 -6.85 -3.83 9.39
N ARG B 88 -6.83 -3.56 8.09
CA ARG B 88 -7.76 -2.59 7.53
C ARG B 88 -9.23 -3.05 7.55
N LEU B 89 -9.44 -4.34 7.79
CA LEU B 89 -10.80 -4.88 7.86
C LEU B 89 -11.54 -4.44 9.13
N PHE B 90 -10.78 -4.00 10.13
CA PHE B 90 -11.38 -3.56 11.39
C PHE B 90 -11.08 -2.09 11.71
N ALA B 91 -10.67 -1.33 10.71
CA ALA B 91 -10.35 0.08 10.92
C ALA B 91 -11.54 0.97 11.32
N ASP B 92 -12.72 0.68 10.78
CA ASP B 92 -13.90 1.48 11.07
C ASP B 92 -14.76 1.00 12.23
N LEU B 93 -14.14 0.93 13.40
CA LEU B 93 -14.85 0.51 14.60
C LEU B 93 -14.50 1.51 15.67
N HIS B 94 -15.50 1.87 16.46
CA HIS B 94 -15.33 2.83 17.54
C HIS B 94 -15.37 2.07 18.87
N PRO B 95 -14.43 2.37 19.78
CA PRO B 95 -14.41 1.67 21.07
C PRO B 95 -15.69 1.82 21.89
N TYR B 96 -16.39 2.94 21.72
CA TYR B 96 -17.60 3.14 22.50
C TYR B 96 -18.91 2.81 21.80
N GLN B 97 -18.84 2.09 20.68
CA GLN B 97 -20.07 1.72 19.97
C GLN B 97 -20.73 0.58 20.73
N ASP B 98 -22.02 0.36 20.50
CA ASP B 98 -22.70 -0.71 21.20
C ASP B 98 -21.94 -2.01 21.02
N PRO B 99 -21.42 -2.58 22.11
CA PRO B 99 -20.66 -3.83 22.04
C PRO B 99 -21.42 -4.93 21.32
N ARG B 100 -22.74 -4.80 21.25
CA ARG B 100 -23.54 -5.80 20.58
C ARG B 100 -23.32 -5.72 19.08
N THR B 101 -22.67 -4.65 18.63
CA THR B 101 -22.38 -4.48 17.21
C THR B 101 -20.88 -4.62 16.92
N ALA B 102 -20.12 -5.07 17.91
CA ALA B 102 -18.68 -5.25 17.74
C ALA B 102 -18.27 -6.66 18.17
N GLN B 103 -19.19 -7.60 18.10
CA GLN B 103 -18.92 -8.97 18.50
C GLN B 103 -17.77 -9.63 17.74
N GLY B 104 -17.57 -9.25 16.48
CA GLY B 104 -16.49 -9.81 15.70
C GLY B 104 -15.12 -9.42 16.25
N ALA B 105 -14.97 -8.15 16.61
CA ALA B 105 -13.73 -7.62 17.16
C ALA B 105 -13.50 -8.21 18.55
N LEU B 106 -14.56 -8.23 19.35
CA LEU B 106 -14.48 -8.76 20.70
C LEU B 106 -14.18 -10.25 20.67
N ARG B 107 -14.79 -10.95 19.72
CA ARG B 107 -14.56 -12.39 19.59
C ARG B 107 -13.09 -12.64 19.22
N LEU B 108 -12.56 -11.82 18.33
CA LEU B 108 -11.18 -11.96 17.89
C LEU B 108 -10.24 -11.74 19.07
N MET B 109 -10.52 -10.71 19.86
CA MET B 109 -9.70 -10.41 21.03
C MET B 109 -9.74 -11.59 22.00
N TRP B 110 -10.93 -12.18 22.18
CA TRP B 110 -11.10 -13.30 23.09
C TRP B 110 -10.31 -14.52 22.63
N GLU B 111 -10.39 -14.81 21.33
CA GLU B 111 -9.68 -15.95 20.76
C GLU B 111 -8.19 -15.79 20.85
N LEU B 112 -7.70 -14.59 20.58
CA LEU B 112 -6.26 -14.34 20.67
C LEU B 112 -5.88 -14.59 22.11
N GLY B 113 -6.77 -14.19 23.01
CA GLY B 113 -6.53 -14.36 24.43
C GLY B 113 -6.33 -15.83 24.76
N GLU B 114 -7.25 -16.65 24.26
CA GLU B 114 -7.20 -18.08 24.49
C GLU B 114 -5.93 -18.69 23.88
N TYR B 115 -5.55 -18.23 22.68
CA TYR B 115 -4.36 -18.76 22.01
C TYR B 115 -3.10 -18.44 22.80
N LEU B 116 -2.92 -17.18 23.17
CA LEU B 116 -1.75 -16.76 23.91
C LEU B 116 -1.65 -17.50 25.24
N LYS B 117 -2.81 -17.75 25.86
CA LYS B 117 -2.83 -18.46 27.12
C LYS B 117 -2.38 -19.92 26.94
N ALA B 118 -2.81 -20.54 25.85
CA ALA B 118 -2.45 -21.93 25.58
C ALA B 118 -0.97 -22.09 25.29
N LEU B 119 -0.37 -21.10 24.64
CA LEU B 119 1.04 -21.16 24.30
C LEU B 119 1.89 -20.85 25.52
N THR B 120 1.30 -20.11 26.44
CA THR B 120 2.00 -19.65 27.64
C THR B 120 1.71 -20.45 28.91
N GLY B 121 0.63 -21.21 28.90
CA GLY B 121 0.28 -21.98 30.08
C GLY B 121 -0.30 -21.09 31.18
N MET B 122 -0.84 -19.94 30.80
CA MET B 122 -1.43 -19.01 31.75
C MET B 122 -2.94 -19.24 31.89
N ASP B 123 -3.53 -18.74 32.98
CA ASP B 123 -4.95 -18.92 33.24
C ASP B 123 -5.83 -17.74 32.81
N ALA B 124 -5.31 -16.53 32.92
CA ALA B 124 -6.03 -15.33 32.51
C ALA B 124 -5.03 -14.43 31.80
N ILE B 125 -5.54 -13.42 31.11
CA ILE B 125 -4.66 -12.54 30.38
C ILE B 125 -5.29 -11.19 30.07
N THR B 126 -4.44 -10.18 29.95
CA THR B 126 -4.87 -8.83 29.58
C THR B 126 -4.16 -8.53 28.25
N LEU B 127 -4.91 -7.95 27.31
CA LEU B 127 -4.34 -7.61 26.00
C LEU B 127 -4.29 -6.10 25.88
N GLU B 128 -4.41 -5.41 27.03
CA GLU B 128 -4.44 -3.96 27.07
C GLU B 128 -3.14 -3.16 26.98
N PRO B 129 -2.09 -3.59 27.69
CA PRO B 129 -0.82 -2.84 27.65
C PRO B 129 -0.11 -2.64 26.31
N ALA B 130 0.53 -1.48 26.20
CA ALA B 130 1.28 -1.09 25.01
C ALA B 130 2.63 -1.80 24.91
N ALA B 131 3.47 -1.33 24.01
CA ALA B 131 4.79 -1.90 23.79
C ALA B 131 5.79 -1.50 24.88
N GLY B 132 7.08 -1.68 24.58
CA GLY B 132 8.13 -1.34 25.52
C GLY B 132 7.97 -2.00 26.88
N ALA B 133 8.23 -1.24 27.94
CA ALA B 133 8.12 -1.74 29.31
C ALA B 133 6.70 -1.66 29.88
N HIS B 134 5.75 -1.20 29.08
CA HIS B 134 4.38 -1.06 29.57
C HIS B 134 3.82 -2.35 30.18
N GLY B 135 3.90 -3.46 29.44
CA GLY B 135 3.40 -4.72 29.98
C GLY B 135 4.24 -5.18 31.17
N GLU B 136 5.52 -4.83 31.14
CA GLU B 136 6.43 -5.18 32.21
C GLU B 136 5.95 -4.52 33.50
N LEU B 137 5.62 -3.24 33.42
CA LEU B 137 5.11 -2.48 34.56
C LEU B 137 3.82 -3.11 35.07
N THR B 138 2.95 -3.48 34.13
CA THR B 138 1.67 -4.09 34.46
C THR B 138 1.87 -5.36 35.30
N GLY B 139 2.79 -6.23 34.85
CA GLY B 139 3.06 -7.46 35.58
C GLY B 139 3.62 -7.23 36.97
N ILE B 140 4.50 -6.23 37.11
CA ILE B 140 5.10 -5.92 38.41
C ILE B 140 4.05 -5.42 39.39
N LEU B 141 3.21 -4.51 38.93
CA LEU B 141 2.14 -3.95 39.73
C LEU B 141 1.21 -5.07 40.19
N ILE B 142 1.04 -6.07 39.34
CA ILE B 142 0.20 -7.21 39.66
C ILE B 142 0.83 -8.00 40.81
N ILE B 143 2.14 -8.19 40.73
CA ILE B 143 2.85 -8.92 41.77
C ILE B 143 2.78 -8.15 43.09
N ARG B 144 2.84 -6.82 42.99
CA ARG B 144 2.79 -6.00 44.20
C ARG B 144 1.41 -6.07 44.83
N ALA B 145 0.37 -6.04 44.00
CA ALA B 145 -1.01 -6.09 44.48
C ALA B 145 -1.26 -7.38 45.22
N TYR B 146 -0.75 -8.47 44.67
CA TYR B 146 -0.87 -9.80 45.24
C TYR B 146 -0.34 -9.81 46.68
N HIS B 147 0.94 -9.48 46.84
CA HIS B 147 1.55 -9.46 48.16
C HIS B 147 0.85 -8.52 49.13
N GLU B 148 0.53 -7.31 48.66
CA GLU B 148 -0.15 -6.31 49.48
C GLU B 148 -1.48 -6.89 49.98
N ASP B 149 -2.16 -7.63 49.12
CA ASP B 149 -3.46 -8.20 49.46
C ASP B 149 -3.36 -9.33 50.48
N ARG B 150 -2.26 -10.06 50.44
CA ARG B 150 -2.04 -11.17 51.36
C ARG B 150 -1.47 -10.64 52.65
N GLY B 151 -1.33 -9.32 52.73
CA GLY B 151 -0.82 -8.68 53.93
C GLY B 151 0.69 -8.66 54.09
N GLU B 152 1.44 -9.00 53.05
CA GLU B 152 2.90 -8.97 53.15
C GLU B 152 3.51 -7.85 52.33
N GLY B 153 2.68 -6.89 51.94
CA GLY B 153 3.17 -5.78 51.14
C GLY B 153 4.31 -4.98 51.73
N ARG B 154 4.33 -4.82 53.06
CA ARG B 154 5.39 -4.06 53.70
C ARG B 154 6.69 -4.82 53.89
N THR B 155 6.63 -6.15 53.76
CA THR B 155 7.82 -6.98 53.93
C THR B 155 8.42 -7.44 52.59
N ARG B 156 7.57 -7.76 51.63
CA ARG B 156 8.01 -8.15 50.29
C ARG B 156 8.46 -6.87 49.60
N ARG B 157 9.69 -6.45 49.83
CA ARG B 157 10.21 -5.20 49.29
C ARG B 157 11.33 -5.37 48.27
N VAL B 158 11.68 -6.60 47.98
CA VAL B 158 12.78 -6.86 47.08
C VAL B 158 12.47 -7.63 45.81
N VAL B 159 13.06 -7.18 44.71
CA VAL B 159 12.90 -7.85 43.43
C VAL B 159 14.31 -8.26 43.03
N LEU B 160 14.45 -9.51 42.61
CA LEU B 160 15.74 -10.04 42.20
C LEU B 160 15.86 -10.14 40.68
N VAL B 161 17.00 -9.72 40.15
CA VAL B 161 17.25 -9.80 38.72
C VAL B 161 18.66 -10.35 38.51
N PRO B 162 18.86 -11.10 37.41
CA PRO B 162 20.18 -11.65 37.13
C PRO B 162 21.10 -10.54 36.60
N ASP B 163 22.42 -10.73 36.70
CA ASP B 163 23.37 -9.73 36.24
C ASP B 163 23.27 -9.46 34.75
N SER B 164 22.72 -10.41 34.01
CA SER B 164 22.55 -10.28 32.56
C SER B 164 21.23 -9.64 32.14
N ALA B 165 20.32 -9.46 33.10
CA ALA B 165 19.02 -8.89 32.81
C ALA B 165 19.13 -7.57 32.05
N HIS B 166 18.07 -7.20 31.34
CA HIS B 166 18.08 -5.95 30.61
C HIS B 166 17.76 -4.84 31.64
N GLY B 167 18.43 -3.70 31.50
CA GLY B 167 18.21 -2.60 32.42
C GLY B 167 16.74 -2.27 32.66
N SER B 168 15.91 -2.63 31.69
CA SER B 168 14.48 -2.39 31.76
C SER B 168 13.87 -3.06 32.99
N ASN B 169 14.21 -4.32 33.23
CA ASN B 169 13.69 -5.08 34.36
C ASN B 169 13.80 -4.36 35.71
N PRO B 170 15.04 -4.03 36.15
CA PRO B 170 15.21 -3.34 37.43
C PRO B 170 14.63 -1.94 37.43
N ALA B 171 14.72 -1.25 36.29
CA ALA B 171 14.17 0.10 36.21
C ALA B 171 12.66 0.08 36.48
N THR B 172 11.97 -0.92 35.96
CA THR B 172 10.53 -1.01 36.16
C THR B 172 10.20 -1.38 37.61
N ALA B 173 10.92 -2.37 38.16
CA ALA B 173 10.71 -2.79 39.53
C ALA B 173 10.96 -1.63 40.48
N SER B 174 12.09 -0.97 40.25
CA SER B 174 12.51 0.17 41.05
C SER B 174 11.47 1.30 40.98
N MET B 175 10.84 1.45 39.82
CA MET B 175 9.85 2.47 39.63
C MET B 175 8.57 2.12 40.39
N ALA B 176 8.36 0.83 40.61
CA ALA B 176 7.19 0.35 41.34
C ALA B 176 7.44 0.32 42.84
N GLY B 177 8.51 0.99 43.27
CA GLY B 177 8.83 1.05 44.68
C GLY B 177 9.61 -0.12 45.28
N TYR B 178 10.13 -0.99 44.43
CA TYR B 178 10.90 -2.13 44.93
C TYR B 178 12.41 -1.87 44.95
N GLN B 179 13.09 -2.56 45.86
CA GLN B 179 14.53 -2.46 45.97
C GLN B 179 15.03 -3.66 45.17
N VAL B 180 15.92 -3.40 44.22
CA VAL B 180 16.45 -4.44 43.36
C VAL B 180 17.81 -4.99 43.78
N ARG B 181 17.91 -6.30 43.87
CA ARG B 181 19.17 -6.98 44.22
C ARG B 181 19.64 -7.77 43.00
N GLU B 182 20.89 -7.55 42.60
CA GLU B 182 21.42 -8.23 41.42
C GLU B 182 22.04 -9.59 41.80
N ILE B 183 21.71 -10.62 41.03
CA ILE B 183 22.23 -11.97 41.28
C ILE B 183 23.22 -12.35 40.18
N PRO B 184 24.45 -12.72 40.56
CA PRO B 184 25.48 -13.12 39.60
C PRO B 184 25.18 -14.48 38.98
N SER B 185 25.54 -14.66 37.71
CA SER B 185 25.32 -15.94 37.06
C SER B 185 26.59 -16.75 37.12
N GLY B 186 26.46 -18.05 36.87
CA GLY B 186 27.61 -18.92 36.91
C GLY B 186 28.59 -18.76 35.76
N PRO B 187 29.64 -19.59 35.72
CA PRO B 187 30.63 -19.49 34.65
C PRO B 187 29.99 -19.80 33.31
N GLU B 188 28.88 -20.54 33.33
CA GLU B 188 28.18 -20.91 32.10
C GLU B 188 27.20 -19.84 31.63
N GLY B 189 26.97 -18.83 32.46
CA GLY B 189 26.06 -17.77 32.10
C GLY B 189 24.63 -18.03 32.52
N GLU B 190 24.42 -19.06 33.32
CA GLU B 190 23.11 -19.39 33.83
C GLU B 190 23.01 -18.94 35.29
N VAL B 191 21.84 -19.03 35.87
CA VAL B 191 21.64 -18.63 37.26
C VAL B 191 22.44 -19.45 38.28
N ASP B 192 23.19 -18.76 39.13
CA ASP B 192 23.97 -19.39 40.18
C ASP B 192 22.99 -19.80 41.27
N LEU B 193 22.70 -21.09 41.38
CA LEU B 193 21.75 -21.57 42.38
C LEU B 193 22.14 -21.31 43.83
N GLU B 194 23.43 -21.31 44.13
CA GLU B 194 23.88 -21.05 45.49
C GLU B 194 23.67 -19.59 45.87
N ALA B 195 23.94 -18.70 44.91
CA ALA B 195 23.76 -17.27 45.13
C ALA B 195 22.28 -16.94 45.34
N LEU B 196 21.42 -17.63 44.59
CA LEU B 196 19.97 -17.42 44.68
C LEU B 196 19.39 -17.91 46.01
N LYS B 197 19.79 -19.11 46.42
CA LYS B 197 19.33 -19.70 47.67
C LYS B 197 19.69 -18.79 48.84
N ARG B 198 20.92 -18.31 48.80
CA ARG B 198 21.45 -17.43 49.83
C ARG B 198 20.65 -16.14 49.86
N GLU B 199 20.24 -15.69 48.66
CA GLU B 199 19.50 -14.46 48.52
C GLU B 199 18.00 -14.52 48.80
N LEU B 200 17.37 -15.66 48.54
CA LEU B 200 15.93 -15.78 48.74
C LEU B 200 15.51 -15.67 50.21
N GLY B 201 14.29 -15.20 50.42
CA GLY B 201 13.77 -15.03 51.76
C GLY B 201 12.41 -14.37 51.70
N PRO B 202 11.71 -14.20 52.84
CA PRO B 202 10.39 -13.57 52.89
C PRO B 202 10.36 -12.09 52.51
N HIS B 203 11.52 -11.52 52.20
CA HIS B 203 11.58 -10.11 51.83
C HIS B 203 11.48 -9.92 50.31
N VAL B 204 11.72 -10.99 49.56
CA VAL B 204 11.70 -10.96 48.11
C VAL B 204 10.33 -11.08 47.46
N ALA B 205 9.91 -10.02 46.78
CA ALA B 205 8.62 -9.98 46.10
C ALA B 205 8.61 -10.85 44.83
N ALA B 206 9.70 -10.80 44.07
CA ALA B 206 9.76 -11.54 42.83
C ALA B 206 11.14 -11.68 42.22
N LEU B 207 11.25 -12.62 41.29
CA LEU B 207 12.48 -12.87 40.56
C LEU B 207 12.10 -12.70 39.08
N MET B 208 12.83 -11.85 38.38
CA MET B 208 12.56 -11.58 36.97
C MET B 208 13.59 -12.24 36.06
N LEU B 209 13.10 -13.06 35.13
CA LEU B 209 14.00 -13.74 34.22
C LEU B 209 13.46 -13.85 32.82
N THR B 210 14.38 -14.00 31.87
CA THR B 210 14.03 -14.23 30.48
C THR B 210 14.54 -15.65 30.31
N ASN B 211 13.81 -16.48 29.59
CA ASN B 211 14.25 -17.86 29.38
C ASN B 211 13.79 -18.32 28.00
N PRO B 212 14.72 -18.50 27.06
CA PRO B 212 16.19 -18.32 27.15
C PRO B 212 16.60 -16.96 27.72
N ASN B 213 17.77 -16.90 28.35
CA ASN B 213 18.24 -15.64 28.92
C ASN B 213 18.86 -14.72 27.86
N THR B 214 19.32 -13.55 28.30
CA THR B 214 19.91 -12.56 27.39
C THR B 214 21.15 -13.02 26.66
N LEU B 215 21.72 -14.15 27.07
CA LEU B 215 22.90 -14.69 26.40
C LEU B 215 22.45 -15.71 25.36
N GLY B 216 21.14 -15.95 25.29
CA GLY B 216 20.60 -16.90 24.34
C GLY B 216 20.61 -18.31 24.87
N LEU B 217 20.93 -18.46 26.15
CA LEU B 217 20.99 -19.76 26.78
C LEU B 217 19.74 -20.11 27.58
N PHE B 218 19.29 -21.33 27.44
CA PHE B 218 18.13 -21.77 28.20
C PHE B 218 18.62 -22.05 29.62
N GLU B 219 17.84 -21.61 30.61
CA GLU B 219 18.18 -21.84 32.01
C GLU B 219 17.80 -23.27 32.33
N ARG B 220 18.74 -24.18 32.14
CA ARG B 220 18.53 -25.61 32.37
C ARG B 220 17.99 -26.03 33.73
N ARG B 221 18.23 -25.23 34.76
CA ARG B 221 17.75 -25.57 36.10
C ARG B 221 16.49 -24.78 36.49
N ILE B 222 15.76 -24.32 35.47
CA ILE B 222 14.55 -23.53 35.71
C ILE B 222 13.56 -24.18 36.67
N LEU B 223 13.42 -25.50 36.63
CA LEU B 223 12.49 -26.16 37.54
C LEU B 223 12.96 -26.05 39.00
N GLU B 224 14.27 -26.07 39.24
CA GLU B 224 14.80 -25.93 40.58
C GLU B 224 14.60 -24.49 41.06
N ILE B 225 14.86 -23.55 40.16
CA ILE B 225 14.70 -22.13 40.48
C ILE B 225 13.24 -21.84 40.87
N SER B 226 12.32 -22.47 40.16
CA SER B 226 10.90 -22.29 40.44
C SER B 226 10.58 -22.90 41.80
N ARG B 227 11.04 -24.13 42.03
CA ARG B 227 10.78 -24.81 43.29
C ARG B 227 11.27 -23.91 44.43
N LEU B 228 12.48 -23.38 44.30
CA LEU B 228 13.05 -22.50 45.31
C LEU B 228 12.19 -21.25 45.55
N CYS B 229 11.75 -20.62 44.47
CA CYS B 229 10.92 -19.42 44.57
C CYS B 229 9.55 -19.72 45.23
N LYS B 230 8.92 -20.82 44.87
CA LYS B 230 7.64 -21.18 45.45
C LYS B 230 7.81 -21.43 46.94
N GLU B 231 8.93 -22.06 47.30
CA GLU B 231 9.20 -22.37 48.70
C GLU B 231 9.28 -21.09 49.52
N ALA B 232 9.83 -20.04 48.93
CA ALA B 232 9.95 -18.76 49.62
C ALA B 232 8.76 -17.86 49.34
N GLY B 233 7.77 -18.38 48.60
CA GLY B 233 6.59 -17.59 48.27
C GLY B 233 6.93 -16.41 47.36
N VAL B 234 7.96 -16.59 46.56
CA VAL B 234 8.42 -15.56 45.63
C VAL B 234 7.77 -15.77 44.26
N GLN B 235 7.22 -14.70 43.67
CA GLN B 235 6.59 -14.81 42.36
C GLN B 235 7.64 -14.82 41.25
N LEU B 236 7.56 -15.79 40.35
CA LEU B 236 8.51 -15.89 39.25
C LEU B 236 7.95 -15.15 38.02
N TYR B 237 8.61 -14.05 37.67
CA TYR B 237 8.20 -13.21 36.55
C TYR B 237 8.95 -13.55 35.27
N TYR B 238 8.20 -13.68 34.17
CA TYR B 238 8.78 -14.02 32.88
C TYR B 238 8.80 -12.89 31.86
N ASP B 239 10.00 -12.38 31.58
CA ASP B 239 10.14 -11.36 30.57
C ASP B 239 10.05 -12.19 29.29
N GLY B 240 9.07 -11.91 28.45
CA GLY B 240 8.88 -12.70 27.25
C GLY B 240 9.63 -12.33 25.98
N ALA B 241 10.62 -11.45 26.09
CA ALA B 241 11.39 -11.03 24.93
C ALA B 241 11.94 -12.19 24.10
N ASN B 242 12.31 -13.29 24.76
CA ASN B 242 12.86 -14.43 24.04
C ASN B 242 11.94 -15.64 23.86
N LEU B 243 10.64 -15.41 23.91
CA LEU B 243 9.66 -16.48 23.74
C LEU B 243 9.83 -17.22 22.39
N ASN B 244 10.30 -16.51 21.37
CA ASN B 244 10.48 -17.07 20.03
C ASN B 244 11.30 -18.35 19.95
N ALA B 245 12.19 -18.55 20.91
CA ALA B 245 13.03 -19.74 20.91
C ALA B 245 12.26 -20.98 21.31
N ILE B 246 11.24 -20.82 22.13
CA ILE B 246 10.53 -21.99 22.62
C ILE B 246 9.05 -22.17 22.33
N MET B 247 8.46 -21.29 21.51
CA MET B 247 7.04 -21.45 21.18
C MET B 247 6.74 -22.90 20.84
N GLY B 248 5.78 -23.49 21.54
CA GLY B 248 5.40 -24.86 21.26
C GLY B 248 6.23 -25.98 21.87
N TRP B 249 7.48 -25.68 22.20
CA TRP B 249 8.36 -26.69 22.79
C TRP B 249 8.29 -26.68 24.30
N ALA B 250 8.03 -25.50 24.86
CA ALA B 250 7.94 -25.36 26.31
C ALA B 250 7.06 -24.19 26.66
N ARG B 251 6.18 -24.38 27.64
CA ARG B 251 5.29 -23.32 28.10
C ARG B 251 5.91 -22.69 29.35
N PRO B 252 5.99 -21.35 29.39
CA PRO B 252 6.55 -20.67 30.56
C PRO B 252 5.85 -21.12 31.85
N GLY B 253 4.55 -21.35 31.75
CA GLY B 253 3.78 -21.78 32.90
C GLY B 253 4.26 -23.09 33.50
N ASP B 254 4.68 -24.03 32.65
CA ASP B 254 5.17 -25.31 33.13
C ASP B 254 6.57 -25.17 33.76
N MET B 255 7.22 -24.03 33.55
CA MET B 255 8.54 -23.82 34.12
C MET B 255 8.41 -23.19 35.52
N GLY B 256 7.18 -22.83 35.89
CA GLY B 256 6.94 -22.24 37.20
C GLY B 256 6.70 -20.74 37.21
N PHE B 257 6.68 -20.10 36.06
CA PHE B 257 6.46 -18.65 35.97
C PHE B 257 5.01 -18.34 36.29
N ASP B 258 4.79 -17.32 37.12
CA ASP B 258 3.44 -16.93 37.53
C ASP B 258 2.82 -15.86 36.64
N VAL B 259 3.66 -15.00 36.09
CA VAL B 259 3.21 -13.93 35.21
C VAL B 259 4.09 -13.88 33.96
N VAL B 260 3.47 -13.68 32.80
CA VAL B 260 4.22 -13.64 31.54
C VAL B 260 4.00 -12.35 30.75
N HIS B 261 5.09 -11.69 30.40
CA HIS B 261 5.03 -10.46 29.61
C HIS B 261 5.38 -10.80 28.14
N LEU B 262 4.38 -10.69 27.26
CA LEU B 262 4.59 -11.00 25.85
C LEU B 262 4.76 -9.74 24.98
N ASN B 263 5.33 -9.92 23.79
CA ASN B 263 5.55 -8.81 22.88
C ASN B 263 5.10 -9.25 21.48
N LEU B 264 3.90 -8.83 21.11
CA LEU B 264 3.35 -9.18 19.81
C LEU B 264 4.24 -8.67 18.67
N HIS B 265 4.79 -7.47 18.83
CA HIS B 265 5.66 -6.87 17.83
C HIS B 265 7.01 -7.57 17.75
N LYS B 266 7.17 -8.64 18.53
CA LYS B 266 8.41 -9.37 18.49
C LYS B 266 8.15 -10.77 17.99
N THR B 267 7.64 -11.60 18.88
CA THR B 267 7.35 -13.00 18.59
C THR B 267 6.22 -13.24 17.58
N PHE B 268 5.22 -12.36 17.53
CA PHE B 268 4.11 -12.62 16.64
C PHE B 268 3.93 -11.77 15.36
N THR B 269 5.05 -11.29 14.82
CA THR B 269 5.12 -10.52 13.57
C THR B 269 4.55 -9.11 13.45
N VAL B 270 3.97 -8.56 14.53
CA VAL B 270 3.45 -7.19 14.43
C VAL B 270 4.66 -6.34 14.00
N PRO B 271 4.49 -5.51 12.97
CA PRO B 271 5.63 -4.68 12.53
C PRO B 271 6.22 -3.80 13.63
N HIS B 272 7.53 -3.63 13.59
CA HIS B 272 8.24 -2.80 14.57
C HIS B 272 8.02 -1.31 14.38
N GLY B 273 7.58 -0.94 13.17
CA GLY B 273 7.29 0.45 12.83
C GLY B 273 8.22 1.56 13.25
N GLY B 274 9.52 1.28 13.28
CA GLY B 274 10.48 2.30 13.64
C GLY B 274 10.58 2.59 15.12
N GLY B 275 9.92 1.76 15.94
CA GLY B 275 9.93 1.94 17.37
C GLY B 275 8.61 1.58 18.03
N GLY B 276 7.52 1.70 17.27
CA GLY B 276 6.20 1.39 17.77
C GLY B 276 5.17 1.78 16.72
N PRO B 277 3.87 1.61 16.99
CA PRO B 277 3.31 1.09 18.23
C PRO B 277 3.47 -0.42 18.29
N GLY B 278 3.15 -1.00 19.44
CA GLY B 278 3.26 -2.44 19.61
C GLY B 278 2.23 -2.90 20.63
N SER B 279 2.40 -4.12 21.15
CA SER B 279 1.47 -4.66 22.13
C SER B 279 2.17 -5.61 23.09
N GLY B 280 1.94 -5.40 24.39
CA GLY B 280 2.58 -6.23 25.40
C GLY B 280 1.61 -6.95 26.33
N PRO B 281 0.86 -7.94 25.81
CA PRO B 281 -0.08 -8.66 26.66
C PRO B 281 0.62 -9.28 27.88
N VAL B 282 -0.15 -9.50 28.94
CA VAL B 282 0.36 -10.07 30.17
C VAL B 282 -0.50 -11.27 30.62
N GLY B 283 0.12 -12.44 30.63
CA GLY B 283 -0.58 -13.66 31.04
C GLY B 283 -0.34 -13.91 32.52
N VAL B 284 -1.30 -14.52 33.19
CA VAL B 284 -1.15 -14.76 34.61
C VAL B 284 -1.74 -16.08 35.11
N LYS B 285 -1.16 -16.63 36.18
CA LYS B 285 -1.67 -17.87 36.77
C LYS B 285 -2.89 -17.48 37.59
N ALA B 286 -3.74 -18.45 37.89
CA ALA B 286 -4.96 -18.21 38.65
C ALA B 286 -4.86 -17.27 39.86
N HIS B 287 -3.85 -17.47 40.71
CA HIS B 287 -3.73 -16.64 41.92
C HIS B 287 -3.45 -15.16 41.68
N LEU B 288 -3.12 -14.78 40.45
CA LEU B 288 -2.83 -13.39 40.13
C LEU B 288 -3.92 -12.75 39.29
N ALA B 289 -4.74 -13.57 38.64
CA ALA B 289 -5.81 -13.06 37.76
C ALA B 289 -6.66 -11.93 38.34
N PRO B 290 -7.01 -11.99 39.63
CA PRO B 290 -7.83 -10.92 40.22
C PRO B 290 -7.24 -9.50 40.19
N TYR B 291 -5.94 -9.39 39.95
CA TYR B 291 -5.26 -8.10 39.93
C TYR B 291 -5.01 -7.56 38.52
N LEU B 292 -5.34 -8.36 37.51
CA LEU B 292 -5.17 -7.95 36.13
C LEU B 292 -5.78 -6.57 35.90
N PRO B 293 -5.17 -5.77 35.02
CA PRO B 293 -5.76 -4.45 34.79
C PRO B 293 -7.11 -4.65 34.12
N VAL B 294 -7.95 -3.63 34.15
CA VAL B 294 -9.28 -3.73 33.55
C VAL B 294 -9.34 -2.92 32.24
N PRO B 295 -10.22 -3.33 31.32
CA PRO B 295 -11.13 -4.47 31.40
C PRO B 295 -10.57 -5.73 30.74
N LEU B 296 -11.23 -6.85 30.95
CA LEU B 296 -10.81 -8.11 30.34
C LEU B 296 -11.91 -8.52 29.38
N VAL B 297 -11.56 -9.30 28.36
CA VAL B 297 -12.55 -9.75 27.41
C VAL B 297 -13.03 -11.14 27.84
N GLU B 298 -14.32 -11.24 28.12
CA GLU B 298 -14.93 -12.49 28.56
C GLU B 298 -16.01 -13.01 27.61
N ARG B 299 -16.36 -14.27 27.78
CA ARG B 299 -17.37 -14.91 26.95
C ARG B 299 -18.55 -15.38 27.80
N GLY B 300 -19.74 -14.90 27.48
CA GLY B 300 -20.93 -15.30 28.20
C GLY B 300 -21.84 -16.06 27.26
N GLU B 301 -22.90 -16.67 27.78
CA GLU B 301 -23.82 -17.43 26.91
C GLU B 301 -24.46 -16.49 25.88
N GLU B 302 -24.68 -15.24 26.29
CA GLU B 302 -25.28 -14.24 25.41
C GLU B 302 -24.29 -13.59 24.44
N GLY B 303 -23.01 -13.62 24.78
CA GLY B 303 -22.01 -13.02 23.91
C GLY B 303 -20.76 -12.50 24.59
N PHE B 304 -19.87 -11.90 23.80
CA PHE B 304 -18.62 -11.36 24.31
C PHE B 304 -18.87 -9.98 24.89
N TYR B 305 -18.14 -9.67 25.96
CA TYR B 305 -18.28 -8.37 26.61
C TYR B 305 -16.99 -7.96 27.33
N LEU B 306 -16.90 -6.68 27.66
CA LEU B 306 -15.75 -6.12 28.37
C LEU B 306 -16.07 -6.16 29.87
N ASP B 307 -15.29 -6.92 30.64
CA ASP B 307 -15.52 -7.04 32.07
C ASP B 307 -14.71 -6.04 32.87
N PHE B 308 -15.42 -5.14 33.56
CA PHE B 308 -14.81 -4.12 34.39
C PHE B 308 -15.01 -4.41 35.87
N ASP B 309 -15.88 -5.36 36.18
CA ASP B 309 -16.20 -5.73 37.56
C ASP B 309 -15.11 -6.59 38.19
N ARG B 310 -13.96 -5.96 38.44
CA ARG B 310 -12.81 -6.65 39.01
C ARG B 310 -12.39 -5.84 40.25
N PRO B 311 -13.02 -6.12 41.40
CA PRO B 311 -12.74 -5.44 42.67
C PRO B 311 -11.28 -5.31 43.09
N LYS B 312 -10.45 -6.27 42.72
CA LYS B 312 -9.04 -6.25 43.11
C LYS B 312 -8.09 -5.79 42.00
N SER B 313 -8.65 -5.42 40.86
CA SER B 313 -7.86 -4.97 39.72
C SER B 313 -6.93 -3.83 40.08
N ILE B 314 -5.77 -3.76 39.41
CA ILE B 314 -4.82 -2.68 39.65
C ILE B 314 -5.30 -1.41 38.97
N GLY B 315 -6.31 -1.55 38.11
CA GLY B 315 -6.85 -0.41 37.41
C GLY B 315 -6.63 -0.45 35.91
N ARG B 316 -6.53 0.73 35.31
CA ARG B 316 -6.31 0.84 33.87
C ARG B 316 -4.88 1.31 33.63
N VAL B 317 -4.17 0.67 32.70
CA VAL B 317 -2.78 1.04 32.42
C VAL B 317 -2.59 1.86 31.15
N ARG B 318 -3.61 1.88 30.31
CA ARG B 318 -3.59 2.66 29.08
C ARG B 318 -5.04 2.80 28.62
N SER B 319 -5.26 3.59 27.57
CA SER B 319 -6.60 3.83 27.07
C SER B 319 -7.31 2.68 26.37
N PHE B 320 -8.62 2.71 26.46
CA PHE B 320 -9.48 1.72 25.83
C PHE B 320 -9.12 0.27 26.12
N TYR B 321 -8.83 -0.52 25.09
CA TYR B 321 -8.56 -1.94 25.35
C TYR B 321 -7.23 -2.51 24.90
N GLY B 322 -6.35 -1.66 24.36
CA GLY B 322 -5.06 -2.13 23.90
C GLY B 322 -4.90 -1.86 22.42
N ASN B 323 -3.76 -2.23 21.85
CA ASN B 323 -3.52 -2.01 20.41
C ASN B 323 -4.30 -3.07 19.62
N PHE B 324 -5.58 -2.81 19.42
CA PHE B 324 -6.47 -3.75 18.72
C PHE B 324 -5.98 -4.22 17.36
N LEU B 325 -5.48 -3.29 16.54
CA LEU B 325 -5.01 -3.68 15.21
C LEU B 325 -3.83 -4.64 15.32
N ALA B 326 -3.01 -4.46 16.35
CA ALA B 326 -1.87 -5.36 16.56
C ALA B 326 -2.39 -6.74 16.95
N LEU B 327 -3.45 -6.78 17.75
CA LEU B 327 -4.03 -8.05 18.18
C LEU B 327 -4.53 -8.80 16.95
N VAL B 328 -5.18 -8.07 16.05
CA VAL B 328 -5.70 -8.65 14.82
C VAL B 328 -4.56 -9.36 14.09
N ARG B 329 -3.44 -8.66 13.93
CA ARG B 329 -2.28 -9.22 13.23
C ARG B 329 -1.79 -10.50 13.91
N ALA B 330 -1.57 -10.44 15.22
CA ALA B 330 -1.10 -11.59 15.97
C ALA B 330 -2.06 -12.76 15.75
N TRP B 331 -3.36 -12.47 15.78
CA TRP B 331 -4.38 -13.47 15.58
C TRP B 331 -4.20 -14.13 14.21
N ALA B 332 -4.12 -13.32 13.17
CA ALA B 332 -3.94 -13.84 11.81
C ALA B 332 -2.73 -14.77 11.74
N TYR B 333 -1.63 -14.35 12.34
CA TYR B 333 -0.39 -15.12 12.35
C TYR B 333 -0.57 -16.51 12.94
N ILE B 334 -1.13 -16.56 14.15
CA ILE B 334 -1.37 -17.81 14.85
C ILE B 334 -2.36 -18.70 14.11
N ARG B 335 -3.42 -18.11 13.55
CA ARG B 335 -4.40 -18.90 12.79
C ARG B 335 -3.78 -19.39 11.48
N THR B 336 -2.68 -18.77 11.05
CA THR B 336 -2.02 -19.19 9.82
C THR B 336 -1.11 -20.41 10.08
N LEU B 337 -0.19 -20.28 11.03
CA LEU B 337 0.75 -21.37 11.35
C LEU B 337 0.22 -22.51 12.20
N GLY B 338 -0.67 -22.22 13.14
CA GLY B 338 -1.15 -23.28 14.02
C GLY B 338 -0.01 -23.69 14.95
N LEU B 339 -0.24 -24.69 15.79
CA LEU B 339 0.81 -25.14 16.70
C LEU B 339 2.06 -25.63 15.96
N GLU B 340 1.87 -26.41 14.91
CA GLU B 340 3.00 -26.94 14.17
C GLU B 340 3.83 -25.85 13.47
N GLY B 341 3.18 -24.78 13.04
CA GLY B 341 3.90 -23.71 12.37
C GLY B 341 4.70 -22.86 13.36
N LEU B 342 4.15 -22.63 14.54
CA LEU B 342 4.83 -21.86 15.57
C LEU B 342 5.98 -22.71 16.13
N LYS B 343 5.72 -24.00 16.31
CA LYS B 343 6.73 -24.90 16.84
C LYS B 343 7.93 -24.96 15.89
N LYS B 344 7.65 -25.08 14.60
CA LYS B 344 8.70 -25.13 13.59
C LYS B 344 9.44 -23.80 13.50
N ALA B 345 8.72 -22.70 13.68
CA ALA B 345 9.35 -21.38 13.63
C ALA B 345 10.42 -21.30 14.71
N ALA B 346 10.04 -21.70 15.92
CA ALA B 346 10.95 -21.68 17.05
C ALA B 346 12.18 -22.53 16.75
N ALA B 347 11.96 -23.75 16.26
CA ALA B 347 13.05 -24.64 15.95
C ALA B 347 14.03 -24.03 14.97
N LEU B 348 13.49 -23.48 13.88
CA LEU B 348 14.33 -22.87 12.86
C LEU B 348 14.94 -21.55 13.29
N ALA B 349 14.34 -20.90 14.28
CA ALA B 349 14.90 -19.64 14.77
C ALA B 349 16.15 -20.03 15.54
N VAL B 350 16.07 -21.15 16.25
CA VAL B 350 17.19 -21.65 17.03
C VAL B 350 18.26 -22.22 16.10
N LEU B 351 17.85 -22.94 15.06
CA LEU B 351 18.82 -23.50 14.12
C LEU B 351 19.62 -22.39 13.43
N ASN B 352 18.94 -21.34 13.01
CA ASN B 352 19.59 -20.22 12.35
C ASN B 352 20.63 -19.55 13.25
N ALA B 353 20.29 -19.38 14.53
CA ALA B 353 21.21 -18.76 15.47
C ALA B 353 22.40 -19.67 15.78
N ARG B 354 22.11 -20.95 16.02
CA ARG B 354 23.17 -21.91 16.33
C ARG B 354 24.11 -22.07 15.14
N TYR B 355 23.55 -22.02 13.93
CA TYR B 355 24.33 -22.15 12.71
C TYR B 355 25.16 -20.89 12.46
N LEU B 356 24.54 -19.72 12.60
CA LEU B 356 25.26 -18.46 12.39
C LEU B 356 26.36 -18.30 13.43
N LYS B 357 26.13 -18.80 14.64
CA LYS B 357 27.15 -18.71 15.70
C LYS B 357 28.40 -19.47 15.26
N GLU B 358 28.20 -20.65 14.67
CA GLU B 358 29.31 -21.45 14.20
C GLU B 358 30.04 -20.70 13.10
N LEU B 359 29.27 -20.06 12.22
CA LEU B 359 29.87 -19.30 11.12
C LEU B 359 30.70 -18.13 11.62
N LEU B 360 30.19 -17.45 12.64
CA LEU B 360 30.92 -16.30 13.19
C LEU B 360 32.18 -16.73 13.92
N LYS B 361 32.10 -17.84 14.64
CA LYS B 361 33.26 -18.35 15.35
C LYS B 361 34.33 -18.75 14.34
N GLU B 362 33.91 -19.21 13.17
CA GLU B 362 34.86 -19.61 12.15
C GLU B 362 35.47 -18.37 11.52
N LYS B 363 34.74 -17.27 11.61
CA LYS B 363 35.21 -16.01 11.03
C LYS B 363 36.14 -15.27 11.99
N GLY B 364 36.41 -15.87 13.15
CA GLY B 364 37.31 -15.25 14.11
C GLY B 364 36.68 -14.57 15.32
N TYR B 365 35.37 -14.65 15.45
CA TYR B 365 34.70 -14.03 16.59
C TYR B 365 34.67 -14.97 17.79
N ARG B 366 34.63 -14.38 18.99
CA ARG B 366 34.60 -15.15 20.22
C ARG B 366 33.18 -15.24 20.80
N VAL B 367 32.90 -16.32 21.50
CA VAL B 367 31.60 -16.50 22.14
C VAL B 367 31.87 -16.91 23.59
N PRO B 368 31.94 -15.90 24.48
CA PRO B 368 32.20 -16.03 25.93
C PRO B 368 31.38 -17.08 26.66
N TYR B 369 30.10 -17.16 26.32
CA TYR B 369 29.20 -18.12 26.93
C TYR B 369 28.55 -18.93 25.83
N ASP B 370 29.13 -20.06 25.47
CA ASP B 370 28.49 -20.79 24.40
C ASP B 370 28.07 -22.23 24.63
N GLY B 371 26.99 -22.36 25.40
CA GLY B 371 26.41 -23.67 25.65
C GLY B 371 25.51 -23.79 24.43
N PRO B 372 24.69 -24.85 24.33
CA PRO B 372 23.84 -24.92 23.13
C PRO B 372 23.03 -23.63 22.95
N SER B 373 23.22 -23.00 21.80
CA SER B 373 22.56 -21.74 21.51
C SER B 373 21.09 -21.88 21.10
N MET B 374 20.28 -20.90 21.50
CA MET B 374 18.86 -20.91 21.17
C MET B 374 18.57 -19.95 20.02
N HIS B 375 17.67 -18.98 20.22
CA HIS B 375 17.30 -18.04 19.15
C HIS B 375 18.33 -16.93 18.93
N GLU B 376 19.23 -16.76 19.88
CA GLU B 376 20.26 -15.73 19.76
C GLU B 376 21.52 -16.16 20.48
N PHE B 377 22.57 -15.38 20.35
CA PHE B 377 23.84 -15.67 21.01
C PHE B 377 24.62 -14.38 21.09
N VAL B 378 25.59 -14.33 22.00
CA VAL B 378 26.40 -13.14 22.17
C VAL B 378 27.85 -13.39 21.80
N ALA B 379 28.33 -12.68 20.78
CA ALA B 379 29.69 -12.82 20.32
C ALA B 379 30.48 -11.57 20.62
N GLN B 380 31.81 -11.67 20.47
CA GLN B 380 32.71 -10.56 20.70
C GLN B 380 33.73 -10.54 19.58
N PRO B 381 34.20 -9.36 19.20
CA PRO B 381 35.21 -9.37 18.14
C PRO B 381 36.52 -9.73 18.82
N PRO B 382 37.52 -10.15 18.04
CA PRO B 382 38.78 -10.50 18.70
C PRO B 382 39.35 -9.22 19.31
N GLU B 383 40.26 -9.35 20.26
CA GLU B 383 40.84 -8.17 20.90
C GLU B 383 41.37 -7.18 19.87
N GLY B 384 41.18 -5.90 20.14
CA GLY B 384 41.65 -4.87 19.22
C GLY B 384 40.57 -4.24 18.37
N PHE B 385 39.41 -4.88 18.29
CA PHE B 385 38.30 -4.36 17.50
C PHE B 385 37.16 -3.90 18.39
N ARG B 386 36.52 -2.81 18.00
CA ARG B 386 35.38 -2.30 18.76
C ARG B 386 34.11 -2.66 18.00
N ALA B 387 33.16 -3.26 18.70
CA ALA B 387 31.89 -3.66 18.08
C ALA B 387 31.34 -2.46 17.33
N LEU B 388 31.50 -1.28 17.92
CA LEU B 388 31.04 -0.03 17.33
C LEU B 388 31.52 0.13 15.89
N ASP B 389 32.82 -0.05 15.67
CA ASP B 389 33.41 0.08 14.34
C ASP B 389 32.94 -1.02 13.39
N LEU B 390 32.88 -2.24 13.91
CA LEU B 390 32.45 -3.35 13.08
C LEU B 390 31.02 -3.12 12.63
N ALA B 391 30.22 -2.49 13.49
CA ALA B 391 28.84 -2.20 13.15
C ALA B 391 28.77 -1.22 11.99
N LYS B 392 29.57 -0.17 12.06
CA LYS B 392 29.59 0.83 10.99
C LYS B 392 30.08 0.26 9.66
N GLY B 393 30.99 -0.70 9.72
CA GLY B 393 31.48 -1.31 8.49
C GLY B 393 30.38 -2.15 7.87
N LEU B 394 29.59 -2.80 8.72
CA LEU B 394 28.49 -3.63 8.28
C LEU B 394 27.56 -2.75 7.45
N LEU B 395 27.26 -1.57 7.98
CA LEU B 395 26.40 -0.60 7.33
C LEU B 395 26.91 -0.33 5.92
N GLU B 396 28.22 -0.19 5.77
CA GLU B 396 28.84 0.06 4.48
C GLU B 396 28.68 -1.14 3.56
N LEU B 397 28.71 -2.34 4.13
CA LEU B 397 28.58 -3.57 3.37
C LEU B 397 27.12 -3.98 3.07
N GLY B 398 26.19 -3.06 3.34
CA GLY B 398 24.78 -3.33 3.07
C GLY B 398 24.00 -4.21 4.02
N PHE B 399 24.54 -4.45 5.20
CA PHE B 399 23.85 -5.27 6.19
C PHE B 399 23.56 -4.39 7.40
N HIS B 400 22.69 -4.84 8.28
CA HIS B 400 22.40 -4.07 9.48
C HIS B 400 23.02 -4.86 10.62
N PRO B 401 23.75 -4.17 11.51
CA PRO B 401 24.41 -4.83 12.64
C PRO B 401 23.43 -5.42 13.64
N PRO B 402 23.92 -6.34 14.49
CA PRO B 402 23.06 -6.96 15.49
C PRO B 402 22.99 -5.98 16.65
N THR B 403 22.35 -6.35 17.75
CA THR B 403 22.29 -5.45 18.90
C THR B 403 23.74 -5.33 19.43
N VAL B 404 24.17 -4.11 19.74
CA VAL B 404 25.52 -3.92 20.23
C VAL B 404 25.62 -3.42 21.67
N TYR B 405 26.67 -3.89 22.35
CA TYR B 405 26.95 -3.51 23.73
C TYR B 405 25.92 -3.99 24.74
N PHE B 406 25.34 -5.15 24.45
CA PHE B 406 24.37 -5.77 25.33
C PHE B 406 24.34 -7.26 24.99
N PRO B 407 24.31 -8.13 26.02
CA PRO B 407 24.29 -7.78 27.44
C PRO B 407 25.60 -7.16 27.95
N LEU B 408 25.48 -6.36 29.00
CA LEU B 408 26.61 -5.67 29.59
C LEU B 408 27.72 -6.56 30.15
N ILE B 409 27.38 -7.77 30.59
CA ILE B 409 28.40 -8.66 31.14
C ILE B 409 29.43 -9.16 30.12
N VAL B 410 29.20 -8.85 28.84
CA VAL B 410 30.12 -9.23 27.77
C VAL B 410 30.58 -7.95 27.11
N LYS B 411 31.87 -7.63 27.23
CA LYS B 411 32.40 -6.42 26.64
C LYS B 411 32.45 -6.49 25.12
N GLU B 412 32.19 -5.36 24.48
CA GLU B 412 32.21 -5.26 23.02
C GLU B 412 31.23 -6.29 22.43
N ALA B 413 30.18 -6.58 23.19
CA ALA B 413 29.16 -7.55 22.81
C ALA B 413 28.37 -7.29 21.53
N LEU B 414 28.10 -8.39 20.84
CA LEU B 414 27.31 -8.36 19.61
C LEU B 414 26.23 -9.41 19.83
N MET B 415 25.01 -8.94 20.10
CA MET B 415 23.88 -9.83 20.37
C MET B 415 23.15 -10.10 19.05
N VAL B 416 23.36 -11.31 18.51
CA VAL B 416 22.81 -11.73 17.24
C VAL B 416 21.57 -12.64 17.28
N GLU B 417 20.50 -12.18 16.64
CA GLU B 417 19.25 -12.92 16.56
C GLU B 417 18.73 -12.85 15.12
N PRO B 418 18.95 -13.91 14.33
CA PRO B 418 18.52 -13.95 12.93
C PRO B 418 17.03 -14.24 12.65
N THR B 419 16.34 -14.85 13.61
CA THR B 419 14.93 -15.24 13.49
C THR B 419 14.81 -16.35 12.45
N GLU B 420 13.66 -17.03 12.47
CA GLU B 420 13.39 -18.15 11.59
C GLU B 420 13.12 -17.83 10.13
N THR B 421 12.81 -16.57 9.82
CA THR B 421 12.50 -16.22 8.43
C THR B 421 13.69 -15.90 7.54
N GLU B 422 14.91 -15.84 8.08
CA GLU B 422 16.08 -15.57 7.26
C GLU B 422 16.62 -16.87 6.64
N ALA B 423 17.01 -16.79 5.37
CA ALA B 423 17.52 -17.96 4.65
C ALA B 423 18.96 -18.31 4.97
N LYS B 424 19.29 -19.58 4.79
CA LYS B 424 20.63 -20.11 5.05
C LYS B 424 21.73 -19.32 4.34
N GLU B 425 21.54 -19.03 3.06
CA GLU B 425 22.53 -18.28 2.29
C GLU B 425 22.68 -16.84 2.79
N THR B 426 21.63 -16.30 3.41
CA THR B 426 21.70 -14.94 3.92
C THR B 426 22.56 -14.93 5.18
N LEU B 427 22.43 -15.98 6.00
CA LEU B 427 23.23 -16.08 7.21
C LEU B 427 24.71 -16.13 6.78
N GLU B 428 25.00 -16.92 5.76
CA GLU B 428 26.36 -17.07 5.26
C GLU B 428 26.90 -15.76 4.69
N ALA B 429 26.10 -15.07 3.89
CA ALA B 429 26.51 -13.79 3.33
C ALA B 429 26.85 -12.83 4.49
N PHE B 430 26.02 -12.81 5.52
CA PHE B 430 26.26 -11.96 6.68
C PHE B 430 27.58 -12.34 7.34
N ALA B 431 27.77 -13.63 7.57
CA ALA B 431 28.99 -14.12 8.20
C ALA B 431 30.22 -13.71 7.38
N GLU B 432 30.09 -13.77 6.06
CA GLU B 432 31.17 -13.39 5.15
C GLU B 432 31.54 -11.93 5.39
N ALA B 433 30.52 -11.08 5.55
CA ALA B 433 30.71 -9.66 5.79
C ALA B 433 31.36 -9.42 7.14
N MET B 434 30.90 -10.13 8.16
CA MET B 434 31.48 -9.97 9.50
C MET B 434 32.95 -10.38 9.48
N GLY B 435 33.27 -11.40 8.70
CA GLY B 435 34.63 -11.87 8.58
C GLY B 435 35.53 -10.93 7.81
N ALA B 436 35.05 -10.44 6.68
CA ALA B 436 35.81 -9.51 5.84
C ALA B 436 36.16 -8.23 6.59
N LEU B 437 35.35 -7.85 7.57
CA LEU B 437 35.60 -6.64 8.35
C LEU B 437 36.85 -6.78 9.21
N LEU B 438 37.07 -7.96 9.76
CA LEU B 438 38.25 -8.20 10.60
C LEU B 438 39.55 -8.13 9.80
N LYS B 439 39.43 -8.09 8.48
CA LYS B 439 40.60 -8.03 7.62
C LYS B 439 40.83 -6.62 7.10
N LYS B 440 39.86 -5.74 7.34
CA LYS B 440 39.93 -4.35 6.91
C LYS B 440 40.90 -3.57 7.80
N PRO B 441 41.63 -2.61 7.21
CA PRO B 441 42.58 -1.83 8.01
C PRO B 441 41.83 -1.07 9.11
N LYS B 442 42.52 -0.77 10.20
CA LYS B 442 41.91 -0.07 11.33
C LYS B 442 41.29 1.27 10.96
N GLU B 443 41.97 2.04 10.10
CA GLU B 443 41.46 3.33 9.70
C GLU B 443 40.17 3.20 8.90
N TRP B 444 40.14 2.27 7.96
CA TRP B 444 38.95 2.05 7.13
C TRP B 444 37.74 1.77 8.01
N LEU B 445 37.97 1.01 9.07
CA LEU B 445 36.93 0.61 10.02
C LEU B 445 36.46 1.77 10.89
N GLU B 446 37.41 2.51 11.47
CA GLU B 446 37.09 3.64 12.35
C GLU B 446 36.47 4.83 11.62
N ASN B 447 36.47 4.79 10.29
CA ASN B 447 35.90 5.87 9.50
C ASN B 447 34.75 5.45 8.62
N ALA B 448 34.19 4.28 8.90
CA ALA B 448 33.05 3.76 8.14
C ALA B 448 31.78 4.32 8.79
N PRO B 449 30.69 4.44 8.02
CA PRO B 449 30.52 4.11 6.60
C PRO B 449 31.00 5.20 5.65
N TYR B 450 30.79 4.98 4.37
CA TYR B 450 31.21 5.93 3.35
C TYR B 450 30.14 6.17 2.28
N SER B 451 29.36 5.14 1.96
CA SER B 451 28.34 5.24 0.91
C SER B 451 26.91 5.48 1.38
N THR B 452 26.68 5.41 2.69
CA THR B 452 25.35 5.61 3.23
C THR B 452 24.94 7.07 3.07
N PRO B 453 23.64 7.35 3.06
CA PRO B 453 23.12 8.73 2.91
C PRO B 453 23.87 9.78 3.73
N VAL B 454 24.43 9.35 4.85
CA VAL B 454 25.19 10.24 5.70
C VAL B 454 26.23 9.36 6.38
N ARG B 455 27.40 9.90 6.67
CA ARG B 455 28.43 9.10 7.32
C ARG B 455 28.31 9.22 8.83
N ARG B 456 29.28 8.68 9.55
CA ARG B 456 29.24 8.73 11.00
C ARG B 456 28.84 10.11 11.50
N LEU B 457 27.88 10.15 12.43
CA LEU B 457 27.36 11.42 12.96
C LEU B 457 27.99 11.94 14.25
N ASP B 458 28.12 13.26 14.31
CA ASP B 458 28.69 13.96 15.45
C ASP B 458 27.73 13.82 16.64
N GLU B 459 27.86 12.74 17.40
CA GLU B 459 26.99 12.52 18.54
C GLU B 459 27.27 13.52 19.67
N LEU B 460 28.46 14.09 19.68
CA LEU B 460 28.83 15.06 20.70
C LEU B 460 28.12 16.39 20.49
N ARG B 461 28.09 16.87 19.25
CA ARG B 461 27.42 18.13 18.96
C ARG B 461 25.93 17.97 19.25
N ALA B 462 25.41 16.78 18.98
CA ALA B 462 24.00 16.51 19.20
C ALA B 462 23.64 16.58 20.69
N ASN B 463 24.61 16.28 21.54
CA ASN B 463 24.38 16.31 22.98
C ASN B 463 24.71 17.65 23.64
N LYS B 464 25.74 18.33 23.16
CA LYS B 464 26.11 19.61 23.73
C LYS B 464 25.43 20.79 23.04
N HIS B 465 25.12 20.64 21.75
CA HIS B 465 24.45 21.69 21.00
C HIS B 465 23.19 21.13 20.34
N PRO B 466 22.29 20.52 21.13
CA PRO B 466 21.06 19.95 20.60
C PRO B 466 20.11 20.94 19.93
N LYS B 467 19.53 20.50 18.83
CA LYS B 467 18.57 21.29 18.06
C LYS B 467 17.40 20.31 17.97
N LEU B 468 16.44 20.46 18.87
CA LEU B 468 15.30 19.57 18.92
C LEU B 468 14.12 19.84 17.97
N THR B 469 14.07 21.02 17.37
CA THR B 469 13.00 21.33 16.43
C THR B 469 13.54 22.23 15.34
N TYR B 470 12.82 22.29 14.23
CA TYR B 470 13.24 23.13 13.11
C TYR B 470 13.40 24.60 13.53
N PHE B 471 12.49 25.07 14.40
CA PHE B 471 12.52 26.47 14.84
C PHE B 471 13.37 26.73 16.07
N ASP B 472 13.98 25.68 16.61
CA ASP B 472 14.84 25.78 17.79
C ASP B 472 15.13 27.21 18.23
N MET C 1 -12.07 20.08 -5.41
CA MET C 1 -10.70 20.39 -4.92
C MET C 1 -9.66 20.12 -6.03
N ASP C 2 -8.42 20.55 -5.83
CA ASP C 2 -7.40 20.34 -6.86
C ASP C 2 -6.05 19.90 -6.30
N TYR C 3 -5.16 19.46 -7.19
CA TYR C 3 -3.83 19.00 -6.81
C TYR C 3 -2.75 19.99 -7.20
N THR C 4 -3.17 21.17 -7.60
CA THR C 4 -2.28 22.24 -8.02
C THR C 4 -1.54 22.85 -6.83
N PRO C 5 -0.21 23.04 -6.96
CA PRO C 5 0.59 23.62 -5.87
C PRO C 5 0.74 25.14 -5.90
N HIS C 6 0.37 25.76 -7.02
CA HIS C 6 0.52 27.21 -7.16
C HIS C 6 -0.30 28.08 -6.22
N THR C 7 0.36 29.03 -5.58
CA THR C 7 -0.32 29.97 -4.70
C THR C 7 -0.58 31.20 -5.56
N GLU C 8 -1.46 32.08 -5.09
CA GLU C 8 -1.80 33.28 -5.83
C GLU C 8 -0.62 34.15 -6.27
N GLU C 9 0.28 34.49 -5.35
CA GLU C 9 1.42 35.33 -5.75
C GLU C 9 2.34 34.57 -6.71
N GLU C 10 2.45 33.26 -6.53
CA GLU C 10 3.28 32.45 -7.42
C GLU C 10 2.70 32.50 -8.84
N ILE C 11 1.39 32.40 -8.96
CA ILE C 11 0.73 32.46 -10.25
C ILE C 11 0.92 33.82 -10.91
N ARG C 12 0.77 34.88 -10.12
CA ARG C 12 0.94 36.23 -10.63
C ARG C 12 2.35 36.46 -11.16
N GLU C 13 3.36 36.11 -10.37
CA GLU C 13 4.73 36.30 -10.80
C GLU C 13 5.04 35.51 -12.07
N MET C 14 4.62 34.25 -12.11
CA MET C 14 4.87 33.41 -13.28
C MET C 14 4.21 34.03 -14.51
N LEU C 15 3.02 34.57 -14.33
CA LEU C 15 2.31 35.22 -15.42
C LEU C 15 3.13 36.43 -15.90
N ARG C 16 3.66 37.22 -14.96
CA ARG C 16 4.45 38.39 -15.34
C ARG C 16 5.72 37.97 -16.09
N ARG C 17 6.28 36.82 -15.71
CA ARG C 17 7.49 36.32 -16.36
C ARG C 17 7.25 35.77 -17.76
N VAL C 18 6.02 35.34 -18.06
CA VAL C 18 5.70 34.81 -19.38
C VAL C 18 4.92 35.84 -20.21
N GLY C 19 4.75 37.03 -19.65
CA GLY C 19 4.03 38.10 -20.34
C GLY C 19 2.55 37.88 -20.57
N ALA C 20 1.86 37.25 -19.63
CA ALA C 20 0.43 37.02 -19.77
C ALA C 20 -0.27 37.82 -18.69
N ALA C 21 -1.43 38.38 -19.02
CA ALA C 21 -2.19 39.21 -18.09
C ALA C 21 -2.90 38.40 -17.00
N SER C 22 -3.44 37.24 -17.39
CA SER C 22 -4.17 36.39 -16.47
C SER C 22 -4.11 34.95 -16.96
N LEU C 23 -4.87 34.07 -16.31
CA LEU C 23 -4.93 32.68 -16.73
C LEU C 23 -5.72 32.59 -18.01
N GLU C 24 -6.86 33.30 -18.07
CA GLU C 24 -7.69 33.28 -19.26
C GLU C 24 -6.94 33.87 -20.45
N ASP C 25 -6.05 34.81 -20.16
CA ASP C 25 -5.26 35.46 -21.20
C ASP C 25 -4.31 34.47 -21.88
N LEU C 26 -4.01 33.37 -21.20
CA LEU C 26 -3.12 32.36 -21.76
C LEU C 26 -3.76 31.73 -22.97
N PHE C 27 -5.09 31.84 -23.06
CA PHE C 27 -5.83 31.26 -24.18
C PHE C 27 -6.38 32.34 -25.09
N ALA C 28 -5.78 33.52 -25.04
CA ALA C 28 -6.25 34.64 -25.86
C ALA C 28 -6.19 34.37 -27.35
N HIS C 29 -5.17 33.62 -27.78
CA HIS C 29 -5.00 33.33 -29.21
C HIS C 29 -5.92 32.27 -29.80
N LEU C 30 -6.68 31.57 -28.95
CA LEU C 30 -7.61 30.58 -29.48
C LEU C 30 -8.79 31.36 -30.04
N PRO C 31 -9.48 30.81 -31.05
CA PRO C 31 -10.63 31.53 -31.63
C PRO C 31 -11.72 31.71 -30.57
N LYS C 32 -12.11 32.96 -30.34
CA LYS C 32 -13.12 33.34 -29.37
C LYS C 32 -14.39 32.51 -29.28
N GLU C 33 -14.89 32.01 -30.41
CA GLU C 33 -16.14 31.25 -30.39
C GLU C 33 -16.13 29.87 -29.74
N ILE C 34 -14.95 29.30 -29.49
CA ILE C 34 -14.88 28.00 -28.85
C ILE C 34 -14.53 28.17 -27.38
N LEU C 35 -13.95 29.32 -27.03
CA LEU C 35 -13.53 29.61 -25.67
C LEU C 35 -14.56 29.46 -24.55
N SER C 36 -14.13 28.77 -23.50
CA SER C 36 -14.93 28.53 -22.30
C SER C 36 -16.40 28.17 -22.50
N PRO C 37 -16.66 26.99 -23.09
CA PRO C 37 -18.02 26.53 -23.35
C PRO C 37 -18.69 26.07 -22.05
N PRO C 38 -20.03 26.12 -21.99
CA PRO C 38 -20.73 25.70 -20.77
C PRO C 38 -20.80 24.17 -20.63
N ILE C 39 -19.72 23.58 -20.14
CA ILE C 39 -19.65 22.14 -19.95
C ILE C 39 -20.35 21.76 -18.66
N ASP C 40 -21.27 20.79 -18.73
CA ASP C 40 -22.00 20.36 -17.55
C ASP C 40 -21.42 19.14 -16.86
N LEU C 41 -20.86 19.38 -15.67
CA LEU C 41 -20.25 18.33 -14.85
C LEU C 41 -20.67 18.61 -13.41
N PRO C 42 -20.85 17.56 -12.60
CA PRO C 42 -21.23 17.84 -11.21
C PRO C 42 -20.20 18.72 -10.51
N GLU C 43 -20.64 19.43 -9.49
CA GLU C 43 -19.77 20.31 -8.73
C GLU C 43 -18.66 19.52 -8.04
N PRO C 44 -17.49 20.13 -7.85
CA PRO C 44 -16.39 19.41 -7.19
C PRO C 44 -16.76 18.93 -5.79
N LEU C 45 -16.17 17.81 -5.39
CA LEU C 45 -16.42 17.22 -4.08
C LEU C 45 -15.08 16.96 -3.38
N PRO C 46 -15.03 17.12 -2.06
CA PRO C 46 -13.75 16.85 -1.37
C PRO C 46 -13.50 15.34 -1.44
N GLU C 47 -12.24 14.93 -1.40
CA GLU C 47 -11.92 13.52 -1.51
C GLU C 47 -12.77 12.56 -0.69
N TRP C 48 -13.04 12.89 0.57
CA TRP C 48 -13.84 11.99 1.40
C TRP C 48 -15.26 11.85 0.85
N LYS C 49 -15.83 12.95 0.37
CA LYS C 49 -17.18 12.93 -0.19
C LYS C 49 -17.20 12.01 -1.41
N VAL C 50 -16.12 12.06 -2.19
CA VAL C 50 -15.97 11.23 -3.39
C VAL C 50 -15.90 9.75 -3.00
N LEU C 51 -15.13 9.44 -1.96
CA LEU C 51 -15.03 8.07 -1.50
C LEU C 51 -16.40 7.58 -1.02
N GLU C 52 -17.14 8.46 -0.37
CA GLU C 52 -18.44 8.12 0.15
C GLU C 52 -19.37 7.70 -1.00
N GLU C 53 -19.26 8.40 -2.12
CA GLU C 53 -20.08 8.10 -3.29
C GLU C 53 -19.64 6.78 -3.93
N LEU C 54 -18.33 6.55 -3.99
CA LEU C 54 -17.82 5.31 -4.56
C LEU C 54 -18.36 4.15 -3.73
N ARG C 55 -18.34 4.31 -2.42
CA ARG C 55 -18.83 3.28 -1.53
C ARG C 55 -20.32 3.05 -1.72
N ARG C 56 -21.07 4.12 -1.92
CA ARG C 56 -22.50 3.99 -2.11
C ARG C 56 -22.73 3.16 -3.36
N LEU C 57 -22.00 3.49 -4.42
CA LEU C 57 -22.12 2.77 -5.69
C LEU C 57 -21.71 1.31 -5.56
N ALA C 58 -20.64 1.06 -4.81
CA ALA C 58 -20.16 -0.30 -4.60
C ALA C 58 -21.16 -1.11 -3.77
N ALA C 59 -21.90 -0.41 -2.91
CA ALA C 59 -22.89 -1.06 -2.05
C ALA C 59 -24.08 -1.54 -2.86
N GLN C 60 -24.19 -1.08 -4.11
CA GLN C 60 -25.28 -1.51 -4.98
C GLN C 60 -24.99 -2.89 -5.57
N ASN C 61 -23.72 -3.24 -5.69
CA ASN C 61 -23.33 -4.52 -6.27
C ASN C 61 -23.26 -5.69 -5.29
N LEU C 62 -23.36 -6.90 -5.82
CA LEU C 62 -23.24 -8.10 -5.00
C LEU C 62 -21.82 -8.60 -5.29
N PRO C 63 -20.92 -8.48 -4.31
CA PRO C 63 -19.53 -8.93 -4.52
C PRO C 63 -19.43 -10.35 -5.10
N ALA C 64 -18.52 -10.54 -6.05
CA ALA C 64 -18.34 -11.82 -6.69
C ALA C 64 -17.26 -12.72 -6.09
N HIS C 65 -16.79 -12.40 -4.90
CA HIS C 65 -15.78 -13.24 -4.26
C HIS C 65 -16.32 -14.68 -4.23
N LYS C 66 -15.44 -15.66 -4.43
CA LYS C 66 -15.85 -17.06 -4.44
C LYS C 66 -16.95 -17.34 -5.47
N ALA C 67 -17.06 -16.48 -6.46
CA ALA C 67 -18.06 -16.66 -7.51
C ALA C 67 -17.75 -17.96 -8.26
N PHE C 68 -18.75 -18.49 -8.97
CA PHE C 68 -18.61 -19.72 -9.74
C PHE C 68 -18.67 -19.41 -11.23
N LEU C 69 -18.64 -18.13 -11.56
CA LEU C 69 -18.69 -17.68 -12.95
C LEU C 69 -17.34 -17.94 -13.60
N GLY C 70 -17.34 -18.22 -14.90
CA GLY C 70 -16.08 -18.47 -15.59
C GLY C 70 -16.00 -17.75 -16.93
N GLY C 71 -15.45 -18.42 -17.93
CA GLY C 71 -15.35 -17.83 -19.26
C GLY C 71 -14.32 -16.74 -19.45
N GLY C 72 -13.08 -16.98 -19.03
CA GLY C 72 -12.04 -15.99 -19.20
C GLY C 72 -11.60 -15.35 -17.89
N VAL C 73 -12.55 -15.13 -16.99
CA VAL C 73 -12.27 -14.53 -15.69
C VAL C 73 -12.77 -15.46 -14.59
N ARG C 74 -11.98 -15.60 -13.53
CA ARG C 74 -12.34 -16.45 -12.41
C ARG C 74 -11.93 -15.82 -11.10
N SER C 75 -12.68 -16.10 -10.04
CA SER C 75 -12.37 -15.56 -8.72
C SER C 75 -11.29 -16.39 -8.01
N HIS C 76 -10.03 -16.03 -8.23
CA HIS C 76 -8.90 -16.71 -7.60
C HIS C 76 -8.43 -15.87 -6.41
N HIS C 77 -7.58 -16.45 -5.57
CA HIS C 77 -7.05 -15.71 -4.43
C HIS C 77 -6.05 -14.65 -4.90
N VAL C 78 -6.33 -13.40 -4.54
CA VAL C 78 -5.48 -12.26 -4.88
C VAL C 78 -4.57 -12.10 -3.65
N PRO C 79 -3.31 -12.52 -3.76
CA PRO C 79 -2.41 -12.40 -2.60
C PRO C 79 -2.00 -10.98 -2.24
N PRO C 80 -2.25 -10.58 -0.99
CA PRO C 80 -1.90 -9.24 -0.53
C PRO C 80 -0.43 -8.86 -0.70
N VAL C 81 0.48 -9.83 -0.56
CA VAL C 81 1.89 -9.50 -0.71
C VAL C 81 2.20 -9.03 -2.13
N VAL C 82 1.51 -9.59 -3.12
CA VAL C 82 1.72 -9.20 -4.51
C VAL C 82 1.14 -7.81 -4.74
N GLN C 83 -0.07 -7.61 -4.25
CA GLN C 83 -0.74 -6.33 -4.38
C GLN C 83 0.02 -5.25 -3.62
N ALA C 84 0.58 -5.61 -2.48
CA ALA C 84 1.34 -4.63 -1.69
C ALA C 84 2.60 -4.23 -2.44
N LEU C 85 3.24 -5.19 -3.08
CA LEU C 85 4.46 -4.92 -3.84
C LEU C 85 4.21 -4.12 -5.11
N ALA C 86 3.16 -4.46 -5.83
CA ALA C 86 2.81 -3.75 -7.05
C ALA C 86 2.30 -2.34 -6.75
N ALA C 87 2.04 -2.06 -5.48
CA ALA C 87 1.53 -0.75 -5.08
C ALA C 87 2.66 0.24 -4.79
N ARG C 88 3.88 -0.26 -4.72
CA ARG C 88 5.04 0.61 -4.50
C ARG C 88 5.01 1.71 -5.57
N GLY C 89 4.99 2.96 -5.13
CA GLY C 89 4.94 4.08 -6.04
C GLY C 89 5.89 4.07 -7.22
N GLU C 90 7.08 3.51 -7.05
CA GLU C 90 8.05 3.47 -8.13
C GLU C 90 7.59 2.60 -9.31
N PHE C 91 6.92 1.49 -9.00
CA PHE C 91 6.41 0.60 -10.05
C PHE C 91 5.14 1.20 -10.61
N LEU C 92 4.27 1.65 -9.71
CA LEU C 92 2.99 2.22 -10.04
C LEU C 92 2.99 3.51 -10.86
N THR C 93 3.96 4.39 -10.64
CA THR C 93 3.95 5.66 -11.37
C THR C 93 5.12 5.94 -12.30
N ALA C 94 5.89 4.91 -12.60
CA ALA C 94 7.02 5.05 -13.52
C ALA C 94 6.46 5.09 -14.93
N TYR C 95 7.32 5.43 -15.90
CA TYR C 95 6.86 5.43 -17.28
C TYR C 95 7.67 4.39 -18.03
N THR C 96 7.33 4.16 -19.30
CA THR C 96 8.07 3.20 -20.11
C THR C 96 9.53 3.55 -19.86
N PRO C 97 10.34 2.55 -19.51
CA PRO C 97 11.77 2.72 -19.23
C PRO C 97 12.71 3.08 -20.39
N TYR C 98 12.52 4.26 -20.99
CA TYR C 98 13.38 4.69 -22.09
C TYR C 98 14.77 5.10 -21.61
N GLN C 99 14.87 5.54 -20.36
CA GLN C 99 16.16 5.89 -19.78
C GLN C 99 16.46 4.73 -18.84
N PRO C 100 17.15 3.69 -19.35
CA PRO C 100 17.48 2.50 -18.56
C PRO C 100 18.33 2.68 -17.31
N GLU C 101 19.20 3.69 -17.28
CA GLU C 101 20.07 3.90 -16.13
C GLU C 101 19.34 4.12 -14.82
N VAL C 102 18.12 4.63 -14.89
CA VAL C 102 17.32 4.88 -13.68
C VAL C 102 16.07 4.02 -13.66
N SER C 103 15.95 3.10 -14.61
CA SER C 103 14.79 2.24 -14.68
C SER C 103 15.13 0.75 -14.59
N GLN C 104 16.18 0.40 -13.85
CA GLN C 104 16.56 -1.00 -13.72
C GLN C 104 15.57 -1.83 -12.92
N GLY C 105 14.72 -1.14 -12.15
CA GLY C 105 13.71 -1.86 -11.38
C GLY C 105 12.70 -2.46 -12.33
N VAL C 106 12.12 -1.61 -13.17
CA VAL C 106 11.14 -2.05 -14.16
C VAL C 106 11.75 -2.98 -15.19
N LEU C 107 12.88 -2.56 -15.76
CA LEU C 107 13.58 -3.36 -16.77
C LEU C 107 13.93 -4.77 -16.31
N GLN C 108 14.52 -4.89 -15.13
CA GLN C 108 14.88 -6.22 -14.65
C GLN C 108 13.63 -7.05 -14.38
N ALA C 109 12.62 -6.43 -13.78
CA ALA C 109 11.38 -7.14 -13.48
C ALA C 109 10.75 -7.63 -14.78
N THR C 110 10.82 -6.80 -15.81
CA THR C 110 10.28 -7.16 -17.12
C THR C 110 11.06 -8.33 -17.71
N PHE C 111 12.38 -8.28 -17.57
CA PHE C 111 13.22 -9.37 -18.07
C PHE C 111 12.86 -10.66 -17.36
N GLU C 112 12.63 -10.58 -16.05
CA GLU C 112 12.26 -11.75 -15.25
C GLU C 112 10.86 -12.21 -15.67
N TYR C 113 10.01 -11.24 -15.99
CA TYR C 113 8.65 -11.52 -16.45
C TYR C 113 8.74 -12.37 -17.73
N GLN C 114 9.52 -11.86 -18.68
CA GLN C 114 9.69 -12.53 -19.96
C GLN C 114 10.13 -13.99 -19.83
N THR C 115 11.15 -14.23 -19.02
CA THR C 115 11.63 -15.61 -18.89
C THR C 115 10.57 -16.49 -18.24
N MET C 116 9.73 -15.91 -17.38
CA MET C 116 8.69 -16.69 -16.74
C MET C 116 7.61 -17.10 -17.74
N ILE C 117 7.23 -16.18 -18.61
CA ILE C 117 6.22 -16.47 -19.62
C ILE C 117 6.70 -17.54 -20.59
N ALA C 118 7.98 -17.45 -20.96
CA ALA C 118 8.58 -18.40 -21.88
C ALA C 118 8.59 -19.81 -21.28
N GLU C 119 8.94 -19.91 -20.00
CA GLU C 119 8.98 -21.19 -19.31
C GLU C 119 7.61 -21.82 -19.16
N LEU C 120 6.62 -20.99 -18.88
CA LEU C 120 5.26 -21.44 -18.70
C LEU C 120 4.68 -21.96 -20.01
N ALA C 121 5.01 -21.30 -21.11
CA ALA C 121 4.51 -21.69 -22.43
C ALA C 121 5.39 -22.75 -23.06
N GLY C 122 6.57 -22.96 -22.48
CA GLY C 122 7.48 -23.95 -23.02
C GLY C 122 8.08 -23.46 -24.33
N LEU C 123 8.30 -22.16 -24.42
CA LEU C 123 8.87 -21.55 -25.61
C LEU C 123 10.15 -20.80 -25.27
N GLU C 124 10.83 -20.30 -26.29
CA GLU C 124 12.11 -19.62 -26.10
C GLU C 124 12.08 -18.16 -25.66
N ILE C 125 11.14 -17.37 -26.17
CA ILE C 125 11.07 -15.96 -25.80
C ILE C 125 9.65 -15.41 -25.68
N ALA C 126 9.53 -14.22 -25.11
CA ALA C 126 8.24 -13.56 -24.94
C ALA C 126 8.45 -12.05 -24.84
N ASN C 127 7.48 -11.26 -25.30
CA ASN C 127 7.60 -9.81 -25.21
C ASN C 127 7.26 -9.38 -23.78
N ALA C 128 7.21 -8.08 -23.55
CA ALA C 128 6.92 -7.55 -22.22
C ALA C 128 5.46 -7.58 -21.80
N SER C 129 4.59 -8.11 -22.67
CA SER C 129 3.13 -8.25 -22.44
C SER C 129 2.26 -7.46 -23.40
N MET C 130 1.02 -7.93 -23.55
CA MET C 130 0.02 -7.31 -24.41
C MET C 130 -1.09 -6.77 -23.51
N TYR C 131 -2.03 -6.02 -24.07
CA TYR C 131 -3.12 -5.44 -23.28
C TYR C 131 -3.96 -6.51 -22.57
N ASP C 132 -4.37 -7.54 -23.31
CA ASP C 132 -5.16 -8.63 -22.73
C ASP C 132 -4.96 -9.87 -23.59
N GLY C 133 -5.66 -10.94 -23.24
CA GLY C 133 -5.56 -12.18 -24.00
C GLY C 133 -6.05 -12.08 -25.42
N ALA C 134 -7.19 -11.41 -25.61
CA ALA C 134 -7.79 -11.23 -26.93
C ALA C 134 -6.86 -10.51 -27.91
N THR C 135 -6.33 -9.36 -27.50
CA THR C 135 -5.44 -8.62 -28.37
C THR C 135 -4.13 -9.39 -28.54
N ALA C 136 -3.68 -10.08 -27.49
CA ALA C 136 -2.46 -10.88 -27.58
C ALA C 136 -2.63 -11.89 -28.71
N LEU C 137 -3.83 -12.44 -28.84
CA LEU C 137 -4.13 -13.41 -29.90
C LEU C 137 -4.07 -12.77 -31.28
N ALA C 138 -4.74 -11.63 -31.43
CA ALA C 138 -4.76 -10.91 -32.69
C ALA C 138 -3.33 -10.62 -33.15
N GLU C 139 -2.51 -10.14 -32.24
CA GLU C 139 -1.12 -9.82 -32.56
C GLU C 139 -0.33 -11.07 -32.90
N GLY C 140 -0.61 -12.16 -32.19
CA GLY C 140 0.07 -13.41 -32.44
C GLY C 140 -0.22 -13.90 -33.86
N VAL C 141 -1.49 -13.92 -34.23
CA VAL C 141 -1.90 -14.34 -35.57
C VAL C 141 -1.20 -13.48 -36.61
N LEU C 142 -1.26 -12.17 -36.43
CA LEU C 142 -0.62 -11.24 -37.35
C LEU C 142 0.87 -11.53 -37.50
N LEU C 143 1.50 -11.93 -36.39
CA LEU C 143 2.91 -12.27 -36.41
C LEU C 143 3.05 -13.50 -37.32
N ALA C 144 2.10 -14.41 -37.19
CA ALA C 144 2.09 -15.63 -37.97
C ALA C 144 1.92 -15.32 -39.45
N LEU C 145 1.06 -14.36 -39.77
CA LEU C 145 0.84 -14.01 -41.16
C LEU C 145 2.03 -13.29 -41.79
N ARG C 146 2.64 -12.35 -41.07
CA ARG C 146 3.79 -11.64 -41.60
C ARG C 146 4.91 -12.65 -41.86
N GLU C 147 5.07 -13.58 -40.92
CA GLU C 147 6.09 -14.61 -40.99
C GLU C 147 5.95 -15.52 -42.20
N THR C 148 4.75 -16.10 -42.37
CA THR C 148 4.48 -17.02 -43.48
C THR C 148 4.22 -16.29 -44.79
N GLY C 149 3.84 -15.02 -44.68
CA GLY C 149 3.54 -14.23 -45.87
C GLY C 149 2.16 -14.52 -46.42
N ARG C 150 1.36 -15.29 -45.67
CA ARG C 150 0.01 -15.65 -46.09
C ARG C 150 -1.03 -14.81 -45.37
N MET C 151 -2.30 -14.94 -45.75
CA MET C 151 -3.37 -14.15 -45.13
C MET C 151 -4.60 -14.96 -44.78
N GLY C 152 -4.43 -16.26 -44.60
CA GLY C 152 -5.54 -17.11 -44.25
C GLY C 152 -5.38 -17.60 -42.82
N VAL C 153 -6.46 -17.63 -42.06
CA VAL C 153 -6.40 -18.06 -40.67
C VAL C 153 -7.54 -19.04 -40.33
N LEU C 154 -7.18 -20.14 -39.70
CA LEU C 154 -8.17 -21.14 -39.29
C LEU C 154 -8.24 -21.08 -37.78
N VAL C 155 -9.40 -20.74 -37.23
CA VAL C 155 -9.55 -20.66 -35.80
C VAL C 155 -10.61 -21.62 -35.24
N SER C 156 -10.20 -22.42 -34.26
CA SER C 156 -11.10 -23.36 -33.62
C SER C 156 -12.20 -22.58 -32.91
N GLN C 157 -13.44 -23.04 -33.02
CA GLN C 157 -14.53 -22.35 -32.35
C GLN C 157 -14.31 -22.48 -30.83
N GLY C 158 -13.44 -23.41 -30.45
CA GLY C 158 -13.12 -23.61 -29.05
C GLY C 158 -12.47 -22.39 -28.41
N VAL C 159 -11.93 -21.49 -29.25
CA VAL C 159 -11.31 -20.28 -28.73
C VAL C 159 -12.43 -19.38 -28.19
N HIS C 160 -12.17 -18.74 -27.04
CA HIS C 160 -13.14 -17.86 -26.41
C HIS C 160 -13.78 -16.97 -27.47
N PRO C 161 -15.13 -16.92 -27.49
CA PRO C 161 -15.86 -16.10 -28.48
C PRO C 161 -15.41 -14.65 -28.60
N GLU C 162 -15.02 -14.05 -27.47
CA GLU C 162 -14.58 -12.66 -27.50
C GLU C 162 -13.20 -12.50 -28.10
N TYR C 163 -12.33 -13.48 -27.85
CA TYR C 163 -10.97 -13.45 -28.40
C TYR C 163 -11.12 -13.49 -29.92
N ARG C 164 -12.02 -14.37 -30.38
CA ARG C 164 -12.28 -14.53 -31.81
C ARG C 164 -12.85 -13.26 -32.39
N ALA C 165 -13.80 -12.65 -31.68
CA ALA C 165 -14.40 -11.42 -32.17
C ALA C 165 -13.32 -10.34 -32.32
N VAL C 166 -12.42 -10.25 -31.36
CA VAL C 166 -11.34 -9.28 -31.43
C VAL C 166 -10.45 -9.65 -32.61
N LEU C 167 -10.16 -10.93 -32.75
CA LEU C 167 -9.33 -11.43 -33.82
C LEU C 167 -9.98 -11.11 -35.18
N ARG C 168 -11.30 -11.29 -35.25
CA ARG C 168 -12.01 -11.02 -36.50
C ARG C 168 -11.79 -9.58 -36.91
N ALA C 169 -12.02 -8.66 -35.96
CA ALA C 169 -11.84 -7.24 -36.22
C ALA C 169 -10.43 -6.89 -36.70
N TYR C 170 -9.42 -7.52 -36.11
CA TYR C 170 -8.04 -7.26 -36.49
C TYR C 170 -7.72 -7.79 -37.89
N LEU C 171 -8.29 -8.94 -38.24
CA LEU C 171 -8.05 -9.52 -39.55
C LEU C 171 -8.72 -8.70 -40.65
N GLU C 172 -9.93 -8.23 -40.38
CA GLU C 172 -10.66 -7.42 -41.35
C GLU C 172 -9.92 -6.10 -41.57
N ALA C 173 -9.22 -5.64 -40.54
CA ALA C 173 -8.47 -4.40 -40.64
C ALA C 173 -7.29 -4.50 -41.61
N VAL C 174 -6.53 -5.59 -41.51
CA VAL C 174 -5.38 -5.79 -42.38
C VAL C 174 -5.76 -6.49 -43.69
N GLY C 175 -7.04 -6.85 -43.79
CA GLY C 175 -7.53 -7.51 -45.00
C GLY C 175 -7.25 -9.00 -45.11
N ALA C 176 -7.24 -9.71 -43.98
CA ALA C 176 -6.99 -11.14 -44.00
C ALA C 176 -8.30 -11.92 -44.05
N LYS C 177 -8.21 -13.24 -44.12
CA LYS C 177 -9.41 -14.10 -44.17
C LYS C 177 -9.48 -14.97 -42.92
N LEU C 178 -10.65 -15.01 -42.29
CA LEU C 178 -10.82 -15.81 -41.07
C LEU C 178 -11.86 -16.91 -41.19
N LEU C 179 -11.41 -18.15 -41.02
CA LEU C 179 -12.30 -19.31 -41.11
C LEU C 179 -12.44 -19.96 -39.72
N THR C 180 -13.68 -20.27 -39.33
CA THR C 180 -13.94 -20.87 -38.01
C THR C 180 -14.32 -22.34 -38.07
N LEU C 181 -13.57 -23.16 -37.33
CA LEU C 181 -13.81 -24.61 -37.28
C LEU C 181 -14.74 -24.94 -36.11
N PRO C 182 -16.03 -25.19 -36.39
CA PRO C 182 -16.99 -25.52 -35.31
C PRO C 182 -16.64 -26.77 -34.50
N LEU C 183 -16.94 -26.68 -33.20
CA LEU C 183 -16.68 -27.75 -32.25
C LEU C 183 -17.62 -28.94 -32.47
N GLU C 184 -17.09 -30.14 -32.23
CA GLU C 184 -17.86 -31.38 -32.36
C GLU C 184 -17.71 -32.12 -31.03
N GLY C 185 -18.79 -32.16 -30.26
CA GLY C 185 -18.73 -32.82 -28.97
C GLY C 185 -17.82 -32.06 -28.03
N GLY C 186 -17.84 -30.73 -28.14
CA GLY C 186 -17.01 -29.89 -27.30
C GLY C 186 -15.54 -29.90 -27.65
N ARG C 187 -15.18 -30.58 -28.73
CA ARG C 187 -13.78 -30.66 -29.15
C ARG C 187 -13.56 -30.25 -30.61
N THR C 188 -12.36 -29.77 -30.89
CA THR C 188 -12.00 -29.31 -32.22
C THR C 188 -11.46 -30.44 -33.10
N PRO C 189 -12.19 -30.77 -34.19
CA PRO C 189 -11.77 -31.83 -35.10
C PRO C 189 -10.58 -31.38 -35.94
N LEU C 190 -9.66 -32.31 -36.22
CA LEU C 190 -8.48 -32.01 -37.02
C LEU C 190 -8.86 -31.58 -38.42
N PRO C 191 -8.55 -30.32 -38.78
CA PRO C 191 -8.88 -29.82 -40.12
C PRO C 191 -7.78 -30.09 -41.16
N GLU C 192 -8.14 -29.83 -42.41
CA GLU C 192 -7.23 -29.97 -43.54
C GLU C 192 -6.68 -28.56 -43.69
N VAL C 193 -5.36 -28.44 -43.87
CA VAL C 193 -4.78 -27.11 -43.99
C VAL C 193 -4.18 -26.84 -45.37
N GLY C 194 -4.74 -25.86 -46.07
CA GLY C 194 -4.26 -25.51 -47.39
C GLY C 194 -3.10 -24.54 -47.31
N GLU C 195 -2.41 -24.34 -48.42
CA GLU C 195 -1.27 -23.43 -48.44
C GLU C 195 -1.63 -21.96 -48.30
N GLU C 196 -2.92 -21.63 -48.42
CA GLU C 196 -3.35 -20.26 -48.29
C GLU C 196 -3.34 -19.85 -46.82
N VAL C 197 -3.37 -20.85 -45.95
CA VAL C 197 -3.39 -20.62 -44.50
C VAL C 197 -2.01 -20.39 -43.90
N GLY C 198 -1.89 -19.36 -43.07
CA GLY C 198 -0.63 -19.06 -42.43
C GLY C 198 -0.69 -19.23 -40.93
N ALA C 199 -1.90 -19.36 -40.38
CA ALA C 199 -2.07 -19.52 -38.93
C ALA C 199 -3.26 -20.39 -38.54
N VAL C 200 -3.01 -21.38 -37.69
CA VAL C 200 -4.03 -22.28 -37.19
C VAL C 200 -4.07 -22.09 -35.68
N VAL C 201 -5.21 -21.62 -35.17
CA VAL C 201 -5.37 -21.32 -33.74
C VAL C 201 -6.31 -22.25 -32.98
N VAL C 202 -5.85 -22.75 -31.84
CA VAL C 202 -6.64 -23.65 -30.98
C VAL C 202 -6.38 -23.31 -29.52
N GLN C 203 -7.42 -23.43 -28.69
CA GLN C 203 -7.30 -23.11 -27.26
C GLN C 203 -7.36 -24.34 -26.37
N ASN C 204 -6.45 -24.41 -25.41
CA ASN C 204 -6.41 -25.54 -24.49
C ASN C 204 -6.12 -25.08 -23.06
N PRO C 205 -7.09 -25.25 -22.15
CA PRO C 205 -8.43 -25.84 -22.37
C PRO C 205 -9.34 -24.99 -23.26
N ASN C 206 -10.36 -25.64 -23.82
CA ASN C 206 -11.35 -25.00 -24.67
C ASN C 206 -12.09 -23.92 -23.90
N PHE C 207 -12.86 -23.11 -24.61
CA PHE C 207 -13.66 -22.09 -23.98
C PHE C 207 -14.64 -22.84 -23.07
N LEU C 208 -15.01 -24.04 -23.50
CA LEU C 208 -15.94 -24.88 -22.76
C LEU C 208 -15.24 -25.74 -21.70
N GLY C 209 -13.94 -25.52 -21.55
CA GLY C 209 -13.19 -26.26 -20.55
C GLY C 209 -12.63 -27.60 -20.96
N ALA C 210 -13.00 -28.09 -22.14
CA ALA C 210 -12.50 -29.38 -22.60
C ALA C 210 -11.01 -29.33 -22.92
N LEU C 211 -10.30 -30.41 -22.60
CA LEU C 211 -8.88 -30.48 -22.88
C LEU C 211 -8.76 -30.97 -24.32
N GLU C 212 -7.87 -30.37 -25.09
CA GLU C 212 -7.69 -30.74 -26.48
C GLU C 212 -6.26 -31.18 -26.74
N ASP C 213 -6.10 -32.24 -27.53
CA ASP C 213 -4.77 -32.72 -27.87
C ASP C 213 -4.24 -31.86 -29.01
N LEU C 214 -3.32 -30.96 -28.68
CA LEU C 214 -2.73 -30.04 -29.64
C LEU C 214 -1.70 -30.66 -30.57
N GLY C 215 -1.21 -31.84 -30.21
CA GLY C 215 -0.22 -32.50 -31.03
C GLY C 215 -0.57 -32.52 -32.51
N PRO C 216 -1.63 -33.25 -32.90
CA PRO C 216 -2.02 -33.32 -34.31
C PRO C 216 -2.18 -31.96 -35.00
N PHE C 217 -2.72 -30.98 -34.29
CA PHE C 217 -2.90 -29.65 -34.89
C PHE C 217 -1.59 -29.02 -35.33
N ALA C 218 -0.54 -29.20 -34.53
CA ALA C 218 0.77 -28.64 -34.84
C ALA C 218 1.27 -29.22 -36.16
N GLU C 219 1.18 -30.55 -36.28
CA GLU C 219 1.62 -31.24 -37.48
C GLU C 219 0.86 -30.75 -38.71
N ALA C 220 -0.47 -30.73 -38.61
CA ALA C 220 -1.31 -30.28 -39.72
C ALA C 220 -0.86 -28.90 -40.20
N ALA C 221 -0.61 -28.01 -39.24
CA ALA C 221 -0.18 -26.66 -39.54
C ALA C 221 1.14 -26.64 -40.28
N HIS C 222 2.14 -27.32 -39.71
CA HIS C 222 3.47 -27.37 -40.29
C HIS C 222 3.48 -28.06 -41.65
N GLY C 223 2.60 -29.03 -41.83
CA GLY C 223 2.53 -29.73 -43.09
C GLY C 223 2.18 -28.78 -44.22
N ALA C 224 1.25 -27.87 -43.96
CA ALA C 224 0.81 -26.91 -44.96
C ALA C 224 1.73 -25.69 -45.04
N GLY C 225 2.68 -25.60 -44.12
CA GLY C 225 3.58 -24.45 -44.12
C GLY C 225 3.04 -23.31 -43.28
N ALA C 226 2.02 -23.60 -42.46
CA ALA C 226 1.42 -22.58 -41.60
C ALA C 226 2.02 -22.67 -40.20
N LEU C 227 1.85 -21.60 -39.42
CA LEU C 227 2.35 -21.58 -38.06
C LEU C 227 1.20 -21.98 -37.15
N PHE C 228 1.52 -22.63 -36.04
CA PHE C 228 0.49 -23.04 -35.10
C PHE C 228 0.47 -22.12 -33.89
N VAL C 229 -0.71 -21.56 -33.62
CA VAL C 229 -0.90 -20.64 -32.50
C VAL C 229 -1.78 -21.26 -31.42
N ALA C 230 -1.26 -21.31 -30.20
CA ALA C 230 -1.99 -21.88 -29.07
C ALA C 230 -2.43 -20.84 -28.07
N VAL C 231 -3.72 -20.87 -27.72
CA VAL C 231 -4.26 -19.96 -26.74
C VAL C 231 -4.39 -20.77 -25.46
N ALA C 232 -3.67 -20.37 -24.42
CA ALA C 232 -3.69 -21.11 -23.17
C ALA C 232 -3.78 -20.25 -21.92
N ASP C 233 -4.48 -20.78 -20.93
CA ASP C 233 -4.61 -20.10 -19.66
C ASP C 233 -3.28 -20.34 -18.93
N PRO C 234 -2.62 -19.26 -18.49
CA PRO C 234 -1.34 -19.43 -17.79
C PRO C 234 -1.41 -20.34 -16.56
N LEU C 235 -2.48 -20.21 -15.78
CA LEU C 235 -2.63 -21.04 -14.59
C LEU C 235 -2.60 -22.51 -14.95
N SER C 236 -3.30 -22.88 -16.01
CA SER C 236 -3.35 -24.26 -16.43
C SER C 236 -1.96 -24.79 -16.80
N LEU C 237 -1.10 -23.91 -17.31
CA LEU C 237 0.26 -24.33 -17.68
C LEU C 237 1.07 -24.88 -16.52
N GLY C 238 0.55 -24.74 -15.31
CA GLY C 238 1.26 -25.25 -14.15
C GLY C 238 1.19 -26.75 -14.04
N VAL C 239 0.25 -27.37 -14.77
CA VAL C 239 0.10 -28.81 -14.71
C VAL C 239 -0.16 -29.47 -16.07
N LEU C 240 -0.53 -28.68 -17.07
CA LEU C 240 -0.81 -29.21 -18.41
C LEU C 240 0.35 -29.07 -19.38
N LYS C 241 0.57 -30.08 -20.23
CA LYS C 241 1.64 -30.03 -21.22
C LYS C 241 1.52 -28.71 -21.93
N PRO C 242 2.58 -27.90 -21.92
CA PRO C 242 2.54 -26.59 -22.57
C PRO C 242 2.59 -26.65 -24.10
N PRO C 243 2.09 -25.58 -24.74
CA PRO C 243 2.05 -25.46 -26.21
C PRO C 243 3.40 -25.74 -26.88
N GLY C 244 4.49 -25.47 -26.16
CA GLY C 244 5.81 -25.72 -26.70
C GLY C 244 6.12 -27.20 -26.86
N ALA C 245 5.63 -28.01 -25.93
CA ALA C 245 5.86 -29.45 -25.97
C ALA C 245 5.00 -30.11 -27.05
N TYR C 246 4.02 -29.36 -27.55
CA TYR C 246 3.11 -29.83 -28.59
C TYR C 246 3.52 -29.33 -29.97
N GLY C 247 4.59 -28.55 -30.03
CA GLY C 247 5.05 -28.04 -31.30
C GLY C 247 4.62 -26.62 -31.66
N ALA C 248 3.73 -26.02 -30.87
CA ALA C 248 3.26 -24.65 -31.14
C ALA C 248 4.39 -23.67 -31.39
N ASP C 249 4.21 -22.78 -32.38
CA ASP C 249 5.21 -21.77 -32.70
C ASP C 249 4.95 -20.51 -31.88
N ILE C 250 3.67 -20.25 -31.64
CA ILE C 250 3.24 -19.07 -30.90
C ILE C 250 2.26 -19.45 -29.80
N ALA C 251 2.44 -18.87 -28.61
CA ALA C 251 1.53 -19.14 -27.51
C ALA C 251 1.05 -17.83 -26.90
N VAL C 252 -0.26 -17.68 -26.74
CA VAL C 252 -0.83 -16.48 -26.15
C VAL C 252 -1.83 -16.90 -25.10
N GLY C 253 -2.20 -15.94 -24.26
CA GLY C 253 -3.17 -16.20 -23.20
C GLY C 253 -3.35 -14.97 -22.34
N ASP C 254 -4.35 -15.02 -21.46
CA ASP C 254 -4.63 -13.91 -20.56
C ASP C 254 -4.13 -14.24 -19.16
N GLY C 255 -3.57 -13.25 -18.47
CA GLY C 255 -3.05 -13.49 -17.14
C GLY C 255 -3.91 -13.18 -15.92
N GLN C 256 -5.21 -13.01 -16.09
CA GLN C 256 -6.08 -12.69 -14.95
C GLN C 256 -6.10 -13.84 -13.95
N SER C 257 -5.92 -15.06 -14.42
CA SER C 257 -5.93 -16.21 -13.51
C SER C 257 -4.69 -16.26 -12.63
N LEU C 258 -3.72 -15.39 -12.89
CA LEU C 258 -2.51 -15.37 -12.07
C LEU C 258 -2.67 -14.39 -10.90
N GLY C 259 -3.70 -14.59 -10.09
CA GLY C 259 -3.93 -13.76 -8.91
C GLY C 259 -4.46 -12.35 -9.09
N LEU C 260 -4.82 -11.98 -10.30
CA LEU C 260 -5.34 -10.63 -10.56
C LEU C 260 -6.77 -10.45 -10.08
N PRO C 261 -7.09 -9.27 -9.52
CA PRO C 261 -8.47 -9.06 -9.07
C PRO C 261 -9.38 -9.07 -10.30
N MET C 262 -10.63 -9.53 -10.15
CA MET C 262 -11.55 -9.60 -11.29
C MET C 262 -11.89 -8.22 -11.87
N GLY C 263 -11.96 -7.21 -11.01
CA GLY C 263 -12.26 -5.86 -11.44
C GLY C 263 -13.27 -5.68 -12.57
N PHE C 264 -14.36 -6.44 -12.50
CA PHE C 264 -15.40 -6.36 -13.52
C PHE C 264 -14.82 -6.52 -14.91
N GLY C 265 -13.83 -7.40 -15.04
CA GLY C 265 -13.21 -7.65 -16.32
C GLY C 265 -12.15 -6.67 -16.76
N GLY C 266 -11.92 -5.63 -15.96
CA GLY C 266 -10.92 -4.64 -16.33
C GLY C 266 -9.48 -5.14 -16.32
N PRO C 267 -8.96 -5.54 -15.15
CA PRO C 267 -7.58 -6.04 -15.00
C PRO C 267 -7.22 -7.27 -15.83
N HIS C 268 -6.23 -7.09 -16.69
CA HIS C 268 -5.75 -8.14 -17.56
C HIS C 268 -4.38 -7.79 -18.04
N PHE C 269 -3.81 -8.72 -18.80
CA PHE C 269 -2.53 -8.56 -19.45
C PHE C 269 -2.40 -9.84 -20.24
N GLY C 270 -2.08 -9.71 -21.52
CA GLY C 270 -1.94 -10.88 -22.35
C GLY C 270 -0.47 -11.17 -22.54
N PHE C 271 -0.12 -12.44 -22.62
CA PHE C 271 1.27 -12.80 -22.83
C PHE C 271 1.42 -13.32 -24.24
N LEU C 272 2.64 -13.30 -24.75
CA LEU C 272 2.92 -13.78 -26.09
C LEU C 272 4.31 -14.35 -26.07
N ALA C 273 4.39 -15.66 -26.29
CA ALA C 273 5.67 -16.36 -26.29
C ALA C 273 5.82 -16.96 -27.68
N THR C 274 7.07 -17.20 -28.08
CA THR C 274 7.33 -17.77 -29.40
C THR C 274 8.77 -18.27 -29.54
N LYS C 275 9.12 -18.66 -30.76
CA LYS C 275 10.45 -19.17 -31.08
C LYS C 275 11.41 -18.00 -31.18
N LYS C 276 12.64 -18.19 -30.75
CA LYS C 276 13.63 -17.13 -30.83
C LYS C 276 13.89 -16.90 -32.31
N ALA C 277 13.51 -17.88 -33.13
CA ALA C 277 13.68 -17.79 -34.57
C ALA C 277 12.76 -16.74 -35.19
N PHE C 278 11.69 -16.37 -34.49
CA PHE C 278 10.75 -15.38 -35.02
C PHE C 278 10.86 -14.02 -34.34
N VAL C 279 11.87 -13.86 -33.48
CA VAL C 279 12.05 -12.60 -32.76
C VAL C 279 11.99 -11.39 -33.66
N ARG C 280 12.49 -11.53 -34.88
CA ARG C 280 12.52 -10.44 -35.85
C ARG C 280 11.15 -9.85 -36.15
N GLN C 281 10.11 -10.65 -35.96
CA GLN C 281 8.73 -10.22 -36.26
C GLN C 281 7.86 -10.03 -35.00
N LEU C 282 8.47 -10.18 -33.83
CA LEU C 282 7.76 -10.04 -32.56
C LEU C 282 7.32 -8.61 -32.24
N PRO C 283 6.01 -8.41 -31.99
CA PRO C 283 5.48 -7.09 -31.67
C PRO C 283 5.67 -6.72 -30.20
N GLY C 284 5.48 -5.45 -29.86
CA GLY C 284 5.61 -5.02 -28.49
C GLY C 284 7.01 -4.76 -27.98
N ARG C 285 7.11 -4.58 -26.66
CA ARG C 285 8.39 -4.30 -26.01
C ARG C 285 9.20 -5.56 -25.76
N LEU C 286 10.51 -5.42 -25.83
CA LEU C 286 11.44 -6.51 -25.62
C LEU C 286 12.62 -6.00 -24.82
N VAL C 287 12.92 -6.70 -23.72
CA VAL C 287 14.04 -6.33 -22.87
C VAL C 287 15.14 -7.38 -22.98
N SER C 288 16.37 -6.91 -23.13
CA SER C 288 17.52 -7.78 -23.24
C SER C 288 18.50 -7.47 -22.12
N GLU C 289 19.29 -8.47 -21.75
CA GLU C 289 20.29 -8.28 -20.71
C GLU C 289 21.50 -7.71 -21.45
N THR C 290 22.35 -6.98 -20.75
CA THR C 290 23.54 -6.41 -21.36
C THR C 290 24.49 -5.97 -20.25
N VAL C 291 25.30 -4.95 -20.52
CA VAL C 291 26.25 -4.47 -19.53
C VAL C 291 26.52 -2.97 -19.73
N ASP C 292 26.93 -2.29 -18.66
CA ASP C 292 27.22 -0.89 -18.78
C ASP C 292 28.70 -0.68 -19.07
N VAL C 293 29.09 0.58 -19.24
CA VAL C 293 30.47 0.94 -19.55
C VAL C 293 31.53 0.28 -18.66
N GLU C 294 31.17 -0.03 -17.41
CA GLU C 294 32.11 -0.68 -16.49
C GLU C 294 31.87 -2.17 -16.31
N GLY C 295 30.93 -2.73 -17.06
CA GLY C 295 30.66 -4.15 -16.97
C GLY C 295 29.61 -4.60 -15.98
N ARG C 296 28.81 -3.67 -15.46
CA ARG C 296 27.77 -4.04 -14.52
C ARG C 296 26.60 -4.61 -15.30
N ARG C 297 25.97 -5.64 -14.76
CA ARG C 297 24.82 -6.23 -15.43
C ARG C 297 23.72 -5.18 -15.54
N GLY C 298 23.11 -5.08 -16.71
CA GLY C 298 22.05 -4.13 -16.93
C GLY C 298 20.98 -4.68 -17.86
N PHE C 299 19.84 -4.01 -17.93
CA PHE C 299 18.75 -4.44 -18.79
C PHE C 299 18.27 -3.22 -19.58
N ILE C 300 17.88 -3.46 -20.82
CA ILE C 300 17.47 -2.37 -21.67
C ILE C 300 16.45 -2.80 -22.73
N LEU C 301 15.61 -1.86 -23.18
CA LEU C 301 14.64 -2.18 -24.22
C LEU C 301 15.50 -2.43 -25.44
N THR C 302 15.20 -3.46 -26.21
CA THR C 302 16.03 -3.77 -27.36
C THR C 302 15.28 -4.09 -28.65
N LEU C 303 16.06 -4.26 -29.71
CA LEU C 303 15.57 -4.61 -31.04
C LEU C 303 14.39 -3.78 -31.53
N GLN C 304 14.52 -2.46 -31.48
CA GLN C 304 13.44 -1.61 -31.93
C GLN C 304 13.34 -1.65 -33.45
N ALA C 305 14.31 -2.31 -34.07
CA ALA C 305 14.35 -2.47 -35.52
C ALA C 305 13.19 -3.34 -35.99
N ARG C 306 12.59 -4.07 -35.05
CA ARG C 306 11.47 -4.94 -35.36
C ARG C 306 10.32 -4.16 -35.97
N GLU C 307 10.20 -2.90 -35.59
CA GLU C 307 9.14 -2.03 -36.11
C GLU C 307 9.11 -2.00 -37.63
N GLN C 308 10.28 -2.01 -38.24
CA GLN C 308 10.39 -1.99 -39.71
C GLN C 308 9.90 -3.29 -40.33
N TYR C 309 10.39 -4.41 -39.83
CA TYR C 309 9.99 -5.72 -40.34
C TYR C 309 8.47 -5.89 -40.23
N ILE C 310 7.91 -5.42 -39.12
CA ILE C 310 6.48 -5.54 -38.90
C ILE C 310 5.65 -4.73 -39.90
N ARG C 311 6.20 -3.64 -40.41
CA ARG C 311 5.47 -2.78 -41.34
C ARG C 311 5.94 -2.90 -42.79
N ARG C 312 6.84 -3.85 -43.03
CA ARG C 312 7.37 -4.05 -44.39
C ARG C 312 6.33 -4.48 -45.41
N ALA C 313 5.20 -5.02 -44.98
CA ALA C 313 4.19 -5.48 -45.94
C ALA C 313 2.77 -5.58 -45.40
N LYS C 314 2.22 -6.79 -45.43
CA LYS C 314 0.86 -7.04 -44.98
C LYS C 314 0.79 -7.38 -43.49
N ALA C 315 -0.43 -7.56 -43.01
CA ALA C 315 -0.69 -7.93 -41.62
C ALA C 315 0.21 -7.25 -40.61
N LYS C 316 0.46 -5.96 -40.83
CA LYS C 316 1.32 -5.21 -39.91
C LYS C 316 0.56 -4.88 -38.63
N SER C 317 1.31 -4.60 -37.57
CA SER C 317 0.71 -4.26 -36.29
C SER C 317 1.16 -2.86 -35.86
N ASN C 318 0.67 -2.41 -34.71
CA ASN C 318 1.06 -1.11 -34.19
C ASN C 318 0.81 -0.99 -32.69
N ILE C 319 1.08 -2.06 -31.94
CA ILE C 319 0.92 -2.01 -30.51
C ILE C 319 2.09 -1.17 -29.99
N THR C 320 1.79 0.01 -29.48
CA THR C 320 2.80 0.93 -29.01
C THR C 320 3.17 0.80 -27.54
N THR C 321 2.29 0.22 -26.74
CA THR C 321 2.60 0.05 -25.33
C THR C 321 2.16 -1.33 -24.85
N ASN C 322 2.19 -1.57 -23.53
CA ASN C 322 1.78 -2.86 -23.00
C ASN C 322 0.96 -2.74 -21.73
N ALA C 323 1.04 -3.74 -20.88
CA ALA C 323 0.31 -3.75 -19.62
C ALA C 323 1.32 -4.03 -18.52
N GLN C 324 2.37 -3.20 -18.46
CA GLN C 324 3.45 -3.33 -17.49
C GLN C 324 3.06 -3.71 -16.07
N LEU C 325 2.35 -2.82 -15.38
CA LEU C 325 1.97 -3.06 -14.00
C LEU C 325 1.30 -4.41 -13.75
N THR C 326 0.25 -4.71 -14.51
CA THR C 326 -0.46 -5.96 -14.32
C THR C 326 0.40 -7.17 -14.74
N ALA C 327 1.24 -6.99 -15.74
CA ALA C 327 2.12 -8.07 -16.17
C ALA C 327 3.06 -8.32 -14.99
N LEU C 328 3.51 -7.24 -14.37
CA LEU C 328 4.38 -7.31 -13.22
C LEU C 328 3.68 -8.07 -12.09
N MET C 329 2.38 -7.83 -11.90
CA MET C 329 1.63 -8.53 -10.86
C MET C 329 1.65 -10.02 -11.18
N GLY C 330 1.56 -10.35 -12.47
CA GLY C 330 1.59 -11.74 -12.87
C GLY C 330 2.94 -12.33 -12.48
N ALA C 331 4.01 -11.62 -12.81
CA ALA C 331 5.36 -12.07 -12.50
C ALA C 331 5.55 -12.32 -11.01
N MET C 332 5.13 -11.36 -10.20
CA MET C 332 5.27 -11.50 -8.75
C MET C 332 4.50 -12.71 -8.25
N TYR C 333 3.38 -13.01 -8.91
CA TYR C 333 2.55 -14.14 -8.51
C TYR C 333 3.28 -15.44 -8.78
N LEU C 334 3.74 -15.61 -10.00
CA LEU C 334 4.48 -16.80 -10.42
C LEU C 334 5.71 -16.98 -9.53
N ALA C 335 6.35 -15.88 -9.17
CA ALA C 335 7.53 -15.96 -8.31
C ALA C 335 7.11 -16.28 -6.88
N ALA C 336 5.99 -15.73 -6.46
CA ALA C 336 5.50 -15.99 -5.10
C ALA C 336 5.08 -17.44 -4.90
N LEU C 337 4.53 -18.06 -5.95
CA LEU C 337 4.06 -19.45 -5.86
C LEU C 337 5.11 -20.47 -6.30
N GLY C 338 5.92 -20.12 -7.29
CA GLY C 338 6.91 -21.05 -7.78
C GLY C 338 6.23 -22.13 -8.61
N PRO C 339 6.99 -23.11 -9.11
CA PRO C 339 6.39 -24.18 -9.92
C PRO C 339 5.42 -25.08 -9.16
N GLU C 340 5.80 -25.52 -7.97
CA GLU C 340 4.95 -26.40 -7.19
C GLU C 340 3.72 -25.68 -6.61
N GLY C 341 3.89 -24.41 -6.26
CA GLY C 341 2.78 -23.65 -5.73
C GLY C 341 1.73 -23.44 -6.80
N LEU C 342 2.18 -23.14 -8.01
CA LEU C 342 1.27 -22.94 -9.12
C LEU C 342 0.56 -24.24 -9.43
N ARG C 343 1.30 -25.34 -9.43
CA ARG C 343 0.72 -26.65 -9.72
C ARG C 343 -0.38 -27.00 -8.72
N GLU C 344 -0.15 -26.72 -7.45
CA GLU C 344 -1.13 -27.01 -6.40
C GLU C 344 -2.42 -26.23 -6.62
N VAL C 345 -2.31 -24.93 -6.87
CA VAL C 345 -3.47 -24.07 -7.10
C VAL C 345 -4.27 -24.58 -8.30
N ALA C 346 -3.55 -25.02 -9.33
CA ALA C 346 -4.20 -25.54 -10.53
C ALA C 346 -4.94 -26.82 -10.20
N LEU C 347 -4.23 -27.77 -9.60
CA LEU C 347 -4.84 -29.06 -9.24
C LEU C 347 -6.03 -28.87 -8.32
N LYS C 348 -5.92 -27.97 -7.36
CA LYS C 348 -7.01 -27.72 -6.44
C LYS C 348 -8.27 -27.22 -7.15
N SER C 349 -8.12 -26.21 -8.00
CA SER C 349 -9.28 -25.68 -8.72
C SER C 349 -9.90 -26.75 -9.61
N VAL C 350 -9.05 -27.66 -10.08
CA VAL C 350 -9.49 -28.75 -10.95
C VAL C 350 -10.32 -29.76 -10.15
N GLU C 351 -9.79 -30.14 -8.98
CA GLU C 351 -10.47 -31.09 -8.12
C GLU C 351 -11.85 -30.59 -7.77
N MET C 352 -11.93 -29.34 -7.32
CA MET C 352 -13.21 -28.76 -6.93
C MET C 352 -14.17 -28.68 -8.11
N ALA C 353 -13.65 -28.38 -9.29
CA ALA C 353 -14.47 -28.31 -10.48
C ALA C 353 -15.11 -29.68 -10.76
N HIS C 354 -14.31 -30.75 -10.69
CA HIS C 354 -14.84 -32.09 -10.95
C HIS C 354 -15.85 -32.50 -9.90
N LYS C 355 -15.63 -32.11 -8.65
CA LYS C 355 -16.60 -32.44 -7.61
C LYS C 355 -17.90 -31.72 -7.96
N LEU C 356 -17.80 -30.44 -8.31
CA LEU C 356 -18.97 -29.65 -8.65
C LEU C 356 -19.73 -30.26 -9.82
N HIS C 357 -18.99 -30.60 -10.86
CA HIS C 357 -19.58 -31.17 -12.06
C HIS C 357 -20.37 -32.44 -11.73
N ALA C 358 -19.87 -33.23 -10.79
CA ALA C 358 -20.56 -34.45 -10.43
C ALA C 358 -21.88 -34.12 -9.74
N LEU C 359 -21.82 -33.17 -8.79
CA LEU C 359 -23.00 -32.75 -8.05
C LEU C 359 -24.10 -32.17 -8.95
N LEU C 360 -23.76 -31.14 -9.71
CA LEU C 360 -24.70 -30.49 -10.62
C LEU C 360 -25.38 -31.50 -11.56
N LEU C 361 -24.61 -32.49 -12.01
CA LEU C 361 -25.12 -33.50 -12.92
C LEU C 361 -26.26 -34.32 -12.29
N GLU C 362 -26.41 -34.24 -10.97
CA GLU C 362 -27.45 -34.97 -10.27
C GLU C 362 -28.80 -34.24 -10.25
N VAL C 363 -28.77 -32.95 -10.52
CA VAL C 363 -30.00 -32.16 -10.56
C VAL C 363 -30.80 -32.61 -11.77
N PRO C 364 -32.09 -32.87 -11.58
CA PRO C 364 -32.90 -33.32 -12.72
C PRO C 364 -32.98 -32.26 -13.81
N GLY C 365 -32.71 -32.66 -15.05
CA GLY C 365 -32.76 -31.72 -16.15
C GLY C 365 -31.38 -31.28 -16.60
N VAL C 366 -30.42 -31.30 -15.67
CA VAL C 366 -29.05 -30.91 -15.97
C VAL C 366 -28.36 -32.04 -16.74
N ARG C 367 -27.90 -31.73 -17.94
CA ARG C 367 -27.26 -32.71 -18.78
C ARG C 367 -25.84 -32.26 -19.13
N PRO C 368 -24.88 -33.19 -19.11
CA PRO C 368 -23.52 -32.78 -19.44
C PRO C 368 -23.44 -32.30 -20.88
N PHE C 369 -22.35 -31.62 -21.21
CA PHE C 369 -22.12 -31.13 -22.56
C PHE C 369 -20.63 -31.17 -22.81
N THR C 370 -19.88 -30.45 -21.98
CA THR C 370 -18.43 -30.47 -22.12
C THR C 370 -17.99 -31.91 -21.87
N PRO C 371 -17.21 -32.47 -22.80
CA PRO C 371 -16.74 -33.85 -22.66
C PRO C 371 -15.50 -33.95 -21.80
N LYS C 372 -15.26 -35.13 -21.25
CA LYS C 372 -14.08 -35.38 -20.44
C LYS C 372 -12.98 -35.81 -21.41
N PRO C 373 -11.73 -35.47 -21.09
CA PRO C 373 -11.36 -34.73 -19.89
C PRO C 373 -11.55 -33.21 -20.03
N PHE C 374 -11.87 -32.54 -18.93
CA PHE C 374 -12.01 -31.09 -18.92
C PHE C 374 -11.17 -30.57 -17.75
N PHE C 375 -10.89 -29.27 -17.73
CA PHE C 375 -10.03 -28.71 -16.69
C PHE C 375 -10.69 -28.20 -15.40
N ASN C 376 -10.75 -26.88 -15.23
CA ASN C 376 -11.37 -26.33 -14.02
C ASN C 376 -12.63 -25.57 -14.39
N GLU C 377 -13.07 -25.78 -15.63
CA GLU C 377 -14.28 -25.17 -16.16
C GLU C 377 -15.02 -26.24 -16.97
N PHE C 378 -16.34 -26.10 -17.07
CA PHE C 378 -17.14 -27.03 -17.84
C PHE C 378 -18.52 -26.44 -18.14
N ALA C 379 -19.14 -26.92 -19.20
CA ALA C 379 -20.45 -26.44 -19.59
C ALA C 379 -21.49 -27.55 -19.46
N LEU C 380 -22.68 -27.16 -19.02
CA LEU C 380 -23.78 -28.11 -18.85
C LEU C 380 -25.04 -27.58 -19.54
N ALA C 381 -25.89 -28.51 -19.98
CA ALA C 381 -27.15 -28.15 -20.62
C ALA C 381 -28.15 -28.08 -19.49
N LEU C 382 -28.81 -26.93 -19.34
CA LEU C 382 -29.78 -26.74 -18.27
C LEU C 382 -31.22 -26.86 -18.77
N PRO C 383 -32.16 -27.23 -17.88
CA PRO C 383 -33.57 -27.36 -18.25
C PRO C 383 -34.27 -26.02 -18.41
N LYS C 384 -33.52 -24.93 -18.19
CA LYS C 384 -34.07 -23.59 -18.33
C LYS C 384 -33.04 -22.64 -18.94
N ASP C 385 -33.49 -21.43 -19.27
CA ASP C 385 -32.62 -20.42 -19.87
C ASP C 385 -31.49 -20.02 -18.91
N PRO C 386 -30.23 -20.20 -19.34
CA PRO C 386 -29.08 -19.84 -18.50
C PRO C 386 -29.18 -18.45 -17.87
N GLU C 387 -29.51 -17.44 -18.66
CA GLU C 387 -29.63 -16.08 -18.14
C GLU C 387 -30.65 -16.01 -17.01
N ALA C 388 -31.75 -16.72 -17.16
CA ALA C 388 -32.81 -16.74 -16.15
C ALA C 388 -32.28 -17.44 -14.90
N VAL C 389 -31.54 -18.53 -15.13
CA VAL C 389 -30.93 -19.31 -14.05
C VAL C 389 -29.92 -18.44 -13.31
N ARG C 390 -29.10 -17.72 -14.06
CA ARG C 390 -28.11 -16.84 -13.44
C ARG C 390 -28.83 -15.79 -12.59
N ARG C 391 -29.94 -15.27 -13.09
CA ARG C 391 -30.67 -14.28 -12.33
C ARG C 391 -31.23 -14.91 -11.06
N ALA C 392 -31.95 -16.01 -11.20
CA ALA C 392 -32.54 -16.70 -10.06
C ALA C 392 -31.46 -17.02 -9.02
N LEU C 393 -30.30 -17.46 -9.50
CA LEU C 393 -29.18 -17.77 -8.64
C LEU C 393 -28.69 -16.52 -7.93
N ALA C 394 -28.55 -15.43 -8.67
CA ALA C 394 -28.11 -14.16 -8.09
C ALA C 394 -29.05 -13.69 -7.00
N GLU C 395 -30.35 -13.89 -7.24
CA GLU C 395 -31.38 -13.48 -6.28
C GLU C 395 -31.26 -14.29 -4.98
N ARG C 396 -30.59 -15.43 -5.06
CA ARG C 396 -30.40 -16.28 -3.90
C ARG C 396 -29.06 -15.99 -3.22
N GLY C 397 -28.25 -15.15 -3.86
CA GLY C 397 -26.95 -14.80 -3.30
C GLY C 397 -25.78 -15.53 -3.92
N PHE C 398 -26.05 -16.28 -4.99
CA PHE C 398 -24.99 -17.04 -5.65
C PHE C 398 -24.67 -16.48 -7.03
N HIS C 399 -23.41 -16.60 -7.42
CA HIS C 399 -22.96 -16.13 -8.72
C HIS C 399 -22.57 -17.35 -9.55
N GLY C 400 -23.48 -17.81 -10.39
CA GLY C 400 -23.19 -18.96 -11.20
C GLY C 400 -23.95 -18.99 -12.52
N ALA C 401 -23.72 -20.05 -13.29
CA ALA C 401 -24.37 -20.23 -14.59
C ALA C 401 -24.00 -19.13 -15.56
N THR C 402 -22.73 -19.02 -15.90
CA THR C 402 -22.30 -18.00 -16.85
C THR C 402 -22.80 -18.46 -18.23
N PRO C 403 -23.58 -17.60 -18.91
CA PRO C 403 -24.14 -17.90 -20.23
C PRO C 403 -23.17 -18.20 -21.37
N VAL C 404 -23.48 -19.24 -22.13
CA VAL C 404 -22.66 -19.61 -23.27
C VAL C 404 -23.49 -19.22 -24.48
N PRO C 405 -22.89 -18.51 -25.45
CA PRO C 405 -23.65 -18.09 -26.64
C PRO C 405 -24.24 -19.27 -27.42
N ARG C 406 -25.47 -19.07 -27.92
CA ARG C 406 -26.19 -20.11 -28.66
C ARG C 406 -25.39 -20.80 -29.75
N GLU C 407 -24.33 -20.14 -30.22
CA GLU C 407 -23.50 -20.70 -31.28
C GLU C 407 -22.86 -22.04 -30.89
N TYR C 408 -22.72 -22.26 -29.59
CA TYR C 408 -22.13 -23.50 -29.08
C TYR C 408 -23.19 -24.57 -28.85
N GLY C 409 -24.44 -24.15 -28.70
CA GLY C 409 -25.52 -25.08 -28.45
C GLY C 409 -26.63 -24.39 -27.69
N GLU C 410 -27.71 -25.09 -27.41
CA GLU C 410 -28.85 -24.49 -26.71
C GLU C 410 -28.82 -24.66 -25.19
N ASN C 411 -29.28 -23.63 -24.49
CA ASN C 411 -29.36 -23.60 -23.03
C ASN C 411 -28.10 -24.07 -22.31
N LEU C 412 -26.95 -23.57 -22.74
CA LEU C 412 -25.68 -23.96 -22.15
C LEU C 412 -25.14 -22.90 -21.18
N ALA C 413 -24.69 -23.37 -20.02
CA ALA C 413 -24.12 -22.50 -18.99
C ALA C 413 -22.78 -23.06 -18.54
N LEU C 414 -21.84 -22.16 -18.24
CA LEU C 414 -20.51 -22.55 -17.80
C LEU C 414 -20.37 -22.42 -16.29
N PHE C 415 -19.59 -23.31 -15.68
CA PHE C 415 -19.34 -23.25 -14.24
C PHE C 415 -17.84 -23.41 -14.01
N ALA C 416 -17.30 -22.72 -13.01
CA ALA C 416 -15.89 -22.80 -12.72
C ALA C 416 -15.61 -22.88 -11.22
N ALA C 417 -14.53 -23.55 -10.85
CA ALA C 417 -14.16 -23.67 -9.44
C ALA C 417 -12.71 -23.21 -9.29
N THR C 418 -12.36 -22.73 -8.11
CA THR C 418 -10.99 -22.25 -7.86
C THR C 418 -10.44 -22.86 -6.58
N GLU C 419 -9.17 -22.56 -6.29
CA GLU C 419 -8.52 -23.10 -5.10
C GLU C 419 -9.16 -22.63 -3.81
N LEU C 420 -10.01 -21.62 -3.88
CA LEU C 420 -10.65 -21.17 -2.65
C LEU C 420 -12.07 -21.70 -2.44
N HIS C 421 -12.48 -22.66 -3.27
CA HIS C 421 -13.81 -23.24 -3.14
C HIS C 421 -13.71 -24.52 -2.31
N GLU C 422 -14.61 -24.68 -1.37
CA GLU C 422 -14.60 -25.87 -0.52
C GLU C 422 -15.85 -26.68 -0.82
N GLU C 423 -15.85 -27.96 -0.45
CA GLU C 423 -16.99 -28.83 -0.70
C GLU C 423 -18.30 -28.23 -0.22
N GLU C 424 -18.28 -27.60 0.94
CA GLU C 424 -19.48 -26.98 1.48
C GLU C 424 -20.03 -25.96 0.48
N ASP C 425 -19.14 -25.25 -0.21
CA ASP C 425 -19.54 -24.25 -1.18
C ASP C 425 -20.18 -24.89 -2.40
N LEU C 426 -19.62 -26.03 -2.82
CA LEU C 426 -20.13 -26.75 -3.98
C LEU C 426 -21.56 -27.23 -3.71
N LEU C 427 -21.77 -27.74 -2.51
CA LEU C 427 -23.07 -28.24 -2.09
C LEU C 427 -24.11 -27.12 -2.00
N ALA C 428 -23.69 -25.96 -1.51
CA ALA C 428 -24.60 -24.84 -1.37
C ALA C 428 -25.08 -24.41 -2.75
N LEU C 429 -24.16 -24.27 -3.69
CA LEU C 429 -24.53 -23.87 -5.03
C LEU C 429 -25.53 -24.87 -5.63
N ARG C 430 -25.20 -26.16 -5.54
CA ARG C 430 -26.06 -27.20 -6.08
C ARG C 430 -27.46 -27.10 -5.49
N GLU C 431 -27.56 -26.83 -4.18
CA GLU C 431 -28.87 -26.69 -3.55
C GLU C 431 -29.63 -25.53 -4.19
N ALA C 432 -28.95 -24.40 -4.35
CA ALA C 432 -29.56 -23.23 -4.96
C ALA C 432 -30.04 -23.58 -6.38
N LEU C 433 -29.17 -24.23 -7.15
CA LEU C 433 -29.53 -24.61 -8.52
C LEU C 433 -30.72 -25.56 -8.49
N LYS C 434 -30.69 -26.50 -7.55
CA LYS C 434 -31.77 -27.47 -7.41
C LYS C 434 -33.07 -26.73 -7.17
N GLU C 435 -33.03 -25.71 -6.33
CA GLU C 435 -34.21 -24.92 -6.00
C GLU C 435 -34.82 -24.15 -7.15
N VAL C 436 -34.00 -23.43 -7.92
CA VAL C 436 -34.53 -22.66 -9.04
C VAL C 436 -35.02 -23.56 -10.17
N LEU C 437 -34.41 -24.73 -10.30
CA LEU C 437 -34.78 -25.69 -11.34
C LEU C 437 -35.99 -26.54 -10.99
N SER D 2 25.47 -3.91 -8.07
CA SER D 2 24.78 -5.08 -8.70
C SER D 2 23.54 -5.49 -7.90
N PHE D 3 22.66 -6.24 -8.54
CA PHE D 3 21.43 -6.70 -7.91
C PHE D 3 21.08 -8.08 -8.46
N PRO D 4 20.85 -9.06 -7.57
CA PRO D 4 20.52 -10.42 -7.99
C PRO D 4 19.19 -10.60 -8.71
N LEU D 5 19.17 -11.58 -9.61
CA LEU D 5 17.98 -11.91 -10.37
C LEU D 5 17.15 -12.81 -9.48
N ILE D 6 15.84 -12.75 -9.65
CA ILE D 6 14.95 -13.56 -8.82
C ILE D 6 15.31 -15.04 -8.97
N PHE D 7 15.82 -15.41 -10.15
CA PHE D 7 16.20 -16.78 -10.41
C PHE D 7 17.44 -17.21 -9.67
N GLU D 8 18.39 -16.30 -9.48
CA GLU D 8 19.62 -16.61 -8.75
C GLU D 8 19.31 -16.78 -7.27
N ARG D 9 18.26 -16.13 -6.82
CA ARG D 9 17.84 -16.22 -5.41
C ARG D 9 17.10 -17.53 -5.15
N SER D 10 16.70 -18.21 -6.22
CA SER D 10 15.96 -19.46 -6.12
C SER D 10 16.77 -20.62 -5.52
N ARG D 11 16.08 -21.50 -4.81
CA ARG D 11 16.69 -22.68 -4.23
C ARG D 11 15.75 -23.84 -4.45
N LYS D 12 16.30 -24.92 -5.01
CA LYS D 12 15.54 -26.13 -5.31
C LYS D 12 14.65 -26.56 -4.15
N GLY D 13 13.36 -26.67 -4.44
CA GLY D 13 12.41 -27.11 -3.43
C GLY D 13 11.95 -26.03 -2.46
N ARG D 14 12.48 -24.81 -2.58
CA ARG D 14 12.07 -23.75 -1.69
C ARG D 14 10.65 -23.30 -2.03
N ARG D 15 9.85 -23.09 -1.00
CA ARG D 15 8.47 -22.68 -1.17
C ARG D 15 8.17 -21.26 -0.67
N GLY D 16 7.27 -20.59 -1.36
CA GLY D 16 6.84 -19.25 -0.98
C GLY D 16 5.42 -19.40 -0.50
N LEU D 17 4.46 -18.85 -1.24
CA LEU D 17 3.06 -18.95 -0.85
C LEU D 17 2.59 -20.41 -0.92
N LYS D 18 1.75 -20.78 0.05
CA LYS D 18 1.19 -22.12 0.14
C LYS D 18 -0.33 -21.94 0.21
N LEU D 19 -1.00 -22.04 -0.93
CA LEU D 19 -2.44 -21.81 -0.96
C LEU D 19 -3.32 -23.06 -0.92
N VAL D 20 -2.73 -24.24 -0.87
CA VAL D 20 -3.52 -25.46 -0.83
C VAL D 20 -3.09 -26.31 0.35
N LYS D 21 -4.06 -26.79 1.12
CA LYS D 21 -3.75 -27.59 2.28
C LYS D 21 -3.73 -29.09 1.95
N ALA D 22 -4.64 -29.52 1.07
CA ALA D 22 -4.69 -30.93 0.66
C ALA D 22 -4.49 -31.05 -0.85
N VAL D 23 -3.24 -31.19 -1.27
CA VAL D 23 -2.89 -31.31 -2.68
C VAL D 23 -3.31 -32.65 -3.31
N PRO D 24 -4.29 -32.63 -4.22
CA PRO D 24 -4.74 -33.86 -4.88
C PRO D 24 -3.68 -34.40 -5.84
N LYS D 25 -3.74 -35.69 -6.15
CA LYS D 25 -2.77 -36.28 -7.07
C LYS D 25 -3.20 -35.95 -8.49
N ALA D 26 -2.29 -35.38 -9.27
CA ALA D 26 -2.59 -35.01 -10.65
C ALA D 26 -3.23 -36.16 -11.45
N GLU D 27 -2.67 -37.35 -11.27
CA GLU D 27 -3.11 -38.58 -11.93
C GLU D 27 -4.59 -38.92 -11.79
N ASP D 28 -5.18 -38.59 -10.66
CA ASP D 28 -6.59 -38.90 -10.43
C ASP D 28 -7.55 -37.91 -11.08
N LEU D 29 -7.03 -36.77 -11.50
CA LEU D 29 -7.88 -35.75 -12.10
C LEU D 29 -7.76 -35.61 -13.62
N ILE D 30 -6.59 -35.89 -14.17
CA ILE D 30 -6.42 -35.76 -15.62
C ILE D 30 -5.48 -36.80 -16.22
N PRO D 31 -5.82 -37.30 -17.42
CA PRO D 31 -5.04 -38.31 -18.13
C PRO D 31 -3.59 -37.90 -18.42
N LYS D 32 -2.68 -38.84 -18.22
CA LYS D 32 -1.26 -38.62 -18.41
C LYS D 32 -0.79 -37.87 -19.65
N GLU D 33 -1.43 -38.10 -20.79
CA GLU D 33 -0.99 -37.40 -22.00
C GLU D 33 -1.36 -35.92 -22.05
N HIS D 34 -1.89 -35.41 -20.95
CA HIS D 34 -2.26 -34.01 -20.84
C HIS D 34 -1.47 -33.33 -19.73
N LEU D 35 -0.77 -34.14 -18.93
CA LEU D 35 0.02 -33.60 -17.84
C LEU D 35 1.41 -33.14 -18.24
N ARG D 36 1.83 -32.02 -17.66
CA ARG D 36 3.13 -31.46 -17.94
C ARG D 36 4.21 -32.41 -17.47
N GLU D 37 5.18 -32.65 -18.32
CA GLU D 37 6.30 -33.55 -18.04
C GLU D 37 7.32 -32.88 -17.14
N VAL D 38 7.92 -31.82 -17.66
CA VAL D 38 8.94 -31.06 -16.96
C VAL D 38 8.36 -29.74 -16.46
N PRO D 39 8.42 -29.51 -15.14
CA PRO D 39 7.89 -28.27 -14.57
C PRO D 39 8.55 -27.03 -15.15
N PRO D 40 7.82 -25.91 -15.19
CA PRO D 40 8.40 -24.68 -15.73
C PRO D 40 9.44 -24.17 -14.72
N ARG D 41 10.56 -23.66 -15.22
CA ARG D 41 11.60 -23.18 -14.31
C ARG D 41 11.24 -21.83 -13.70
N LEU D 42 10.20 -21.84 -12.87
CA LEU D 42 9.76 -20.63 -12.20
C LEU D 42 10.63 -20.47 -10.96
N PRO D 43 10.81 -19.24 -10.49
CA PRO D 43 11.65 -19.04 -9.30
C PRO D 43 11.07 -19.74 -8.08
N GLU D 44 11.95 -20.28 -7.26
CA GLU D 44 11.54 -20.97 -6.04
C GLU D 44 12.08 -20.17 -4.87
N VAL D 45 11.27 -19.24 -4.38
CA VAL D 45 11.67 -18.39 -3.26
C VAL D 45 10.62 -18.28 -2.17
N ASP D 46 11.09 -17.90 -0.98
CA ASP D 46 10.20 -17.73 0.18
C ASP D 46 9.62 -16.32 0.08
N GLU D 47 8.60 -16.04 0.90
CA GLU D 47 7.95 -14.73 0.85
C GLU D 47 8.86 -13.55 1.22
N LEU D 48 9.61 -13.66 2.32
CA LEU D 48 10.52 -12.58 2.72
C LEU D 48 11.42 -12.22 1.52
N THR D 49 12.00 -13.25 0.90
CA THR D 49 12.87 -13.04 -0.25
C THR D 49 12.13 -12.30 -1.37
N LEU D 50 10.90 -12.70 -1.63
CA LEU D 50 10.07 -12.09 -2.66
C LEU D 50 9.90 -10.59 -2.38
N VAL D 51 9.73 -10.27 -1.10
CA VAL D 51 9.54 -8.89 -0.67
C VAL D 51 10.84 -8.11 -0.82
N ARG D 52 11.95 -8.70 -0.36
CA ARG D 52 13.25 -8.06 -0.48
C ARG D 52 13.55 -7.76 -1.94
N HIS D 53 13.29 -8.75 -2.80
CA HIS D 53 13.56 -8.61 -4.22
C HIS D 53 12.82 -7.44 -4.90
N TYR D 54 11.50 -7.45 -4.86
CA TYR D 54 10.72 -6.38 -5.51
C TYR D 54 10.84 -5.06 -4.78
N THR D 55 10.98 -5.09 -3.46
CA THR D 55 11.16 -3.84 -2.74
C THR D 55 12.51 -3.31 -3.21
N GLY D 56 13.50 -4.20 -3.27
CA GLY D 56 14.82 -3.81 -3.73
C GLY D 56 14.82 -3.27 -5.16
N LEU D 57 13.98 -3.85 -6.02
CA LEU D 57 13.88 -3.40 -7.41
C LEU D 57 13.27 -2.02 -7.49
N SER D 58 12.25 -1.77 -6.67
CA SER D 58 11.55 -0.50 -6.65
C SER D 58 12.48 0.61 -6.23
N ARG D 59 13.48 0.27 -5.41
CA ARG D 59 14.42 1.27 -4.92
C ARG D 59 15.52 1.55 -5.95
N ARG D 60 15.48 0.83 -7.06
CA ARG D 60 16.43 1.00 -8.16
C ARG D 60 15.59 1.55 -9.30
N GLN D 61 14.45 2.15 -8.94
CA GLN D 61 13.52 2.69 -9.92
C GLN D 61 13.01 4.07 -9.52
N VAL D 62 12.60 4.85 -10.51
CA VAL D 62 12.04 6.17 -10.26
C VAL D 62 10.66 6.29 -10.88
N GLY D 63 9.85 7.19 -10.31
CA GLY D 63 8.50 7.42 -10.82
C GLY D 63 8.10 8.86 -10.52
N VAL D 64 6.90 9.24 -10.92
CA VAL D 64 6.40 10.59 -10.67
C VAL D 64 6.44 10.81 -9.16
N ASP D 65 6.18 9.74 -8.41
CA ASP D 65 6.18 9.77 -6.96
C ASP D 65 7.53 10.19 -6.38
N THR D 66 8.61 9.92 -7.10
CA THR D 66 9.94 10.27 -6.63
C THR D 66 10.65 11.33 -7.45
N THR D 67 10.29 11.47 -8.72
CA THR D 67 10.99 12.40 -9.59
C THR D 67 10.11 13.20 -10.54
N PHE D 68 10.62 14.37 -10.93
CA PHE D 68 9.96 15.25 -11.89
C PHE D 68 10.13 14.58 -13.27
N TYR D 69 9.02 14.28 -13.93
CA TYR D 69 9.01 13.61 -15.23
C TYR D 69 8.42 14.51 -16.31
N PRO D 70 9.18 15.50 -16.81
CA PRO D 70 8.70 16.42 -17.85
C PRO D 70 8.61 15.83 -19.28
N LEU D 71 8.02 14.65 -19.41
CA LEU D 71 7.90 13.97 -20.69
C LEU D 71 6.82 14.51 -21.63
N GLY D 72 7.26 15.06 -22.77
CA GLY D 72 6.32 15.58 -23.74
C GLY D 72 5.37 14.48 -24.21
N SER D 73 4.11 14.85 -24.43
CA SER D 73 3.04 13.95 -24.87
C SER D 73 2.72 12.76 -23.97
N CYS D 74 3.11 12.82 -22.70
CA CYS D 74 2.82 11.72 -21.78
C CYS D 74 2.02 12.18 -20.57
N THR D 75 2.01 13.50 -20.34
CA THR D 75 1.31 14.11 -19.22
C THR D 75 1.56 13.36 -17.90
N MET D 76 2.77 13.52 -17.37
CA MET D 76 3.18 12.87 -16.13
C MET D 76 2.76 13.66 -14.90
N LYS D 77 1.44 13.75 -14.68
CA LYS D 77 0.89 14.47 -13.54
C LYS D 77 0.75 13.56 -12.32
N TYR D 78 0.56 14.17 -11.16
CA TYR D 78 0.41 13.40 -9.93
C TYR D 78 -0.77 12.44 -10.02
N ASN D 79 -0.53 11.20 -9.58
CA ASN D 79 -1.54 10.15 -9.55
C ASN D 79 -2.02 10.08 -8.09
N PRO D 80 -3.14 10.76 -7.78
CA PRO D 80 -3.63 10.74 -6.40
C PRO D 80 -3.84 9.35 -5.78
N LYS D 81 -3.29 9.18 -4.58
CA LYS D 81 -3.40 7.93 -3.85
C LYS D 81 -4.87 7.55 -3.60
N LEU D 82 -5.72 8.57 -3.63
CA LEU D 82 -7.16 8.41 -3.42
C LEU D 82 -7.74 7.38 -4.40
N HIS D 83 -7.28 7.45 -5.64
CA HIS D 83 -7.75 6.59 -6.71
C HIS D 83 -7.40 5.12 -6.54
N GLU D 84 -6.35 4.81 -5.79
CA GLU D 84 -5.98 3.42 -5.59
C GLU D 84 -6.98 2.82 -4.64
N GLU D 85 -7.37 3.60 -3.64
CA GLU D 85 -8.34 3.16 -2.66
C GLU D 85 -9.70 3.00 -3.35
N ALA D 86 -10.01 3.92 -4.26
CA ALA D 86 -11.26 3.87 -5.00
C ALA D 86 -11.37 2.59 -5.82
N ALA D 87 -10.29 2.23 -6.51
CA ALA D 87 -10.31 1.04 -7.36
C ALA D 87 -10.50 -0.30 -6.64
N ARG D 88 -9.87 -0.50 -5.48
CA ARG D 88 -10.04 -1.79 -4.79
C ARG D 88 -11.44 -1.96 -4.23
N LEU D 89 -12.23 -0.89 -4.29
CA LEU D 89 -13.60 -0.92 -3.82
C LEU D 89 -14.42 -1.69 -4.84
N PHE D 90 -13.89 -1.80 -6.07
CA PHE D 90 -14.58 -2.52 -7.15
C PHE D 90 -13.82 -3.71 -7.69
N ALA D 91 -12.93 -4.28 -6.87
CA ALA D 91 -12.13 -5.43 -7.30
C ALA D 91 -12.91 -6.74 -7.41
N ASP D 92 -13.83 -6.95 -6.50
CA ASP D 92 -14.63 -8.17 -6.47
C ASP D 92 -15.87 -8.19 -7.34
N LEU D 93 -15.68 -7.96 -8.64
CA LEU D 93 -16.79 -7.98 -9.56
C LEU D 93 -16.40 -8.85 -10.74
N HIS D 94 -17.31 -9.74 -11.13
CA HIS D 94 -17.04 -10.60 -12.28
C HIS D 94 -17.75 -9.99 -13.49
N PRO D 95 -17.04 -9.88 -14.62
CA PRO D 95 -17.64 -9.32 -15.83
C PRO D 95 -18.94 -9.98 -16.28
N TYR D 96 -19.10 -11.27 -15.98
CA TYR D 96 -20.30 -11.99 -16.39
C TYR D 96 -21.34 -12.23 -15.30
N GLN D 97 -21.29 -11.49 -14.21
CA GLN D 97 -22.28 -11.69 -13.17
C GLN D 97 -23.57 -11.01 -13.61
N ASP D 98 -24.68 -11.37 -12.99
CA ASP D 98 -25.95 -10.78 -13.35
C ASP D 98 -25.82 -9.26 -13.30
N PRO D 99 -26.01 -8.60 -14.45
CA PRO D 99 -25.90 -7.13 -14.48
C PRO D 99 -26.82 -6.47 -13.45
N ARG D 100 -27.83 -7.23 -13.00
CA ARG D 100 -28.78 -6.74 -12.02
C ARG D 100 -28.06 -6.51 -10.68
N THR D 101 -26.88 -7.13 -10.54
CA THR D 101 -26.12 -7.02 -9.30
C THR D 101 -24.83 -6.23 -9.49
N ALA D 102 -24.69 -5.61 -10.66
CA ALA D 102 -23.50 -4.82 -10.94
C ALA D 102 -23.90 -3.40 -11.34
N GLN D 103 -25.07 -2.97 -10.88
CA GLN D 103 -25.57 -1.64 -11.21
C GLN D 103 -24.68 -0.49 -10.75
N GLY D 104 -23.96 -0.70 -9.65
CA GLY D 104 -23.07 0.33 -9.17
C GLY D 104 -21.93 0.55 -10.14
N ALA D 105 -21.38 -0.54 -10.68
CA ALA D 105 -20.27 -0.45 -11.64
C ALA D 105 -20.72 0.09 -13.00
N LEU D 106 -21.84 -0.42 -13.49
CA LEU D 106 -22.38 0.03 -14.78
C LEU D 106 -22.70 1.52 -14.73
N ARG D 107 -23.21 1.98 -13.60
CA ARG D 107 -23.55 3.40 -13.45
C ARG D 107 -22.29 4.26 -13.50
N LEU D 108 -21.23 3.81 -12.83
CA LEU D 108 -19.98 4.56 -12.82
C LEU D 108 -19.42 4.65 -14.23
N MET D 109 -19.57 3.57 -14.99
CA MET D 109 -19.08 3.57 -16.36
C MET D 109 -19.86 4.59 -17.18
N TRP D 110 -21.18 4.59 -16.98
CA TRP D 110 -22.09 5.47 -17.70
C TRP D 110 -21.84 6.94 -17.39
N GLU D 111 -21.69 7.26 -16.11
CA GLU D 111 -21.44 8.63 -15.71
C GLU D 111 -20.12 9.14 -16.29
N LEU D 112 -19.08 8.33 -16.22
CA LEU D 112 -17.79 8.74 -16.76
C LEU D 112 -17.97 9.01 -18.25
N GLY D 113 -18.70 8.13 -18.93
CA GLY D 113 -18.93 8.31 -20.35
C GLY D 113 -19.61 9.65 -20.58
N GLU D 114 -20.54 9.99 -19.69
CA GLU D 114 -21.26 11.25 -19.77
C GLU D 114 -20.35 12.46 -19.54
N TYR D 115 -19.40 12.33 -18.63
CA TYR D 115 -18.49 13.43 -18.31
C TYR D 115 -17.50 13.68 -19.45
N LEU D 116 -16.93 12.61 -19.99
CA LEU D 116 -15.97 12.73 -21.07
C LEU D 116 -16.63 13.32 -22.31
N LYS D 117 -17.88 12.95 -22.56
CA LYS D 117 -18.62 13.46 -23.70
C LYS D 117 -18.86 14.96 -23.54
N ALA D 118 -19.16 15.38 -22.31
CA ALA D 118 -19.40 16.79 -22.01
C ALA D 118 -18.12 17.61 -22.13
N LEU D 119 -16.98 16.97 -21.88
CA LEU D 119 -15.68 17.64 -21.96
C LEU D 119 -15.16 17.77 -23.38
N THR D 120 -15.50 16.79 -24.23
CA THR D 120 -15.02 16.78 -25.61
C THR D 120 -16.06 17.15 -26.66
N GLY D 121 -17.31 17.32 -26.24
CA GLY D 121 -18.36 17.66 -27.18
C GLY D 121 -18.73 16.53 -28.13
N MET D 122 -18.66 15.29 -27.63
CA MET D 122 -19.00 14.12 -28.43
C MET D 122 -20.41 13.61 -28.09
N ASP D 123 -21.05 12.95 -29.04
CA ASP D 123 -22.41 12.44 -28.86
C ASP D 123 -22.54 11.03 -28.32
N ALA D 124 -21.56 10.19 -28.61
CA ALA D 124 -21.60 8.81 -28.12
C ALA D 124 -20.17 8.43 -27.77
N ILE D 125 -19.99 7.38 -26.96
CA ILE D 125 -18.64 7.02 -26.57
C ILE D 125 -18.45 5.57 -26.12
N THR D 126 -17.26 5.05 -26.36
CA THR D 126 -16.88 3.72 -25.93
C THR D 126 -15.75 3.89 -24.90
N LEU D 127 -15.74 3.03 -23.88
CA LEU D 127 -14.73 3.08 -22.84
C LEU D 127 -13.97 1.76 -22.87
N GLU D 128 -14.16 1.03 -23.97
CA GLU D 128 -13.55 -0.27 -24.16
C GLU D 128 -12.06 -0.32 -24.57
N PRO D 129 -11.66 0.48 -25.57
CA PRO D 129 -10.26 0.45 -26.00
C PRO D 129 -9.19 0.59 -24.91
N ALA D 130 -8.08 -0.12 -25.12
CA ALA D 130 -6.94 -0.12 -24.21
C ALA D 130 -6.08 1.11 -24.42
N ALA D 131 -4.89 1.08 -23.84
CA ALA D 131 -3.93 2.19 -23.95
C ALA D 131 -3.15 2.16 -25.26
N GLY D 132 -2.08 2.94 -25.32
CA GLY D 132 -1.26 2.99 -26.51
C GLY D 132 -2.09 3.47 -27.70
N ALA D 133 -2.01 2.74 -28.81
CA ALA D 133 -2.74 3.13 -30.01
C ALA D 133 -4.01 2.31 -30.23
N HIS D 134 -4.42 1.55 -29.23
CA HIS D 134 -5.63 0.73 -29.35
C HIS D 134 -6.83 1.60 -29.65
N GLY D 135 -6.93 2.76 -28.99
CA GLY D 135 -8.03 3.66 -29.22
C GLY D 135 -7.94 4.36 -30.56
N GLU D 136 -6.69 4.61 -30.98
CA GLU D 136 -6.40 5.25 -32.26
C GLU D 136 -6.90 4.33 -33.37
N LEU D 137 -6.61 3.04 -33.22
CA LEU D 137 -7.04 2.05 -34.20
C LEU D 137 -8.56 1.97 -34.23
N THR D 138 -9.17 1.97 -33.05
CA THR D 138 -10.63 1.91 -32.96
C THR D 138 -11.24 3.08 -33.71
N GLY D 139 -10.72 4.28 -33.45
CA GLY D 139 -11.22 5.47 -34.12
C GLY D 139 -11.03 5.42 -35.63
N ILE D 140 -9.93 4.84 -36.07
CA ILE D 140 -9.65 4.74 -37.51
C ILE D 140 -10.55 3.72 -38.17
N LEU D 141 -10.86 2.63 -37.46
CA LEU D 141 -11.73 1.61 -38.00
C LEU D 141 -13.18 2.13 -38.06
N ILE D 142 -13.52 3.04 -37.17
CA ILE D 142 -14.87 3.62 -37.16
C ILE D 142 -15.07 4.49 -38.39
N ILE D 143 -14.04 5.27 -38.71
CA ILE D 143 -14.06 6.16 -39.87
C ILE D 143 -14.19 5.34 -41.16
N ARG D 144 -13.44 4.25 -41.25
CA ARG D 144 -13.47 3.40 -42.44
C ARG D 144 -14.84 2.74 -42.59
N ALA D 145 -15.47 2.41 -41.48
CA ALA D 145 -16.78 1.78 -41.53
C ALA D 145 -17.78 2.78 -42.07
N TYR D 146 -17.61 4.05 -41.70
CA TYR D 146 -18.48 5.13 -42.13
C TYR D 146 -18.46 5.31 -43.65
N HIS D 147 -17.27 5.51 -44.19
CA HIS D 147 -17.12 5.69 -45.63
C HIS D 147 -17.60 4.43 -46.37
N GLU D 148 -17.24 3.27 -45.84
CA GLU D 148 -17.63 2.02 -46.46
C GLU D 148 -19.15 1.88 -46.52
N ASP D 149 -19.80 2.23 -45.42
CA ASP D 149 -21.26 2.14 -45.33
C ASP D 149 -21.90 3.14 -46.30
N ARG D 150 -21.12 4.15 -46.70
CA ARG D 150 -21.61 5.17 -47.62
C ARG D 150 -21.27 4.85 -49.06
N GLY D 151 -20.59 3.73 -49.26
CA GLY D 151 -20.23 3.32 -50.61
C GLY D 151 -18.97 4.00 -51.17
N GLU D 152 -18.21 4.64 -50.29
CA GLU D 152 -17.00 5.34 -50.70
C GLU D 152 -15.73 4.63 -50.23
N GLY D 153 -15.86 3.35 -49.89
CA GLY D 153 -14.73 2.59 -49.42
C GLY D 153 -13.55 2.47 -50.38
N ARG D 154 -13.83 2.53 -51.68
CA ARG D 154 -12.75 2.42 -52.67
C ARG D 154 -12.10 3.73 -53.07
N THR D 155 -12.79 4.85 -52.86
CA THR D 155 -12.23 6.16 -53.18
C THR D 155 -11.54 6.82 -51.98
N ARG D 156 -12.08 6.61 -50.79
CA ARG D 156 -11.52 7.16 -49.56
C ARG D 156 -10.36 6.26 -49.16
N ARG D 157 -9.17 6.51 -49.69
CA ARG D 157 -8.02 5.67 -49.39
C ARG D 157 -6.85 6.40 -48.72
N VAL D 158 -6.96 7.71 -48.56
CA VAL D 158 -5.88 8.47 -47.97
C VAL D 158 -6.18 9.12 -46.61
N VAL D 159 -5.20 9.05 -45.72
CA VAL D 159 -5.32 9.66 -44.41
C VAL D 159 -4.21 10.70 -44.29
N LEU D 160 -4.59 11.95 -44.03
CA LEU D 160 -3.63 13.03 -43.92
C LEU D 160 -3.14 13.24 -42.50
N VAL D 161 -1.82 13.39 -42.35
CA VAL D 161 -1.21 13.63 -41.05
C VAL D 161 -0.17 14.74 -41.17
N PRO D 162 -0.01 15.56 -40.12
CA PRO D 162 0.98 16.64 -40.18
C PRO D 162 2.40 16.06 -40.14
N ASP D 163 3.39 16.84 -40.58
CA ASP D 163 4.78 16.42 -40.59
C ASP D 163 5.37 16.38 -39.18
N SER D 164 4.58 16.82 -38.21
CA SER D 164 5.03 16.86 -36.82
C SER D 164 4.31 15.81 -35.98
N ALA D 165 3.35 15.12 -36.60
CA ALA D 165 2.57 14.11 -35.90
C ALA D 165 3.46 13.05 -35.28
N HIS D 166 2.90 12.34 -34.31
CA HIS D 166 3.63 11.27 -33.66
C HIS D 166 3.53 10.07 -34.60
N GLY D 167 4.65 9.36 -34.75
CA GLY D 167 4.69 8.20 -35.63
C GLY D 167 3.53 7.23 -35.52
N SER D 168 2.87 7.19 -34.36
CA SER D 168 1.75 6.29 -34.14
C SER D 168 0.58 6.59 -35.06
N ASN D 169 0.30 7.87 -35.30
CA ASN D 169 -0.79 8.27 -36.18
C ASN D 169 -0.72 7.59 -37.55
N PRO D 170 0.38 7.80 -38.31
CA PRO D 170 0.47 7.15 -39.62
C PRO D 170 0.54 5.62 -39.56
N ALA D 171 1.21 5.10 -38.53
CA ALA D 171 1.34 3.64 -38.39
C ALA D 171 -0.01 2.97 -38.24
N THR D 172 -0.91 3.59 -37.48
CA THR D 172 -2.24 3.03 -37.27
C THR D 172 -3.05 3.05 -38.56
N ALA D 173 -3.05 4.20 -39.23
CA ALA D 173 -3.79 4.37 -40.48
C ALA D 173 -3.36 3.32 -41.51
N SER D 174 -2.04 3.22 -41.72
CA SER D 174 -1.49 2.26 -42.67
C SER D 174 -1.96 0.86 -42.36
N MET D 175 -1.87 0.48 -41.09
CA MET D 175 -2.28 -0.85 -40.64
C MET D 175 -3.73 -1.08 -41.05
N ALA D 176 -4.55 -0.04 -40.88
CA ALA D 176 -5.96 -0.12 -41.24
C ALA D 176 -6.13 -0.10 -42.76
N GLY D 177 -5.02 -0.27 -43.48
CA GLY D 177 -5.08 -0.29 -44.92
C GLY D 177 -5.10 1.06 -45.63
N TYR D 178 -4.89 2.15 -44.90
CA TYR D 178 -4.88 3.47 -45.52
C TYR D 178 -3.51 3.94 -46.01
N GLN D 179 -3.55 4.77 -47.06
CA GLN D 179 -2.34 5.35 -47.62
C GLN D 179 -2.17 6.64 -46.82
N VAL D 180 -1.03 6.81 -46.19
CA VAL D 180 -0.80 8.01 -45.39
C VAL D 180 0.04 9.04 -46.12
N ARG D 181 -0.53 10.25 -46.25
CA ARG D 181 0.13 11.37 -46.93
C ARG D 181 0.41 12.48 -45.91
N GLU D 182 1.64 12.98 -45.90
CA GLU D 182 2.02 14.05 -44.98
C GLU D 182 1.71 15.41 -45.58
N ILE D 183 1.41 16.36 -44.70
CA ILE D 183 1.13 17.73 -45.13
C ILE D 183 2.09 18.60 -44.31
N PRO D 184 2.82 19.49 -44.98
CA PRO D 184 3.77 20.37 -44.29
C PRO D 184 3.11 21.42 -43.42
N SER D 185 3.87 21.96 -42.48
CA SER D 185 3.37 23.00 -41.60
C SER D 185 4.00 24.32 -42.02
N GLY D 186 3.35 25.42 -41.70
CA GLY D 186 3.89 26.72 -42.04
C GLY D 186 5.13 27.02 -41.23
N PRO D 187 5.75 28.19 -41.42
CA PRO D 187 6.95 28.57 -40.67
C PRO D 187 6.62 28.84 -39.20
N GLU D 188 5.33 28.92 -38.90
CA GLU D 188 4.85 29.18 -37.56
C GLU D 188 4.77 27.90 -36.75
N GLY D 189 4.72 26.77 -37.44
CA GLY D 189 4.64 25.48 -36.77
C GLY D 189 3.24 24.89 -36.86
N GLU D 190 2.32 25.65 -37.44
CA GLU D 190 0.95 25.19 -37.58
C GLU D 190 0.68 24.66 -38.97
N VAL D 191 -0.51 24.10 -39.16
CA VAL D 191 -0.91 23.54 -40.43
C VAL D 191 -0.81 24.55 -41.57
N ASP D 192 -0.34 24.07 -42.72
CA ASP D 192 -0.22 24.90 -43.93
C ASP D 192 -1.56 24.80 -44.66
N LEU D 193 -2.39 25.83 -44.53
CA LEU D 193 -3.71 25.84 -45.15
C LEU D 193 -3.74 25.66 -46.67
N GLU D 194 -2.78 26.29 -47.36
CA GLU D 194 -2.74 26.17 -48.81
C GLU D 194 -2.37 24.74 -49.20
N ALA D 195 -1.29 24.21 -48.61
CA ALA D 195 -0.87 22.85 -48.90
C ALA D 195 -2.06 21.92 -48.64
N LEU D 196 -2.72 22.13 -47.50
CA LEU D 196 -3.88 21.33 -47.13
C LEU D 196 -4.97 21.37 -48.21
N LYS D 197 -5.29 22.56 -48.69
CA LYS D 197 -6.33 22.72 -49.70
C LYS D 197 -6.15 21.80 -50.91
N ARG D 198 -4.91 21.63 -51.38
CA ARG D 198 -4.70 20.75 -52.53
C ARG D 198 -4.63 19.26 -52.20
N GLU D 199 -4.68 18.95 -50.91
CA GLU D 199 -4.65 17.56 -50.46
C GLU D 199 -6.05 17.02 -50.23
N LEU D 200 -6.99 17.93 -49.99
CA LEU D 200 -8.37 17.54 -49.73
C LEU D 200 -9.14 17.23 -51.02
N GLY D 201 -10.08 16.31 -50.91
CA GLY D 201 -10.89 15.90 -52.05
C GLY D 201 -11.55 14.57 -51.76
N PRO D 202 -12.40 14.06 -52.67
CA PRO D 202 -13.12 12.79 -52.48
C PRO D 202 -12.22 11.56 -52.30
N HIS D 203 -10.91 11.77 -52.37
CA HIS D 203 -9.96 10.67 -52.20
C HIS D 203 -9.41 10.55 -50.78
N VAL D 204 -9.66 11.56 -49.96
CA VAL D 204 -9.18 11.56 -48.57
C VAL D 204 -10.25 11.03 -47.61
N ALA D 205 -9.85 10.10 -46.75
CA ALA D 205 -10.78 9.52 -45.77
C ALA D 205 -10.80 10.33 -44.47
N ALA D 206 -9.64 10.85 -44.07
CA ALA D 206 -9.55 11.62 -42.85
C ALA D 206 -8.23 12.37 -42.66
N LEU D 207 -8.26 13.29 -41.70
CA LEU D 207 -7.12 14.09 -41.31
C LEU D 207 -6.94 13.87 -39.81
N MET D 208 -5.75 13.43 -39.40
CA MET D 208 -5.48 13.18 -37.99
C MET D 208 -4.68 14.33 -37.39
N LEU D 209 -5.15 14.88 -36.28
CA LEU D 209 -4.45 15.98 -35.63
C LEU D 209 -4.54 15.98 -34.12
N THR D 210 -3.55 16.62 -33.50
CA THR D 210 -3.53 16.81 -32.06
C THR D 210 -3.70 18.32 -31.97
N ASN D 211 -4.33 18.81 -30.91
CA ASN D 211 -4.50 20.24 -30.77
C ASN D 211 -4.64 20.61 -29.31
N PRO D 212 -3.64 21.31 -28.75
CA PRO D 212 -2.41 21.79 -29.42
C PRO D 212 -1.68 20.67 -30.16
N ASN D 213 -0.86 21.05 -31.14
CA ASN D 213 -0.13 20.06 -31.90
C ASN D 213 1.09 19.56 -31.13
N THR D 214 1.87 18.71 -31.80
CA THR D 214 3.06 18.13 -31.20
C THR D 214 4.15 19.12 -30.79
N LEU D 215 4.04 20.37 -31.24
CA LEU D 215 5.03 21.38 -30.87
C LEU D 215 4.51 22.17 -29.67
N GLY D 216 3.32 21.78 -29.21
CA GLY D 216 2.70 22.45 -28.08
C GLY D 216 1.95 23.69 -28.48
N LEU D 217 1.76 23.89 -29.78
CA LEU D 217 1.07 25.05 -30.32
C LEU D 217 -0.37 24.79 -30.73
N PHE D 218 -1.29 25.64 -30.29
CA PHE D 218 -2.68 25.49 -30.65
C PHE D 218 -2.84 25.86 -32.12
N GLU D 219 -3.64 25.09 -32.86
CA GLU D 219 -3.89 25.36 -34.28
C GLU D 219 -4.92 26.48 -34.37
N ARG D 220 -4.44 27.72 -34.43
CA ARG D 220 -5.30 28.90 -34.51
C ARG D 220 -6.33 28.94 -35.63
N ARG D 221 -6.06 28.26 -36.73
CA ARG D 221 -7.00 28.25 -37.85
C ARG D 221 -7.79 26.94 -37.90
N ILE D 222 -7.93 26.27 -36.76
CA ILE D 222 -8.64 25.00 -36.70
C ILE D 222 -10.06 25.03 -37.25
N LEU D 223 -10.74 26.17 -37.12
CA LEU D 223 -12.10 26.26 -37.63
C LEU D 223 -12.12 26.24 -39.16
N GLU D 224 -11.12 26.86 -39.78
CA GLU D 224 -11.03 26.90 -41.24
C GLU D 224 -10.71 25.50 -41.74
N ILE D 225 -9.80 24.82 -41.04
CA ILE D 225 -9.41 23.46 -41.37
C ILE D 225 -10.62 22.54 -41.30
N SER D 226 -11.51 22.81 -40.35
CA SER D 226 -12.71 21.99 -40.20
C SER D 226 -13.63 22.24 -41.38
N ARG D 227 -13.84 23.52 -41.67
CA ARG D 227 -14.70 23.94 -42.77
C ARG D 227 -14.29 23.25 -44.06
N LEU D 228 -12.98 23.28 -44.34
CA LEU D 228 -12.44 22.67 -45.54
C LEU D 228 -12.65 21.15 -45.54
N CYS D 229 -12.43 20.51 -44.37
CA CYS D 229 -12.61 19.07 -44.28
C CYS D 229 -14.06 18.67 -44.53
N LYS D 230 -14.99 19.51 -44.11
CA LYS D 230 -16.40 19.21 -44.28
C LYS D 230 -16.89 19.33 -45.72
N GLU D 231 -16.48 20.38 -46.43
CA GLU D 231 -16.95 20.53 -47.81
C GLU D 231 -16.42 19.37 -48.66
N ALA D 232 -15.33 18.76 -48.20
CA ALA D 232 -14.73 17.64 -48.92
C ALA D 232 -15.17 16.29 -48.35
N GLY D 233 -16.01 16.33 -47.32
CA GLY D 233 -16.48 15.10 -46.71
C GLY D 233 -15.40 14.31 -45.98
N VAL D 234 -14.40 15.02 -45.47
CA VAL D 234 -13.30 14.38 -44.76
C VAL D 234 -13.47 14.41 -43.26
N GLN D 235 -13.35 13.24 -42.63
CA GLN D 235 -13.48 13.14 -41.18
C GLN D 235 -12.25 13.73 -40.50
N LEU D 236 -12.49 14.55 -39.48
CA LEU D 236 -11.41 15.18 -38.73
C LEU D 236 -11.14 14.37 -37.48
N TYR D 237 -10.01 13.69 -37.43
CA TYR D 237 -9.68 12.87 -36.27
C TYR D 237 -8.83 13.58 -35.22
N TYR D 238 -9.24 13.47 -33.97
CA TYR D 238 -8.54 14.10 -32.86
C TYR D 238 -7.71 13.14 -32.01
N ASP D 239 -6.40 13.30 -32.03
CA ASP D 239 -5.49 12.49 -31.21
C ASP D 239 -5.51 13.30 -29.91
N GLY D 240 -6.09 12.77 -28.85
CA GLY D 240 -6.18 13.50 -27.60
C GLY D 240 -4.99 13.57 -26.66
N ALA D 241 -3.81 13.21 -27.13
CA ALA D 241 -2.62 13.22 -26.28
C ALA D 241 -2.38 14.56 -25.58
N ASN D 242 -2.83 15.64 -26.20
CA ASN D 242 -2.61 16.96 -25.62
C ASN D 242 -3.88 17.63 -25.08
N LEU D 243 -4.91 16.84 -24.79
CA LEU D 243 -6.16 17.37 -24.26
C LEU D 243 -5.94 18.17 -22.98
N ASN D 244 -4.96 17.75 -22.17
CA ASN D 244 -4.67 18.41 -20.90
C ASN D 244 -4.46 19.92 -21.01
N ALA D 245 -3.97 20.36 -22.16
CA ALA D 245 -3.70 21.78 -22.37
C ALA D 245 -4.95 22.63 -22.56
N ILE D 246 -6.06 22.00 -22.91
CA ILE D 246 -7.29 22.74 -23.16
C ILE D 246 -8.53 22.25 -22.43
N MET D 247 -8.37 21.37 -21.44
CA MET D 247 -9.51 20.87 -20.69
C MET D 247 -10.40 22.01 -20.21
N GLY D 248 -11.69 21.94 -20.53
CA GLY D 248 -12.63 22.96 -20.09
C GLY D 248 -12.58 24.30 -20.80
N TRP D 249 -11.43 24.64 -21.40
CA TRP D 249 -11.30 25.90 -22.12
C TRP D 249 -11.83 25.76 -23.53
N ALA D 250 -11.87 24.54 -24.05
CA ALA D 250 -12.35 24.30 -25.40
C ALA D 250 -12.68 22.83 -25.65
N ARG D 251 -13.78 22.58 -26.33
CA ARG D 251 -14.20 21.23 -26.65
C ARG D 251 -13.79 20.91 -28.08
N PRO D 252 -13.09 19.80 -28.31
CA PRO D 252 -12.68 19.43 -29.67
C PRO D 252 -13.86 19.32 -30.63
N GLY D 253 -15.03 18.97 -30.10
CA GLY D 253 -16.21 18.85 -30.95
C GLY D 253 -16.60 20.21 -31.52
N ASP D 254 -16.36 21.27 -30.75
CA ASP D 254 -16.69 22.60 -31.23
C ASP D 254 -15.63 23.08 -32.20
N MET D 255 -14.53 22.33 -32.26
CA MET D 255 -13.44 22.67 -33.17
C MET D 255 -13.67 22.00 -34.51
N GLY D 256 -14.58 21.04 -34.53
CA GLY D 256 -14.90 20.35 -35.77
C GLY D 256 -14.49 18.89 -35.84
N PHE D 257 -13.82 18.38 -34.82
CA PHE D 257 -13.40 16.97 -34.85
C PHE D 257 -14.60 16.04 -34.77
N ASP D 258 -14.58 15.00 -35.60
CA ASP D 258 -15.68 14.03 -35.67
C ASP D 258 -15.50 12.88 -34.69
N VAL D 259 -14.24 12.58 -34.36
CA VAL D 259 -13.94 11.50 -33.43
C VAL D 259 -12.79 11.92 -32.52
N VAL D 260 -12.91 11.57 -31.25
CA VAL D 260 -11.90 11.94 -30.27
C VAL D 260 -11.32 10.77 -29.48
N HIS D 261 -9.99 10.65 -29.55
CA HIS D 261 -9.28 9.59 -28.83
C HIS D 261 -8.68 10.16 -27.55
N LEU D 262 -9.16 9.68 -26.41
CA LEU D 262 -8.67 10.17 -25.10
C LEU D 262 -7.73 9.17 -24.42
N ASN D 263 -6.93 9.67 -23.50
CA ASN D 263 -5.98 8.83 -22.76
C ASN D 263 -6.09 9.09 -21.27
N LEU D 264 -6.86 8.23 -20.60
CA LEU D 264 -7.07 8.34 -19.17
C LEU D 264 -5.77 8.28 -18.36
N HIS D 265 -4.77 7.61 -18.91
CA HIS D 265 -3.48 7.48 -18.24
C HIS D 265 -2.56 8.66 -18.52
N LYS D 266 -3.09 9.67 -19.21
CA LYS D 266 -2.32 10.86 -19.50
C LYS D 266 -3.04 12.05 -18.87
N THR D 267 -4.21 12.35 -19.41
CA THR D 267 -4.99 13.48 -18.93
C THR D 267 -5.74 13.29 -17.61
N PHE D 268 -6.25 12.09 -17.35
CA PHE D 268 -7.03 11.91 -16.13
C PHE D 268 -6.41 11.18 -14.93
N THR D 269 -5.11 11.35 -14.78
CA THR D 269 -4.32 10.80 -13.68
C THR D 269 -4.11 9.30 -13.51
N VAL D 270 -4.67 8.48 -14.39
CA VAL D 270 -4.44 7.05 -14.25
C VAL D 270 -2.93 6.82 -14.29
N PRO D 271 -2.39 6.08 -13.31
CA PRO D 271 -0.95 5.81 -13.24
C PRO D 271 -0.35 5.21 -14.50
N HIS D 272 0.87 5.64 -14.85
CA HIS D 272 1.51 5.14 -16.05
C HIS D 272 2.01 3.71 -15.92
N GLY D 273 2.19 3.24 -14.68
CA GLY D 273 2.61 1.87 -14.42
C GLY D 273 3.82 1.30 -15.10
N GLY D 274 4.70 2.17 -15.63
CA GLY D 274 5.88 1.68 -16.30
C GLY D 274 5.64 1.22 -17.73
N GLY D 275 4.51 1.64 -18.31
CA GLY D 275 4.19 1.27 -19.67
C GLY D 275 2.68 1.09 -19.84
N GLY D 276 2.07 0.44 -18.86
CA GLY D 276 0.64 0.21 -18.88
C GLY D 276 0.24 -0.47 -17.59
N PRO D 277 -1.03 -0.90 -17.46
CA PRO D 277 -2.06 -0.76 -18.49
C PRO D 277 -2.62 0.66 -18.52
N GLY D 278 -3.62 0.88 -19.39
CA GLY D 278 -4.22 2.19 -19.48
C GLY D 278 -5.61 2.12 -20.07
N SER D 279 -6.10 3.24 -20.61
CA SER D 279 -7.42 3.29 -21.22
C SER D 279 -7.50 4.41 -22.25
N GLY D 280 -8.00 4.06 -23.44
CA GLY D 280 -8.12 5.03 -24.51
C GLY D 280 -9.54 5.13 -25.05
N PRO D 281 -10.47 5.69 -24.25
CA PRO D 281 -11.86 5.85 -24.67
C PRO D 281 -11.94 6.63 -25.98
N VAL D 282 -12.95 6.30 -26.79
CA VAL D 282 -13.13 6.97 -28.07
C VAL D 282 -14.53 7.58 -28.16
N GLY D 283 -14.57 8.91 -28.21
CA GLY D 283 -15.83 9.61 -28.31
C GLY D 283 -16.06 10.02 -29.75
N VAL D 284 -17.30 9.93 -30.21
CA VAL D 284 -17.57 10.26 -31.59
C VAL D 284 -18.86 11.07 -31.79
N LYS D 285 -18.94 11.78 -32.91
CA LYS D 285 -20.13 12.57 -33.24
C LYS D 285 -21.25 11.60 -33.64
N ALA D 286 -22.49 12.08 -33.60
CA ALA D 286 -23.65 11.27 -33.93
C ALA D 286 -23.59 10.47 -35.23
N HIS D 287 -23.09 11.07 -36.30
CA HIS D 287 -23.02 10.36 -37.59
C HIS D 287 -22.08 9.15 -37.62
N LEU D 288 -21.20 9.04 -36.64
CA LEU D 288 -20.27 7.90 -36.60
C LEU D 288 -20.61 6.96 -35.46
N ALA D 289 -21.57 7.37 -34.62
CA ALA D 289 -22.00 6.58 -33.46
C ALA D 289 -22.34 5.10 -33.72
N PRO D 290 -23.12 4.81 -34.77
CA PRO D 290 -23.47 3.42 -35.06
C PRO D 290 -22.33 2.45 -35.34
N TYR D 291 -21.13 2.96 -35.62
CA TYR D 291 -19.97 2.13 -35.91
C TYR D 291 -19.12 1.80 -34.68
N LEU D 292 -19.36 2.51 -33.59
CA LEU D 292 -18.64 2.30 -32.33
C LEU D 292 -18.52 0.83 -31.97
N PRO D 293 -17.37 0.44 -31.39
CA PRO D 293 -17.20 -0.97 -31.02
C PRO D 293 -18.23 -1.35 -29.95
N VAL D 294 -18.50 -2.64 -29.81
CA VAL D 294 -19.47 -3.10 -28.84
C VAL D 294 -18.77 -3.76 -27.66
N PRO D 295 -19.38 -3.72 -26.45
CA PRO D 295 -20.66 -3.11 -26.12
C PRO D 295 -20.54 -1.68 -25.57
N LEU D 296 -21.68 -0.99 -25.53
CA LEU D 296 -21.74 0.38 -25.02
C LEU D 296 -22.60 0.34 -23.76
N VAL D 297 -22.39 1.30 -22.86
CA VAL D 297 -23.19 1.36 -21.64
C VAL D 297 -24.36 2.31 -21.82
N GLU D 298 -25.57 1.83 -21.60
CA GLU D 298 -26.75 2.66 -21.77
C GLU D 298 -27.60 2.69 -20.52
N ARG D 299 -28.45 3.71 -20.43
CA ARG D 299 -29.33 3.90 -19.29
C ARG D 299 -30.79 3.77 -19.67
N GLY D 300 -31.45 2.74 -19.16
CA GLY D 300 -32.85 2.54 -19.43
C GLY D 300 -33.63 2.85 -18.16
N GLU D 301 -34.95 2.68 -18.20
CA GLU D 301 -35.77 2.94 -17.02
C GLU D 301 -35.55 1.83 -16.00
N GLU D 302 -35.17 0.65 -16.50
CA GLU D 302 -34.92 -0.50 -15.65
C GLU D 302 -33.45 -0.57 -15.20
N GLY D 303 -32.72 0.52 -15.37
CA GLY D 303 -31.32 0.53 -14.95
C GLY D 303 -30.31 0.62 -16.07
N PHE D 304 -29.05 0.33 -15.74
CA PHE D 304 -27.96 0.37 -16.70
C PHE D 304 -27.72 -1.01 -17.28
N TYR D 305 -27.47 -1.08 -18.58
CA TYR D 305 -27.21 -2.37 -19.23
C TYR D 305 -26.11 -2.27 -20.29
N LEU D 306 -25.50 -3.42 -20.59
CA LEU D 306 -24.46 -3.49 -21.60
C LEU D 306 -25.17 -3.75 -22.92
N ASP D 307 -25.04 -2.83 -23.85
CA ASP D 307 -25.73 -2.95 -25.13
C ASP D 307 -24.89 -3.45 -26.32
N PHE D 308 -25.29 -4.59 -26.87
CA PHE D 308 -24.59 -5.17 -28.01
C PHE D 308 -25.41 -5.06 -29.30
N ASP D 309 -26.67 -4.68 -29.16
CA ASP D 309 -27.59 -4.56 -30.28
C ASP D 309 -27.30 -3.39 -31.21
N ARG D 310 -26.18 -3.49 -31.92
CA ARG D 310 -25.75 -2.44 -32.86
C ARG D 310 -25.23 -3.11 -34.13
N PRO D 311 -26.10 -3.31 -35.12
CA PRO D 311 -25.76 -3.94 -36.40
C PRO D 311 -24.56 -3.37 -37.15
N LYS D 312 -24.36 -2.07 -37.09
CA LYS D 312 -23.24 -1.45 -37.81
C LYS D 312 -21.93 -1.35 -37.04
N SER D 313 -21.90 -1.85 -35.81
CA SER D 313 -20.68 -1.79 -35.01
C SER D 313 -19.51 -2.51 -35.68
N ILE D 314 -18.30 -1.97 -35.51
CA ILE D 314 -17.12 -2.58 -36.09
C ILE D 314 -16.80 -3.91 -35.40
N GLY D 315 -17.47 -4.17 -34.29
CA GLY D 315 -17.26 -5.41 -33.58
C GLY D 315 -16.72 -5.21 -32.18
N ARG D 316 -15.69 -5.97 -31.83
CA ARG D 316 -15.07 -5.87 -30.52
C ARG D 316 -13.57 -5.63 -30.70
N VAL D 317 -13.01 -4.69 -29.95
CA VAL D 317 -11.58 -4.41 -30.07
C VAL D 317 -10.76 -5.00 -28.92
N ARG D 318 -11.44 -5.35 -27.84
CA ARG D 318 -10.78 -5.97 -26.69
C ARG D 318 -11.82 -6.72 -25.86
N SER D 319 -11.36 -7.62 -25.00
CA SER D 319 -12.27 -8.41 -24.18
C SER D 319 -13.04 -7.63 -23.11
N PHE D 320 -14.26 -8.08 -22.86
CA PHE D 320 -15.12 -7.50 -21.85
C PHE D 320 -15.50 -6.04 -22.12
N TYR D 321 -15.32 -5.15 -21.14
CA TYR D 321 -15.76 -3.77 -21.34
C TYR D 321 -14.74 -2.67 -21.22
N GLY D 322 -13.45 -3.02 -21.18
CA GLY D 322 -12.41 -2.02 -21.06
C GLY D 322 -11.79 -2.04 -19.69
N ASN D 323 -10.74 -1.25 -19.47
CA ASN D 323 -10.06 -1.23 -18.17
C ASN D 323 -10.94 -0.54 -17.13
N PHE D 324 -11.85 -1.32 -16.54
CA PHE D 324 -12.78 -0.81 -15.55
C PHE D 324 -12.14 -0.03 -14.41
N LEU D 325 -11.09 -0.57 -13.80
CA LEU D 325 -10.44 0.12 -12.71
C LEU D 325 -9.89 1.49 -13.13
N ALA D 326 -9.39 1.57 -14.37
CA ALA D 326 -8.89 2.84 -14.87
C ALA D 326 -10.08 3.80 -14.90
N LEU D 327 -11.20 3.33 -15.42
CA LEU D 327 -12.40 4.15 -15.49
C LEU D 327 -12.75 4.66 -14.09
N VAL D 328 -12.63 3.78 -13.11
CA VAL D 328 -12.93 4.15 -11.75
C VAL D 328 -12.07 5.36 -11.34
N ARG D 329 -10.77 5.25 -11.58
CA ARG D 329 -9.83 6.32 -11.21
C ARG D 329 -10.15 7.65 -11.89
N ALA D 330 -10.40 7.63 -13.19
CA ALA D 330 -10.71 8.83 -13.96
C ALA D 330 -12.04 9.45 -13.50
N TRP D 331 -12.96 8.59 -13.08
CA TRP D 331 -14.26 9.04 -12.58
C TRP D 331 -14.01 9.84 -11.31
N ALA D 332 -13.25 9.25 -10.40
CA ALA D 332 -12.93 9.90 -9.14
C ALA D 332 -12.29 11.27 -9.39
N TYR D 333 -11.32 11.32 -10.30
CA TYR D 333 -10.63 12.53 -10.64
C TYR D 333 -11.58 13.63 -11.08
N ILE D 334 -12.48 13.31 -12.00
CA ILE D 334 -13.43 14.30 -12.48
C ILE D 334 -14.42 14.74 -11.39
N ARG D 335 -14.92 13.77 -10.62
CA ARG D 335 -15.87 14.10 -9.55
C ARG D 335 -15.18 14.91 -8.47
N THR D 336 -13.85 14.87 -8.45
CA THR D 336 -13.11 15.64 -7.45
C THR D 336 -12.89 17.08 -7.92
N LEU D 337 -12.35 17.23 -9.12
CA LEU D 337 -12.07 18.56 -9.66
C LEU D 337 -13.25 19.32 -10.18
N GLY D 338 -14.10 18.65 -10.95
CA GLY D 338 -15.25 19.34 -11.52
C GLY D 338 -14.73 20.20 -12.66
N LEU D 339 -15.63 20.93 -13.31
CA LEU D 339 -15.23 21.78 -14.41
C LEU D 339 -14.12 22.75 -14.03
N GLU D 340 -14.35 23.49 -12.95
CA GLU D 340 -13.38 24.48 -12.52
C GLU D 340 -12.02 23.91 -12.14
N GLY D 341 -12.00 22.68 -11.64
CA GLY D 341 -10.76 22.06 -11.26
C GLY D 341 -9.97 21.68 -12.49
N LEU D 342 -10.68 21.15 -13.48
CA LEU D 342 -10.03 20.76 -14.72
C LEU D 342 -9.53 21.99 -15.48
N LYS D 343 -10.35 23.04 -15.52
CA LYS D 343 -9.95 24.26 -16.20
C LYS D 343 -8.68 24.80 -15.60
N LYS D 344 -8.68 24.94 -14.28
CA LYS D 344 -7.52 25.44 -13.55
C LYS D 344 -6.32 24.58 -13.90
N ALA D 345 -6.53 23.27 -13.94
CA ALA D 345 -5.47 22.33 -14.26
C ALA D 345 -4.88 22.66 -15.64
N ALA D 346 -5.74 22.80 -16.64
CA ALA D 346 -5.28 23.12 -17.99
C ALA D 346 -4.45 24.41 -17.96
N ALA D 347 -4.97 25.43 -17.28
CA ALA D 347 -4.30 26.71 -17.19
C ALA D 347 -2.91 26.68 -16.58
N LEU D 348 -2.76 25.99 -15.45
CA LEU D 348 -1.47 25.92 -14.79
C LEU D 348 -0.51 24.95 -15.49
N ALA D 349 -1.06 24.06 -16.31
CA ALA D 349 -0.22 23.14 -17.06
C ALA D 349 0.42 23.97 -18.16
N VAL D 350 -0.38 24.89 -18.69
CA VAL D 350 0.07 25.78 -19.74
C VAL D 350 1.06 26.80 -19.16
N LEU D 351 0.66 27.43 -18.06
CA LEU D 351 1.53 28.40 -17.40
C LEU D 351 2.90 27.80 -17.12
N ASN D 352 2.91 26.59 -16.56
CA ASN D 352 4.16 25.91 -16.23
C ASN D 352 5.06 25.71 -17.45
N ALA D 353 4.50 25.22 -18.54
CA ALA D 353 5.29 25.00 -19.75
C ALA D 353 5.93 26.32 -20.21
N ARG D 354 5.11 27.37 -20.40
CA ARG D 354 5.63 28.65 -20.83
C ARG D 354 6.69 29.19 -19.90
N TYR D 355 6.44 29.09 -18.61
CA TYR D 355 7.40 29.58 -17.63
C TYR D 355 8.72 28.82 -17.73
N LEU D 356 8.64 27.51 -17.90
CA LEU D 356 9.83 26.70 -18.00
C LEU D 356 10.53 26.95 -19.34
N LYS D 357 9.77 27.31 -20.37
CA LYS D 357 10.38 27.59 -21.66
C LYS D 357 11.27 28.84 -21.53
N GLU D 358 10.76 29.86 -20.85
CA GLU D 358 11.52 31.09 -20.65
C GLU D 358 12.85 30.82 -19.95
N LEU D 359 12.81 30.06 -18.86
CA LEU D 359 14.01 29.73 -18.11
C LEU D 359 15.07 29.00 -18.97
N LEU D 360 14.62 28.06 -19.80
CA LEU D 360 15.54 27.32 -20.64
C LEU D 360 16.16 28.20 -21.72
N LYS D 361 15.36 29.09 -22.30
CA LYS D 361 15.87 29.99 -23.33
C LYS D 361 16.99 30.87 -22.78
N GLU D 362 17.04 30.99 -21.46
CA GLU D 362 18.06 31.78 -20.78
C GLU D 362 19.47 31.21 -21.02
N LYS D 363 19.59 29.90 -20.90
CA LYS D 363 20.88 29.23 -21.06
C LYS D 363 21.25 28.89 -22.49
N GLY D 364 20.51 29.42 -23.45
CA GLY D 364 20.83 29.13 -24.84
C GLY D 364 19.98 28.07 -25.50
N TYR D 365 19.19 27.32 -24.73
CA TYR D 365 18.33 26.33 -25.34
C TYR D 365 17.50 27.09 -26.36
N ARG D 366 17.36 26.52 -27.55
CA ARG D 366 16.63 27.19 -28.62
C ARG D 366 15.26 26.58 -28.87
N VAL D 367 14.31 27.45 -29.22
CA VAL D 367 12.95 27.03 -29.52
C VAL D 367 12.63 27.39 -30.96
N PRO D 368 12.84 26.45 -31.90
CA PRO D 368 12.58 26.68 -33.32
C PRO D 368 11.23 27.30 -33.66
N TYR D 369 10.15 26.78 -33.10
CA TYR D 369 8.83 27.36 -33.37
C TYR D 369 8.23 27.78 -32.04
N ASP D 370 8.51 28.98 -31.56
CA ASP D 370 7.91 29.35 -30.28
C ASP D 370 6.87 30.47 -30.24
N GLY D 371 5.65 30.10 -30.60
CA GLY D 371 4.55 31.04 -30.52
C GLY D 371 4.05 30.85 -29.09
N PRO D 372 2.81 31.24 -28.77
CA PRO D 372 2.36 31.04 -27.39
C PRO D 372 2.23 29.54 -27.08
N SER D 373 3.14 29.03 -26.26
CA SER D 373 3.13 27.62 -25.89
C SER D 373 1.93 27.21 -25.06
N MET D 374 1.57 25.94 -25.14
CA MET D 374 0.45 25.41 -24.37
C MET D 374 0.99 24.49 -23.26
N HIS D 375 0.57 23.23 -23.25
CA HIS D 375 1.01 22.29 -22.21
C HIS D 375 2.45 21.81 -22.34
N GLU D 376 3.07 22.05 -23.49
CA GLU D 376 4.45 21.62 -23.68
C GLU D 376 5.14 22.48 -24.74
N PHE D 377 6.41 22.20 -24.99
CA PHE D 377 7.16 22.94 -25.99
C PHE D 377 8.35 22.11 -26.44
N VAL D 378 8.91 22.45 -27.60
CA VAL D 378 10.05 21.73 -28.13
C VAL D 378 11.28 22.62 -28.28
N ALA D 379 12.30 22.30 -27.51
CA ALA D 379 13.55 23.06 -27.53
C ALA D 379 14.66 22.18 -28.07
N GLN D 380 15.81 22.80 -28.32
CA GLN D 380 16.99 22.11 -28.81
C GLN D 380 18.11 22.63 -27.96
N PRO D 381 19.13 21.80 -27.71
CA PRO D 381 20.22 22.35 -26.90
C PRO D 381 20.99 23.34 -27.78
N PRO D 382 21.86 24.15 -27.17
CA PRO D 382 22.57 25.06 -28.08
C PRO D 382 23.45 24.23 -29.01
N GLU D 383 23.80 24.80 -30.16
CA GLU D 383 24.63 24.12 -31.14
C GLU D 383 25.89 23.55 -30.50
N GLY D 384 26.19 22.28 -30.79
CA GLY D 384 27.37 21.66 -30.23
C GLY D 384 27.05 20.62 -29.16
N PHE D 385 25.82 20.63 -28.64
CA PHE D 385 25.42 19.66 -27.64
C PHE D 385 24.37 18.69 -28.19
N ARG D 386 24.40 17.46 -27.70
CA ARG D 386 23.44 16.44 -28.12
C ARG D 386 22.42 16.19 -27.01
N ALA D 387 21.16 16.07 -27.40
CA ALA D 387 20.07 15.82 -26.45
C ALA D 387 20.39 14.60 -25.59
N LEU D 388 21.00 13.60 -26.22
CA LEU D 388 21.36 12.37 -25.54
C LEU D 388 22.23 12.60 -24.31
N ASP D 389 23.31 13.35 -24.49
CA ASP D 389 24.24 13.61 -23.39
C ASP D 389 23.64 14.46 -22.27
N LEU D 390 22.84 15.45 -22.65
CA LEU D 390 22.20 16.28 -21.64
C LEU D 390 21.22 15.40 -20.84
N ALA D 391 20.54 14.51 -21.56
CA ALA D 391 19.58 13.60 -20.93
C ALA D 391 20.28 12.73 -19.89
N LYS D 392 21.45 12.21 -20.25
CA LYS D 392 22.22 11.37 -19.35
C LYS D 392 22.77 12.20 -18.19
N GLY D 393 22.99 13.48 -18.46
CA GLY D 393 23.50 14.37 -17.43
C GLY D 393 22.41 14.60 -16.38
N LEU D 394 21.18 14.78 -16.84
CA LEU D 394 20.04 14.99 -15.95
C LEU D 394 19.92 13.84 -14.96
N LEU D 395 20.07 12.62 -15.49
CA LEU D 395 20.01 11.42 -14.67
C LEU D 395 20.94 11.53 -13.47
N GLU D 396 22.18 11.91 -13.73
CA GLU D 396 23.19 12.06 -12.69
C GLU D 396 22.79 13.12 -11.67
N LEU D 397 22.13 14.17 -12.15
CA LEU D 397 21.69 15.28 -11.30
C LEU D 397 20.38 15.06 -10.57
N GLY D 398 19.81 13.87 -10.69
CA GLY D 398 18.58 13.56 -9.99
C GLY D 398 17.27 13.88 -10.69
N PHE D 399 17.34 14.26 -11.96
CA PHE D 399 16.15 14.58 -12.73
C PHE D 399 15.93 13.56 -13.82
N HIS D 400 14.80 13.65 -14.49
CA HIS D 400 14.51 12.75 -15.59
C HIS D 400 14.31 13.66 -16.79
N PRO D 401 14.99 13.38 -17.89
CA PRO D 401 14.88 14.20 -19.10
C PRO D 401 13.47 14.23 -19.68
N PRO D 402 13.22 15.17 -20.61
CA PRO D 402 11.92 15.28 -21.24
C PRO D 402 11.89 14.23 -22.35
N THR D 403 10.91 14.31 -23.24
CA THR D 403 10.88 13.37 -24.36
C THR D 403 11.98 13.86 -25.29
N VAL D 404 12.88 12.97 -25.68
CA VAL D 404 13.97 13.38 -26.55
C VAL D 404 13.87 12.81 -27.97
N TYR D 405 14.37 13.57 -28.93
CA TYR D 405 14.40 13.19 -30.34
C TYR D 405 13.06 13.09 -31.04
N PHE D 406 12.08 13.82 -30.54
CA PHE D 406 10.75 13.86 -31.13
C PHE D 406 10.14 15.24 -30.86
N PRO D 407 9.48 15.84 -31.86
CA PRO D 407 9.26 15.32 -33.21
C PRO D 407 10.56 15.25 -34.00
N LEU D 408 10.58 14.43 -35.04
CA LEU D 408 11.80 14.28 -35.84
C LEU D 408 12.12 15.47 -36.72
N ILE D 409 11.17 16.38 -36.90
CA ILE D 409 11.41 17.56 -37.74
C ILE D 409 12.27 18.60 -37.01
N VAL D 410 12.66 18.28 -35.78
CA VAL D 410 13.51 19.15 -34.99
C VAL D 410 14.68 18.31 -34.51
N LYS D 411 15.89 18.61 -34.97
CA LYS D 411 17.06 17.85 -34.57
C LYS D 411 17.35 18.03 -33.08
N GLU D 412 17.78 16.95 -32.42
CA GLU D 412 18.07 16.98 -31.00
C GLU D 412 16.87 17.50 -30.20
N ALA D 413 15.66 17.10 -30.60
CA ALA D 413 14.45 17.57 -29.94
C ALA D 413 14.36 17.29 -28.45
N LEU D 414 13.86 18.29 -27.73
CA LEU D 414 13.63 18.19 -26.29
C LEU D 414 12.18 18.63 -26.14
N MET D 415 11.27 17.65 -26.08
CA MET D 415 9.84 17.91 -25.93
C MET D 415 9.55 17.92 -24.42
N VAL D 416 9.30 19.10 -23.88
CA VAL D 416 9.09 19.29 -22.45
C VAL D 416 7.64 19.58 -22.04
N GLU D 417 7.08 18.70 -21.20
CA GLU D 417 5.72 18.86 -20.69
C GLU D 417 5.76 18.68 -19.17
N PRO D 418 5.73 19.78 -18.41
CA PRO D 418 5.80 19.66 -16.94
C PRO D 418 4.50 19.29 -16.20
N THR D 419 3.35 19.56 -16.80
CA THR D 419 2.04 19.28 -16.20
C THR D 419 1.75 20.30 -15.09
N GLU D 420 0.47 20.41 -14.71
CA GLU D 420 0.02 21.36 -13.70
C GLU D 420 0.37 21.03 -12.26
N THR D 421 0.76 19.80 -11.99
CA THR D 421 1.05 19.40 -10.62
C THR D 421 2.46 19.68 -10.12
N GLU D 422 3.35 20.14 -10.99
CA GLU D 422 4.71 20.44 -10.56
C GLU D 422 4.79 21.89 -10.10
N ALA D 423 5.58 22.13 -9.06
CA ALA D 423 5.73 23.47 -8.48
C ALA D 423 6.77 24.36 -9.16
N LYS D 424 6.55 25.66 -9.03
CA LYS D 424 7.43 26.68 -9.57
C LYS D 424 8.90 26.39 -9.25
N GLU D 425 9.20 26.18 -7.98
CA GLU D 425 10.57 25.90 -7.54
C GLU D 425 11.14 24.63 -8.15
N THR D 426 10.25 23.73 -8.59
CA THR D 426 10.70 22.50 -9.21
C THR D 426 11.10 22.79 -10.65
N LEU D 427 10.32 23.65 -11.31
CA LEU D 427 10.62 24.03 -12.68
C LEU D 427 11.98 24.71 -12.69
N GLU D 428 12.20 25.57 -11.71
CA GLU D 428 13.46 26.30 -11.62
C GLU D 428 14.64 25.37 -11.35
N ALA D 429 14.45 24.39 -10.48
CA ALA D 429 15.52 23.43 -10.17
C ALA D 429 15.91 22.67 -11.43
N PHE D 430 14.93 22.43 -12.29
CA PHE D 430 15.15 21.71 -13.52
C PHE D 430 15.95 22.57 -14.49
N ALA D 431 15.48 23.79 -14.70
CA ALA D 431 16.14 24.72 -15.61
C ALA D 431 17.59 24.90 -15.15
N GLU D 432 17.76 25.00 -13.83
CA GLU D 432 19.08 25.17 -13.24
C GLU D 432 20.02 24.03 -13.57
N ALA D 433 19.54 22.79 -13.51
CA ALA D 433 20.37 21.64 -13.83
C ALA D 433 20.66 21.64 -15.31
N MET D 434 19.66 22.02 -16.10
CA MET D 434 19.81 22.09 -17.56
C MET D 434 20.91 23.07 -17.95
N GLY D 435 20.98 24.17 -17.22
CA GLY D 435 21.98 25.18 -17.51
C GLY D 435 23.37 24.79 -17.03
N ALA D 436 23.43 24.07 -15.92
CA ALA D 436 24.71 23.65 -15.35
C ALA D 436 25.41 22.61 -16.22
N LEU D 437 24.63 21.76 -16.88
CA LEU D 437 25.18 20.72 -17.74
C LEU D 437 25.91 21.32 -18.94
N LEU D 438 25.45 22.48 -19.40
CA LEU D 438 26.09 23.13 -20.53
C LEU D 438 27.47 23.68 -20.16
N LYS D 439 27.77 23.71 -18.86
CA LYS D 439 29.05 24.21 -18.39
C LYS D 439 30.00 23.06 -18.07
N LYS D 440 29.49 21.84 -18.22
CA LYS D 440 30.26 20.64 -17.97
C LYS D 440 31.09 20.26 -19.19
N PRO D 441 32.33 19.80 -18.98
CA PRO D 441 33.19 19.42 -20.11
C PRO D 441 32.55 18.32 -20.95
N LYS D 442 32.84 18.31 -22.24
CA LYS D 442 32.28 17.31 -23.14
C LYS D 442 32.48 15.90 -22.62
N GLU D 443 33.68 15.62 -22.11
CA GLU D 443 34.01 14.29 -21.60
C GLU D 443 33.14 13.87 -20.43
N TRP D 444 32.75 14.84 -19.60
CA TRP D 444 31.90 14.55 -18.44
C TRP D 444 30.51 14.17 -18.94
N LEU D 445 30.01 14.97 -19.85
CA LEU D 445 28.68 14.78 -20.43
C LEU D 445 28.55 13.45 -21.18
N GLU D 446 29.54 13.13 -22.01
CA GLU D 446 29.52 11.91 -22.80
C GLU D 446 29.68 10.62 -22.01
N ASN D 447 30.06 10.72 -20.73
CA ASN D 447 30.23 9.53 -19.91
C ASN D 447 29.27 9.46 -18.73
N ALA D 448 28.27 10.35 -18.73
CA ALA D 448 27.28 10.37 -17.66
C ALA D 448 26.20 9.33 -18.00
N PRO D 449 25.47 8.84 -16.99
CA PRO D 449 25.55 9.17 -15.56
C PRO D 449 26.75 8.48 -14.91
N TYR D 450 26.91 8.70 -13.61
CA TYR D 450 28.01 8.12 -12.87
C TYR D 450 27.56 7.43 -11.60
N SER D 451 26.62 8.04 -10.88
CA SER D 451 26.15 7.48 -9.63
C SER D 451 24.86 6.67 -9.69
N THR D 452 24.27 6.54 -10.88
CA THR D 452 23.04 5.75 -10.99
C THR D 452 23.33 4.27 -10.79
N PRO D 453 22.32 3.48 -10.38
CA PRO D 453 22.52 2.05 -10.15
C PRO D 453 23.30 1.36 -11.26
N VAL D 454 23.14 1.86 -12.47
CA VAL D 454 23.84 1.35 -13.64
C VAL D 454 24.20 2.57 -14.50
N ARG D 455 25.28 2.49 -15.25
CA ARG D 455 25.68 3.62 -16.10
C ARG D 455 25.23 3.33 -17.54
N ARG D 456 25.70 4.11 -18.51
CA ARG D 456 25.28 3.87 -19.89
C ARG D 456 25.40 2.40 -20.25
N LEU D 457 24.35 1.88 -20.87
CA LEU D 457 24.33 0.48 -21.25
C LEU D 457 24.81 0.25 -22.68
N ASP D 458 25.45 -0.89 -22.89
CA ASP D 458 25.98 -1.28 -24.19
C ASP D 458 24.80 -1.70 -25.08
N GLU D 459 24.28 -0.75 -25.86
CA GLU D 459 23.15 -1.01 -26.73
C GLU D 459 23.49 -1.92 -27.92
N LEU D 460 24.72 -1.83 -28.42
CA LEU D 460 25.13 -2.67 -29.53
C LEU D 460 25.01 -4.15 -29.13
N ARG D 461 25.65 -4.53 -28.03
CA ARG D 461 25.59 -5.91 -27.57
C ARG D 461 24.15 -6.37 -27.37
N ALA D 462 23.30 -5.47 -26.90
CA ALA D 462 21.89 -5.80 -26.66
C ALA D 462 21.14 -6.14 -27.96
N ASN D 463 21.56 -5.53 -29.06
CA ASN D 463 20.91 -5.76 -30.36
C ASN D 463 21.54 -6.90 -31.18
N LYS D 464 22.87 -6.99 -31.16
CA LYS D 464 23.57 -8.02 -31.92
C LYS D 464 23.66 -9.32 -31.15
N HIS D 465 23.65 -9.23 -29.84
CA HIS D 465 23.74 -10.42 -28.98
C HIS D 465 22.65 -10.36 -27.92
N PRO D 466 21.39 -10.29 -28.35
CA PRO D 466 20.27 -10.23 -27.41
C PRO D 466 20.10 -11.46 -26.54
N LYS D 467 19.85 -11.22 -25.26
CA LYS D 467 19.58 -12.29 -24.32
C LYS D 467 18.22 -11.88 -23.78
N LEU D 468 17.17 -12.50 -24.32
CA LEU D 468 15.81 -12.16 -23.93
C LEU D 468 15.24 -12.85 -22.69
N THR D 469 15.93 -13.87 -22.18
CA THR D 469 15.45 -14.54 -20.97
C THR D 469 16.63 -15.02 -20.15
N TYR D 470 16.36 -15.45 -18.93
CA TYR D 470 17.40 -15.94 -18.04
C TYR D 470 17.98 -17.24 -18.59
N PHE D 471 17.14 -18.03 -19.25
CA PHE D 471 17.53 -19.31 -19.82
C PHE D 471 17.74 -19.22 -21.33
N ASP D 472 18.36 -18.15 -21.79
CA ASP D 472 18.60 -17.95 -23.22
C ASP D 472 19.20 -19.18 -23.91
#